data_9PYZ
#
_entry.id   9PYZ
#
loop_
_entity.id
_entity.type
_entity.pdbx_description
1 polymer 'RNA-directed RNA polymerase nsp12'
2 polymer 'Non-structural protein 8'
3 polymer 'Non-structural protein 7'
4 polymer 'Primer RNA'
5 polymer 'Template RNA'
6 non-polymer 'MAGNESIUM ION'
7 non-polymer 'ZINC ION'
8 non-polymer "URIDINE 5'-TRIPHOSPHATE"
#
loop_
_entity_poly.entity_id
_entity_poly.type
_entity_poly.pdbx_seq_one_letter_code
_entity_poly.pdbx_strand_id
1 'polypeptide(L)'
;MGSADAQSFLNRVCGVSAARLTPCGTGTSTDVVYRAFDIYNDKVAGFAKFLKTNCCRFQEKDEDDNLIDSYFVVKRHTFS
NYQHEETIYNLLKDCPAVAKHDFFKFRIDGDMVPHISRQRLTKYTMADLVYALRHFDEGNCDTLKEILVTYNCCDDDYFN
KKDWYDFVENPDILRVYANLGERVRQALLKTVQFCDAMRNAGIVGVLTLDNQDLNGNWYDFGDFIQTTPGSGVPVVDSYY
SLLMPILTLTRALTAESHVDTDLTKPYIKWDLLKYDFTEERLKLFDRYFKYWDQTYHPNCVNCLDDRCILHCANFNVLFS
TVFPPTSFGPLVRKIFVDGVPFVVSTGYHFRELGVVHNQDVNLHSSRLSFKELLVYAADPAMHAASGNLLLDKRTTCFSV
AALTNNVAFQTVKPGNFNKDFYDFAVSKGFFKEGSSVELKHFFFAQDGNAAISDYDYYRYNLPTMCDIRQLLFVVEVVDK
YFDCYDGGCINANQVIVNNLDKSAGFPFNKWGKARLYYDSMSYEDQDALFAYTKRNVIPTITQMNLKYAISAKNRARTVA
GVSICSTMTNRQFHQKLLKSIAATRGATVVIGTSKFYGGWHNMLKTVYSDVENPHLMGWDYPKCDRAMPNMLRIMASLVL
ARKHTTCCSLSHRFYRLANECAQVLSEMVMCGGSLYVKPGGTSSGDATTAYANSVFNICQAVTANVNALLSTDGNKIADK
YVRNLQHRLYECLYRNRDVDTDFVNEFYAYLRKHFSMMILSDDAVVCFNSTYASQGLVASIKNFKSVLYYQNNVFMSEAK
CWTETDLTKGPHEFCSQHTMLVKQGDDYVYLPYPDPSRILGAGCFVDDIVKTDGTLMIERFVSLAIDAYPLTKHPNQEYA
DVFHLYLQYIRKLHDELTGHMLDMYSVMLTNDNTSRYWEPEFYEAMYTPHTVLQENLYFQGSWSHPQFEKGGSGSSWSHP
QFEK
;
A
2 'polypeptide(L)'
;GAIASEFSSLPSYAAFATAQEAYEQAVANGDSEVVLKKLKKSLNVAKSEFDRDAAMQRKLEKMADQAMTQMYKQARSEDK
RAKVTSAMQTMLFTMLRKLDNDALNNIINNARDGCVPLNIIPLTTAAKLMVVIPDYNTYKNTCDGTTFTYASALWEIQQV
VDADSKIVQLSEISMDNSPNLAWPLIVTALRANSAVKLQ
;
B,D
3 'polypeptide(L)'
;GSKMSDVKCTSVVLLSVLQQLRVESSSKLWAQCVQLHNDILLAKDTTEAFEKMVSLLSVLLSMQGAVDINKLCEEMLDNR
ATLQ
;
C
4 'polyribonucleotide' CAUUCUCCUAAGAAGCUAUUAAAAUCACA(UAR) P
5 'polyribonucleotide' UUUUCCCAAUGUGAUUUUAAUAGCUUCUUAGGAGAAUG T
#
# COMPACT_ATOMS: atom_id res chain seq x y z
N ALA A 4 67.42 -11.80 -4.02
CA ALA A 4 68.54 -11.93 -3.06
C ALA A 4 68.44 -10.92 -1.91
N ASP A 5 68.67 -9.62 -2.17
CA ASP A 5 68.66 -8.57 -1.15
C ASP A 5 67.33 -8.33 -0.40
N ALA A 6 66.19 -8.75 -0.98
CA ALA A 6 64.85 -8.59 -0.39
C ALA A 6 64.68 -9.26 0.98
N GLN A 7 65.48 -10.28 1.29
CA GLN A 7 65.42 -10.97 2.58
C GLN A 7 65.84 -10.03 3.72
N SER A 8 66.87 -9.19 3.51
CA SER A 8 67.31 -8.25 4.55
C SER A 8 66.20 -7.22 4.83
N PHE A 9 65.44 -6.80 3.81
CA PHE A 9 64.30 -5.89 3.99
C PHE A 9 63.17 -6.56 4.77
N LEU A 10 62.79 -7.79 4.42
CA LEU A 10 61.78 -8.59 5.14
C LEU A 10 62.13 -8.77 6.63
N ASN A 11 63.40 -9.03 6.96
CA ASN A 11 63.83 -9.13 8.35
C ASN A 11 63.75 -7.78 9.08
N ARG A 12 64.02 -6.64 8.41
CA ARG A 12 63.88 -5.33 9.06
C ARG A 12 62.41 -4.96 9.28
N VAL A 13 61.47 -5.32 8.39
CA VAL A 13 60.05 -5.00 8.56
C VAL A 13 59.43 -5.67 9.80
N CYS A 14 59.95 -6.82 10.23
CA CYS A 14 59.56 -7.46 11.50
C CYS A 14 59.86 -6.60 12.74
N GLY A 15 60.92 -5.78 12.69
CA GLY A 15 61.38 -4.95 13.80
C GLY A 15 61.85 -5.74 15.01
N VAL A 16 61.69 -5.14 16.20
CA VAL A 16 62.00 -5.73 17.51
C VAL A 16 60.94 -6.75 17.95
N SER A 17 59.76 -6.74 17.32
CA SER A 17 58.65 -7.66 17.63
C SER A 17 58.93 -9.11 17.20
N ALA A 18 58.25 -10.07 17.83
CA ALA A 18 58.15 -11.41 17.28
C ALA A 18 57.00 -11.44 16.25
N ALA A 19 57.35 -11.70 14.99
CA ALA A 19 56.44 -11.76 13.85
C ALA A 19 56.95 -12.76 12.81
N ARG A 20 56.04 -13.37 12.05
CA ARG A 20 56.30 -14.46 11.10
C ARG A 20 55.77 -14.09 9.72
N LEU A 21 56.36 -13.05 9.14
CA LEU A 21 55.89 -12.39 7.93
C LEU A 21 56.17 -13.16 6.65
N THR A 22 55.30 -12.97 5.65
CA THR A 22 55.45 -13.44 4.28
C THR A 22 55.14 -12.30 3.31
N PRO A 23 55.90 -12.13 2.21
CA PRO A 23 55.68 -11.04 1.26
C PRO A 23 54.43 -11.28 0.42
N CYS A 24 53.60 -10.25 0.25
CA CYS A 24 52.32 -10.33 -0.47
C CYS A 24 52.45 -9.98 -1.98
N GLY A 25 53.67 -9.77 -2.47
CA GLY A 25 54.02 -9.41 -3.84
C GLY A 25 55.52 -9.56 -4.13
N THR A 26 56.05 -8.84 -5.13
CA THR A 26 57.50 -8.78 -5.40
C THR A 26 58.27 -8.13 -4.25
N GLY A 27 59.53 -8.53 -4.00
CA GLY A 27 60.20 -8.36 -2.70
C GLY A 27 60.63 -6.93 -2.28
N THR A 28 60.85 -6.01 -3.23
CA THR A 28 61.27 -4.61 -2.94
C THR A 28 60.40 -3.54 -3.63
N SER A 29 59.62 -3.85 -4.66
CA SER A 29 58.66 -2.91 -5.27
C SER A 29 57.30 -2.88 -4.54
N THR A 30 56.50 -1.84 -4.77
CA THR A 30 55.18 -1.67 -4.14
C THR A 30 54.10 -2.58 -4.74
N ASP A 31 53.06 -2.87 -3.94
CA ASP A 31 51.87 -3.63 -4.34
C ASP A 31 50.81 -2.68 -4.94
N VAL A 32 49.78 -3.20 -5.61
CA VAL A 32 48.71 -2.37 -6.21
C VAL A 32 47.34 -2.96 -5.83
N VAL A 33 46.45 -2.12 -5.29
CA VAL A 33 45.11 -2.52 -4.84
C VAL A 33 44.04 -1.47 -5.15
N TYR A 34 42.79 -1.91 -5.29
CA TYR A 34 41.60 -1.08 -5.56
C TYR A 34 40.80 -0.98 -4.24
N ARG A 35 40.60 0.22 -3.69
CA ARG A 35 39.97 0.45 -2.38
C ARG A 35 39.09 1.70 -2.34
N ALA A 36 38.14 1.79 -1.42
CA ALA A 36 37.26 2.95 -1.29
C ALA A 36 37.88 4.05 -0.40
N PHE A 37 37.78 5.32 -0.80
CA PHE A 37 38.33 6.48 -0.10
C PHE A 37 37.38 7.68 0.01
N ASP A 38 37.26 8.29 1.18
CA ASP A 38 36.53 9.55 1.38
C ASP A 38 37.57 10.64 1.15
N ILE A 39 37.49 11.37 0.04
CA ILE A 39 38.51 12.36 -0.35
C ILE A 39 37.94 13.74 -0.65
N TYR A 40 38.68 14.77 -0.24
CA TYR A 40 38.40 16.18 -0.48
C TYR A 40 39.76 16.87 -0.54
N ASN A 41 40.03 17.54 -1.65
CA ASN A 41 41.29 18.19 -1.97
C ASN A 41 41.04 19.29 -3.01
N ASP A 42 42.01 20.17 -3.27
CA ASP A 42 41.88 21.21 -4.30
C ASP A 42 41.60 20.64 -5.71
N LYS A 43 42.11 19.43 -6.02
CA LYS A 43 41.96 18.77 -7.34
C LYS A 43 40.77 17.81 -7.49
N VAL A 44 40.30 17.16 -6.42
CA VAL A 44 39.21 16.16 -6.49
C VAL A 44 38.43 16.05 -5.17
N ALA A 45 37.15 15.67 -5.23
CA ALA A 45 36.32 15.37 -4.06
C ALA A 45 35.30 14.26 -4.35
N GLY A 46 35.00 13.40 -3.38
CA GLY A 46 34.01 12.32 -3.52
C GLY A 46 34.23 11.16 -2.56
N PHE A 47 33.30 10.19 -2.57
CA PHE A 47 33.42 8.91 -1.87
C PHE A 47 33.40 7.79 -2.89
N ALA A 48 34.58 7.45 -3.39
CA ALA A 48 34.77 6.69 -4.62
C ALA A 48 35.90 5.67 -4.45
N LYS A 49 36.04 4.77 -5.42
CA LYS A 49 36.96 3.64 -5.37
C LYS A 49 38.15 3.89 -6.28
N PHE A 50 39.36 3.95 -5.71
CA PHE A 50 40.59 4.35 -6.40
C PHE A 50 41.74 3.35 -6.25
N LEU A 51 42.71 3.36 -7.17
CA LEU A 51 43.91 2.51 -7.08
C LEU A 51 44.95 3.10 -6.12
N LYS A 52 45.49 2.28 -5.23
CA LYS A 52 46.57 2.63 -4.30
C LYS A 52 47.87 1.96 -4.73
N THR A 53 48.97 2.70 -4.81
CA THR A 53 50.27 2.20 -5.30
C THR A 53 51.50 2.50 -4.42
N ASN A 54 51.35 3.24 -3.32
CA ASN A 54 52.48 3.68 -2.47
C ASN A 54 52.89 2.71 -1.33
N CYS A 55 52.41 1.47 -1.30
CA CYS A 55 52.58 0.54 -0.17
C CYS A 55 53.20 -0.82 -0.56
N CYS A 56 54.04 -1.39 0.31
CA CYS A 56 54.50 -2.77 0.28
C CYS A 56 53.77 -3.56 1.38
N ARG A 57 53.16 -4.70 1.05
CA ARG A 57 52.34 -5.49 1.98
C ARG A 57 53.02 -6.80 2.36
N PHE A 58 52.97 -7.12 3.65
CA PHE A 58 53.38 -8.40 4.21
C PHE A 58 52.25 -8.96 5.07
N GLN A 59 52.09 -10.28 5.14
CA GLN A 59 51.06 -10.94 5.94
C GLN A 59 51.69 -11.92 6.94
N GLU A 60 51.18 -11.96 8.18
CA GLU A 60 51.60 -12.94 9.17
C GLU A 60 51.08 -14.36 8.91
N LYS A 61 51.97 -15.34 9.07
CA LYS A 61 51.63 -16.71 9.44
C LYS A 61 51.53 -16.85 10.96
N ASP A 62 50.72 -17.78 11.43
CA ASP A 62 50.65 -18.15 12.85
C ASP A 62 51.81 -19.08 13.27
N GLU A 63 51.78 -19.55 14.52
CA GLU A 63 52.80 -20.42 15.11
C GLU A 63 52.84 -21.86 14.55
N ASP A 64 51.93 -22.23 13.64
CA ASP A 64 51.90 -23.52 12.96
C ASP A 64 51.55 -23.39 11.45
N ASP A 65 52.16 -22.40 10.80
CA ASP A 65 52.31 -22.28 9.34
C ASP A 65 51.02 -22.01 8.54
N ASN A 66 50.01 -21.36 9.14
CA ASN A 66 48.78 -20.94 8.46
C ASN A 66 48.58 -19.41 8.54
N LEU A 67 48.03 -18.80 7.48
CA LEU A 67 47.89 -17.35 7.35
C LEU A 67 46.72 -16.80 8.18
N ILE A 68 46.84 -15.54 8.63
CA ILE A 68 45.81 -14.84 9.44
C ILE A 68 45.55 -13.41 8.92
N ASP A 69 44.43 -12.80 9.32
CA ASP A 69 44.06 -11.41 8.96
C ASP A 69 44.89 -10.36 9.73
N SER A 70 46.20 -10.38 9.54
CA SER A 70 47.17 -9.52 10.22
C SER A 70 48.29 -9.15 9.26
N TYR A 71 48.27 -7.91 8.79
CA TYR A 71 49.16 -7.38 7.76
C TYR A 71 50.09 -6.32 8.33
N PHE A 72 51.32 -6.25 7.81
CA PHE A 72 52.22 -5.13 8.00
C PHE A 72 52.26 -4.35 6.69
N VAL A 73 51.98 -3.05 6.72
CA VAL A 73 51.84 -2.24 5.51
C VAL A 73 52.85 -1.09 5.52
N VAL A 74 53.93 -1.28 4.75
CA VAL A 74 55.05 -0.30 4.72
C VAL A 74 54.82 0.71 3.60
N LYS A 75 55.38 1.92 3.66
CA LYS A 75 55.10 2.99 2.68
C LYS A 75 56.35 3.83 2.44
N ARG A 76 56.59 4.23 1.20
CA ARG A 76 57.78 5.06 0.86
C ARG A 76 57.39 6.54 0.99
N HIS A 77 58.06 7.30 1.83
CA HIS A 77 57.63 8.69 2.12
C HIS A 77 58.68 9.73 1.73
N THR A 78 58.31 11.01 1.67
CA THR A 78 59.32 12.06 1.46
C THR A 78 60.00 12.23 2.80
N PHE A 79 60.95 13.15 2.92
CA PHE A 79 61.69 13.24 4.21
C PHE A 79 60.88 14.06 5.21
N SER A 80 60.43 15.26 4.81
CA SER A 80 59.70 16.15 5.75
C SER A 80 58.44 15.47 6.29
N ASN A 81 57.61 14.90 5.39
CA ASN A 81 56.32 14.29 5.83
C ASN A 81 56.60 13.11 6.75
N TYR A 82 57.65 12.33 6.45
CA TYR A 82 58.03 11.17 7.31
C TYR A 82 58.21 11.69 8.74
N GLN A 83 59.00 12.75 8.90
CA GLN A 83 59.21 13.34 10.24
C GLN A 83 57.88 13.91 10.76
N HIS A 84 57.10 14.53 9.88
CA HIS A 84 55.81 15.16 10.30
C HIS A 84 54.92 14.11 10.95
N GLU A 85 54.69 13.00 10.24
CA GLU A 85 53.82 11.93 10.78
C GLU A 85 54.43 11.40 12.08
N GLU A 86 55.75 11.25 12.11
CA GLU A 86 56.45 10.78 13.34
C GLU A 86 56.10 11.70 14.51
N THR A 87 56.29 13.01 14.34
CA THR A 87 56.02 13.97 15.44
C THR A 87 54.60 13.77 15.91
N ILE A 88 53.63 13.75 14.98
CA ILE A 88 52.19 13.64 15.37
C ILE A 88 51.98 12.31 16.12
N TYR A 89 52.56 11.22 15.60
CA TYR A 89 52.34 9.88 16.23
C TYR A 89 52.89 9.86 17.65
N ASN A 90 54.12 10.32 17.85
CA ASN A 90 54.76 10.26 19.20
C ASN A 90 53.79 10.87 20.24
N LEU A 91 53.24 12.05 19.94
CA LEU A 91 52.30 12.73 20.86
C LEU A 91 51.08 11.84 21.06
N LEU A 92 50.58 11.22 19.99
CA LEU A 92 49.36 10.37 20.03
C LEU A 92 49.76 8.91 20.17
N LYS A 93 50.92 8.60 20.70
CA LYS A 93 51.40 7.20 20.70
C LYS A 93 50.72 6.34 21.77
N ASP A 94 50.56 6.86 22.97
CA ASP A 94 50.04 6.05 24.11
C ASP A 94 48.53 5.85 24.06
N CYS A 95 47.86 6.36 23.02
CA CYS A 95 46.40 6.06 22.90
C CYS A 95 46.28 4.59 22.50
N PRO A 96 45.43 3.78 23.16
CA PRO A 96 45.14 2.41 22.76
C PRO A 96 44.32 2.29 21.47
N ALA A 97 43.79 3.39 20.93
CA ALA A 97 43.07 3.45 19.66
C ALA A 97 43.97 3.68 18.43
N VAL A 98 45.28 3.85 18.65
CA VAL A 98 46.20 4.19 17.53
C VAL A 98 46.99 2.95 17.10
N ALA A 99 47.24 2.78 15.79
CA ALA A 99 48.03 1.65 15.29
C ALA A 99 49.53 1.96 15.41
N LYS A 100 50.38 0.93 15.38
CA LYS A 100 51.84 1.11 15.52
C LYS A 100 52.39 1.87 14.30
N HIS A 101 53.40 2.72 14.50
CA HIS A 101 54.01 3.47 13.36
C HIS A 101 55.54 3.31 13.43
N ASP A 102 56.11 2.49 12.54
CA ASP A 102 57.58 2.23 12.56
C ASP A 102 58.26 3.13 11.52
N PHE A 103 58.89 4.21 11.98
CA PHE A 103 59.60 5.14 11.05
C PHE A 103 61.07 4.70 10.96
N PHE A 104 61.50 4.26 9.78
CA PHE A 104 62.89 3.75 9.62
C PHE A 104 63.42 4.09 8.22
N LYS A 105 64.67 3.73 7.94
CA LYS A 105 65.28 4.01 6.61
C LYS A 105 65.92 2.72 6.07
N PHE A 106 66.27 2.70 4.77
CA PHE A 106 66.81 1.49 4.12
C PHE A 106 67.24 1.79 2.69
N ARG A 107 68.25 1.09 2.18
CA ARG A 107 68.86 1.33 0.85
C ARG A 107 68.13 0.61 -0.27
N ILE A 108 67.67 1.34 -1.28
CA ILE A 108 67.05 0.80 -2.51
C ILE A 108 67.62 1.51 -3.74
N ASP A 109 67.88 0.78 -4.84
CA ASP A 109 68.50 1.32 -6.06
C ASP A 109 69.85 2.07 -5.79
N GLY A 110 70.57 1.67 -4.74
CA GLY A 110 71.86 2.23 -4.32
C GLY A 110 71.80 3.47 -3.43
N ASP A 111 70.64 3.91 -2.92
CA ASP A 111 70.51 5.09 -2.04
C ASP A 111 69.47 4.93 -0.91
N MET A 112 69.60 5.67 0.18
CA MET A 112 68.74 5.60 1.38
C MET A 112 67.35 6.22 1.15
N VAL A 113 66.29 5.51 1.53
CA VAL A 113 64.89 5.99 1.47
C VAL A 113 64.18 5.76 2.80
N PRO A 114 63.42 6.74 3.37
CA PRO A 114 62.68 6.49 4.60
C PRO A 114 61.41 5.67 4.40
N HIS A 115 61.04 4.89 5.43
CA HIS A 115 59.82 4.05 5.35
C HIS A 115 59.03 4.16 6.66
N ILE A 116 57.70 4.03 6.59
CA ILE A 116 56.83 4.11 7.80
C ILE A 116 55.95 2.87 7.83
N SER A 117 56.28 1.88 8.63
CA SER A 117 55.63 0.57 8.74
C SER A 117 54.49 0.60 9.76
N ARG A 118 53.30 0.19 9.38
CA ARG A 118 52.12 0.10 10.28
C ARG A 118 51.79 -1.37 10.53
N GLN A 119 51.68 -1.77 11.78
CA GLN A 119 51.75 -3.18 12.18
C GLN A 119 50.39 -3.78 12.54
N ARG A 120 50.12 -4.99 12.05
CA ARG A 120 48.95 -5.84 12.39
C ARG A 120 47.59 -5.22 12.04
N LEU A 121 47.51 -4.56 10.88
CA LEU A 121 46.28 -4.05 10.29
C LEU A 121 45.44 -5.20 9.70
N THR A 122 44.12 -5.03 9.57
CA THR A 122 43.25 -5.94 8.81
C THR A 122 43.42 -5.75 7.29
N LYS A 123 42.92 -6.70 6.47
CA LYS A 123 42.95 -6.59 5.00
C LYS A 123 42.19 -5.37 4.46
N TYR A 124 41.00 -5.12 4.99
CA TYR A 124 40.08 -4.04 4.61
C TYR A 124 39.93 -3.01 5.75
N THR A 125 39.45 -1.81 5.43
CA THR A 125 39.21 -0.69 6.34
C THR A 125 37.73 -0.46 6.57
N MET A 126 37.34 0.46 7.45
CA MET A 126 35.93 0.80 7.64
C MET A 126 35.28 1.37 6.37
N ALA A 127 36.04 2.06 5.51
CA ALA A 127 35.52 2.61 4.26
C ALA A 127 35.11 1.53 3.26
N ASP A 128 35.78 0.39 3.23
CA ASP A 128 35.43 -0.72 2.35
C ASP A 128 34.13 -1.41 2.77
N LEU A 129 33.88 -1.58 4.08
CA LEU A 129 32.61 -2.05 4.60
C LEU A 129 31.46 -1.07 4.33
N VAL A 130 31.68 0.23 4.50
CA VAL A 130 30.67 1.25 4.26
C VAL A 130 30.35 1.37 2.76
N TYR A 131 31.36 1.43 1.88
CA TYR A 131 31.16 1.49 0.44
C TYR A 131 30.42 0.26 -0.09
N ALA A 132 30.83 -0.96 0.29
CA ALA A 132 30.25 -2.20 -0.20
C ALA A 132 28.77 -2.41 0.17
N LEU A 133 28.29 -1.86 1.29
CA LEU A 133 26.87 -1.91 1.67
C LEU A 133 26.05 -0.76 1.09
N ARG A 134 26.68 0.39 0.83
CA ARG A 134 25.95 1.50 0.16
C ARG A 134 25.76 1.16 -1.34
N HIS A 135 26.87 0.81 -2.01
CA HIS A 135 26.95 0.60 -3.46
C HIS A 135 26.84 -0.88 -3.82
N PHE A 136 25.79 -1.55 -3.35
CA PHE A 136 25.58 -3.00 -3.54
C PHE A 136 25.14 -3.35 -4.97
N ASP A 137 25.92 -4.17 -5.67
CA ASP A 137 25.59 -4.78 -6.97
C ASP A 137 25.68 -6.31 -6.84
N GLU A 138 24.58 -7.02 -7.08
CA GLU A 138 24.48 -8.47 -6.86
C GLU A 138 25.42 -9.31 -7.74
N GLY A 139 25.97 -8.75 -8.82
CA GLY A 139 26.95 -9.38 -9.69
C GLY A 139 28.42 -9.07 -9.36
N ASN A 140 28.69 -8.23 -8.36
CA ASN A 140 30.03 -7.73 -8.02
C ASN A 140 30.25 -7.65 -6.49
N CYS A 141 29.79 -8.68 -5.77
CA CYS A 141 29.80 -8.77 -4.31
C CYS A 141 31.11 -9.25 -3.68
N ASP A 142 32.19 -9.50 -4.43
CA ASP A 142 33.39 -10.16 -3.89
C ASP A 142 34.01 -9.53 -2.63
N THR A 143 33.97 -8.20 -2.43
CA THR A 143 34.49 -7.60 -1.18
C THR A 143 33.59 -7.86 0.00
N LEU A 144 32.27 -7.69 -0.14
CA LEU A 144 31.31 -7.95 0.94
C LEU A 144 31.34 -9.42 1.35
N LYS A 145 31.37 -10.36 0.39
CA LYS A 145 31.44 -11.80 0.69
C LYS A 145 32.69 -12.13 1.50
N GLU A 146 33.83 -11.50 1.25
CA GLU A 146 35.08 -11.80 1.99
C GLU A 146 35.09 -11.21 3.40
N ILE A 147 34.40 -10.10 3.65
CA ILE A 147 34.23 -9.52 4.99
C ILE A 147 33.27 -10.38 5.82
N LEU A 148 32.13 -10.80 5.27
CA LEU A 148 31.15 -11.66 5.95
C LEU A 148 31.72 -13.03 6.35
N VAL A 149 32.72 -13.54 5.65
CA VAL A 149 33.35 -14.85 5.95
C VAL A 149 34.61 -14.65 6.83
N THR A 150 35.49 -13.68 6.56
CA THR A 150 36.72 -13.48 7.35
C THR A 150 36.45 -13.22 8.82
N TYR A 151 35.27 -12.67 9.13
CA TYR A 151 34.84 -12.28 10.50
C TYR A 151 33.71 -13.18 11.00
N ASN A 152 33.54 -14.37 10.43
CA ASN A 152 32.59 -15.39 10.88
C ASN A 152 31.09 -14.97 10.92
N CYS A 153 30.60 -14.13 10.01
CA CYS A 153 29.17 -13.84 9.93
C CYS A 153 28.38 -15.01 9.34
N CYS A 154 28.95 -15.72 8.37
CA CYS A 154 28.39 -16.91 7.74
C CYS A 154 29.48 -17.83 7.13
N ASP A 155 29.14 -19.06 6.79
CA ASP A 155 30.03 -19.98 6.08
C ASP A 155 30.11 -19.60 4.60
N ASP A 156 31.18 -19.97 3.88
CA ASP A 156 31.33 -19.66 2.45
C ASP A 156 30.23 -20.35 1.59
N ASP A 157 29.60 -21.38 2.12
CA ASP A 157 28.50 -22.13 1.50
C ASP A 157 27.18 -21.34 1.50
N TYR A 158 27.04 -20.29 2.32
CA TYR A 158 25.82 -19.50 2.43
C TYR A 158 25.46 -18.80 1.10
N PHE A 159 26.45 -18.43 0.29
CA PHE A 159 26.25 -17.71 -0.96
C PHE A 159 25.75 -18.60 -2.11
N ASN A 160 25.60 -19.91 -1.91
CA ASN A 160 25.04 -20.82 -2.90
C ASN A 160 23.50 -20.84 -2.85
N LYS A 161 22.88 -20.24 -1.82
CA LYS A 161 21.42 -20.15 -1.67
C LYS A 161 20.80 -19.25 -2.74
N LYS A 162 19.54 -19.52 -3.11
CA LYS A 162 18.80 -18.69 -4.07
C LYS A 162 18.48 -17.36 -3.40
N ASP A 163 18.80 -16.24 -4.05
CA ASP A 163 18.55 -14.87 -3.58
C ASP A 163 19.05 -14.63 -2.14
N TRP A 164 20.29 -15.01 -1.82
CA TRP A 164 20.83 -14.92 -0.45
C TRP A 164 20.82 -13.49 0.12
N TYR A 165 20.97 -12.45 -0.72
CA TYR A 165 21.04 -11.04 -0.36
C TYR A 165 19.69 -10.34 -0.17
N ASP A 166 18.60 -10.92 -0.65
CA ASP A 166 17.27 -10.31 -0.68
C ASP A 166 16.54 -10.32 0.67
N PHE A 167 16.27 -9.13 1.21
CA PHE A 167 15.59 -8.95 2.50
C PHE A 167 14.19 -9.55 2.58
N VAL A 168 13.47 -9.67 1.45
CA VAL A 168 12.09 -10.18 1.41
C VAL A 168 12.03 -11.67 1.13
N GLU A 169 12.86 -12.20 0.23
CA GLU A 169 12.87 -13.63 -0.12
C GLU A 169 13.79 -14.47 0.78
N ASN A 170 14.79 -13.85 1.41
CA ASN A 170 15.71 -14.47 2.36
C ASN A 170 15.84 -13.54 3.58
N PRO A 171 14.82 -13.44 4.46
CA PRO A 171 14.85 -12.55 5.61
C PRO A 171 15.93 -12.91 6.65
N ASP A 172 16.55 -14.09 6.53
CA ASP A 172 17.65 -14.53 7.38
C ASP A 172 18.90 -13.66 7.18
N ILE A 173 19.01 -12.90 6.08
CA ILE A 173 20.17 -12.03 5.86
C ILE A 173 20.29 -10.96 6.96
N LEU A 174 19.18 -10.55 7.56
CA LEU A 174 19.13 -9.61 8.67
C LEU A 174 19.83 -10.14 9.93
N ARG A 175 19.94 -11.47 10.07
CA ARG A 175 20.71 -12.15 11.13
C ARG A 175 22.18 -12.27 10.77
N VAL A 176 22.52 -12.44 9.49
CA VAL A 176 23.92 -12.48 9.00
C VAL A 176 24.58 -11.11 9.07
N TYR A 177 23.94 -10.02 8.65
CA TYR A 177 24.50 -8.67 8.81
C TYR A 177 24.64 -8.25 10.28
N ALA A 178 23.72 -8.64 11.16
CA ALA A 178 23.77 -8.31 12.59
C ALA A 178 24.96 -8.92 13.35
N ASN A 179 25.68 -9.90 12.78
CA ASN A 179 26.93 -10.44 13.34
C ASN A 179 28.12 -9.47 13.20
N LEU A 180 28.02 -8.42 12.39
CA LEU A 180 28.99 -7.31 12.35
C LEU A 180 28.81 -6.29 13.48
N GLY A 181 27.72 -6.34 14.24
CA GLY A 181 27.33 -5.28 15.18
C GLY A 181 28.36 -4.94 16.26
N GLU A 182 28.94 -5.92 16.95
CA GLU A 182 29.97 -5.65 17.98
C GLU A 182 31.30 -5.18 17.37
N ARG A 183 31.61 -5.64 16.16
CA ARG A 183 32.84 -5.14 15.47
C ARG A 183 32.70 -3.63 15.27
N VAL A 184 31.61 -3.19 14.64
CA VAL A 184 31.40 -1.74 14.34
C VAL A 184 31.33 -0.95 15.65
N ARG A 185 30.63 -1.43 16.69
CA ARG A 185 30.44 -0.67 17.96
C ARG A 185 31.76 -0.51 18.71
N GLN A 186 32.71 -1.43 18.53
CA GLN A 186 34.07 -1.24 19.12
C GLN A 186 34.80 -0.13 18.36
N ALA A 187 34.69 -0.11 17.03
CA ALA A 187 35.33 0.96 16.22
C ALA A 187 34.78 2.32 16.65
N LEU A 188 33.47 2.39 16.91
CA LEU A 188 32.84 3.67 17.35
C LEU A 188 33.49 4.12 18.66
N LEU A 189 33.62 3.21 19.63
CA LEU A 189 34.24 3.54 20.94
C LEU A 189 35.66 4.05 20.70
N LYS A 190 36.47 3.30 19.96
CA LYS A 190 37.86 3.70 19.68
C LYS A 190 37.98 5.08 19.04
N THR A 191 37.00 5.51 18.24
CA THR A 191 36.98 6.89 17.70
C THR A 191 36.85 7.94 18.80
N VAL A 192 36.05 7.70 19.85
CA VAL A 192 35.92 8.65 20.96
C VAL A 192 37.20 8.71 21.80
N GLN A 193 37.88 7.57 22.00
CA GLN A 193 39.18 7.54 22.69
C GLN A 193 40.23 8.35 21.92
N PHE A 194 40.24 8.23 20.60
CA PHE A 194 41.16 8.93 19.70
C PHE A 194 40.89 10.44 19.64
N CYS A 195 39.63 10.87 19.59
CA CYS A 195 39.26 12.28 19.61
C CYS A 195 39.69 12.93 20.94
N ASP A 196 39.51 12.24 22.08
CA ASP A 196 39.98 12.71 23.38
C ASP A 196 41.51 12.85 23.38
N ALA A 197 42.24 11.91 22.78
CA ALA A 197 43.70 11.98 22.69
C ALA A 197 44.13 13.17 21.82
N MET A 198 43.52 13.38 20.65
CA MET A 198 43.83 14.53 19.79
C MET A 198 43.58 15.85 20.52
N ARG A 199 42.47 15.96 21.26
CA ARG A 199 42.13 17.18 22.01
C ARG A 199 43.10 17.47 23.14
N ASN A 200 43.41 16.48 23.99
CA ASN A 200 44.34 16.67 25.11
C ASN A 200 45.81 16.79 24.69
N ALA A 201 46.18 16.41 23.46
CA ALA A 201 47.52 16.53 22.90
C ALA A 201 47.72 17.85 22.11
N GLY A 202 46.64 18.57 21.81
CA GLY A 202 46.67 19.81 21.02
C GLY A 202 46.83 19.60 19.52
N ILE A 203 46.15 18.61 18.95
CA ILE A 203 46.22 18.27 17.52
C ILE A 203 44.92 18.62 16.79
N VAL A 204 45.02 19.15 15.56
CA VAL A 204 43.88 19.50 14.70
C VAL A 204 43.92 18.67 13.42
N GLY A 205 42.79 18.08 13.01
CA GLY A 205 42.70 17.38 11.72
C GLY A 205 41.35 16.73 11.43
N VAL A 206 41.06 16.52 10.16
CA VAL A 206 39.89 15.76 9.67
C VAL A 206 40.18 14.26 9.76
N LEU A 207 39.25 13.48 10.32
CA LEU A 207 39.38 12.02 10.36
C LEU A 207 38.31 11.34 9.50
N THR A 208 38.75 10.40 8.66
CA THR A 208 37.98 9.78 7.56
C THR A 208 38.03 8.26 7.62
N LEU A 209 36.99 7.58 7.09
CA LEU A 209 36.79 6.14 7.28
C LEU A 209 37.93 5.26 6.74
N ASP A 210 38.67 5.71 5.74
CA ASP A 210 39.79 4.99 5.12
C ASP A 210 41.03 4.87 6.02
N ASN A 211 41.10 5.67 7.10
CA ASN A 211 42.20 5.66 8.06
C ASN A 211 41.88 4.87 9.35
N GLN A 212 40.83 4.05 9.37
CA GLN A 212 40.49 3.14 10.47
C GLN A 212 40.34 1.69 9.98
N ASP A 213 41.04 0.73 10.60
CA ASP A 213 40.90 -0.70 10.25
C ASP A 213 39.59 -1.33 10.80
N LEU A 214 39.31 -2.60 10.45
CA LEU A 214 38.13 -3.34 10.95
C LEU A 214 38.31 -3.96 12.36
N ASN A 215 39.39 -3.65 13.09
CA ASN A 215 39.48 -3.80 14.55
C ASN A 215 39.16 -2.48 15.28
N GLY A 216 39.39 -1.34 14.63
CA GLY A 216 39.08 0.01 15.07
C GLY A 216 40.28 0.95 15.17
N ASN A 217 41.50 0.52 14.82
CA ASN A 217 42.73 1.29 15.05
C ASN A 217 42.98 2.38 13.99
N TRP A 218 43.45 3.56 14.41
CA TRP A 218 43.79 4.71 13.56
C TRP A 218 45.27 4.77 13.15
N TYR A 219 45.54 5.30 11.96
CA TYR A 219 46.87 5.48 11.35
C TYR A 219 46.87 6.64 10.32
N ASP A 220 47.99 6.87 9.61
CA ASP A 220 48.19 7.95 8.63
C ASP A 220 47.97 9.39 9.17
N PHE A 221 48.86 9.84 10.06
CA PHE A 221 48.79 11.15 10.72
C PHE A 221 49.47 12.29 9.94
N GLY A 222 49.80 12.09 8.67
CA GLY A 222 50.60 13.02 7.87
C GLY A 222 49.88 14.29 7.41
N ASP A 223 48.59 14.44 7.68
CA ASP A 223 47.76 15.59 7.29
C ASP A 223 47.19 16.37 8.50
N PHE A 224 47.61 16.04 9.73
CA PHE A 224 47.26 16.74 10.96
C PHE A 224 48.25 17.89 11.25
N ILE A 225 47.88 18.84 12.11
CA ILE A 225 48.76 19.96 12.55
C ILE A 225 48.70 20.18 14.06
N GLN A 226 49.76 20.77 14.63
CA GLN A 226 49.86 21.07 16.06
C GLN A 226 49.26 22.43 16.44
N THR A 227 48.73 22.51 17.67
CA THR A 227 48.11 23.77 18.15
C THR A 227 48.23 23.79 19.66
N THR A 228 47.48 24.65 20.34
CA THR A 228 47.49 24.68 21.82
C THR A 228 47.13 23.29 22.31
N PRO A 229 47.90 22.70 23.24
CA PRO A 229 47.65 21.33 23.69
C PRO A 229 46.23 21.11 24.20
N GLY A 230 45.56 22.18 24.63
CA GLY A 230 44.16 22.07 25.11
C GLY A 230 43.17 22.47 24.03
N SER A 231 43.66 22.82 22.83
CA SER A 231 42.76 23.28 21.74
C SER A 231 42.67 22.24 20.64
N GLY A 232 43.01 20.98 20.94
CA GLY A 232 42.87 19.89 19.95
C GLY A 232 41.44 19.77 19.47
N VAL A 233 41.22 19.62 18.17
CA VAL A 233 39.83 19.55 17.63
C VAL A 233 39.77 18.53 16.47
N PRO A 234 38.99 17.44 16.58
CA PRO A 234 38.84 16.48 15.49
C PRO A 234 37.61 16.75 14.64
N VAL A 235 37.79 16.82 13.32
CA VAL A 235 36.64 17.06 12.39
C VAL A 235 35.96 15.72 12.07
N VAL A 236 34.65 15.61 12.31
CA VAL A 236 33.96 14.31 12.09
C VAL A 236 32.66 14.28 11.27
N ASP A 237 32.24 15.36 10.60
CA ASP A 237 30.95 15.39 9.88
C ASP A 237 30.78 14.26 8.84
N SER A 238 31.76 14.00 7.96
CA SER A 238 31.65 12.97 6.93
C SER A 238 31.84 11.55 7.49
N TYR A 239 32.65 11.33 8.52
CA TYR A 239 32.85 10.03 9.16
C TYR A 239 31.55 9.46 9.70
N TYR A 240 30.88 10.16 10.62
CA TYR A 240 29.64 9.69 11.21
C TYR A 240 28.50 9.70 10.19
N SER A 241 28.39 10.68 9.29
CA SER A 241 27.30 10.71 8.31
C SER A 241 27.38 9.62 7.24
N LEU A 242 28.56 9.27 6.73
CA LEU A 242 28.68 8.17 5.77
C LEU A 242 28.38 6.83 6.43
N LEU A 243 28.80 6.66 7.69
CA LEU A 243 28.61 5.47 8.53
C LEU A 243 27.18 5.26 9.04
N MET A 244 26.42 6.31 9.33
CA MET A 244 25.07 6.26 9.93
C MET A 244 24.14 5.17 9.42
N PRO A 245 23.89 4.97 8.10
CA PRO A 245 22.95 3.94 7.65
C PRO A 245 23.38 2.50 7.91
N ILE A 246 24.67 2.25 8.20
CA ILE A 246 25.24 0.94 8.51
C ILE A 246 25.01 0.55 9.97
N LEU A 247 24.77 1.54 10.85
CA LEU A 247 24.57 1.33 12.29
C LEU A 247 23.27 0.60 12.61
N THR A 248 22.19 0.91 11.91
CA THR A 248 20.93 0.17 12.02
C THR A 248 20.93 -1.13 11.21
N LEU A 249 21.58 -1.17 10.05
CA LEU A 249 21.62 -2.38 9.21
C LEU A 249 22.33 -3.54 9.91
N THR A 250 23.41 -3.25 10.63
CA THR A 250 24.19 -4.24 11.42
C THR A 250 23.74 -4.30 12.89
N ARG A 251 22.61 -3.67 13.25
CA ARG A 251 22.06 -3.54 14.62
C ARG A 251 23.11 -3.24 15.71
N ALA A 252 23.94 -2.22 15.52
CA ALA A 252 25.19 -2.06 16.27
C ALA A 252 25.02 -1.91 17.79
N LEU A 253 24.04 -1.13 18.26
CA LEU A 253 23.83 -0.86 19.68
C LEU A 253 23.07 -1.97 20.44
N THR A 254 22.94 -3.17 19.88
CA THR A 254 22.20 -4.29 20.50
C THR A 254 22.77 -4.75 21.85
N ALA A 255 24.04 -4.48 22.14
CA ALA A 255 24.66 -4.70 23.44
C ALA A 255 24.27 -3.66 24.52
N GLU A 256 23.52 -2.61 24.21
CA GLU A 256 23.00 -1.65 25.21
C GLU A 256 21.76 -2.18 25.96
N SER A 257 21.13 -3.25 25.48
CA SER A 257 19.97 -3.89 26.12
C SER A 257 20.32 -4.79 27.30
N HIS A 258 21.59 -5.14 27.50
CA HIS A 258 22.08 -6.12 28.48
C HIS A 258 22.67 -5.48 29.71
N VAL A 259 22.60 -6.15 30.85
CA VAL A 259 23.19 -5.71 32.12
C VAL A 259 24.68 -5.44 31.93
N ASP A 260 25.17 -4.30 32.40
CA ASP A 260 26.58 -3.85 32.26
C ASP A 260 27.04 -3.79 30.77
N THR A 261 26.08 -3.76 29.85
CA THR A 261 26.23 -3.72 28.39
C THR A 261 27.15 -4.80 27.81
N ASP A 262 27.08 -6.00 28.41
CA ASP A 262 27.80 -7.21 28.01
C ASP A 262 26.82 -8.23 27.40
N LEU A 263 27.04 -8.66 26.16
CA LEU A 263 26.17 -9.64 25.47
C LEU A 263 26.07 -11.01 26.17
N THR A 264 26.97 -11.32 27.12
CA THR A 264 26.94 -12.57 27.90
C THR A 264 26.06 -12.48 29.17
N LYS A 265 25.69 -11.28 29.62
CA LYS A 265 24.85 -11.03 30.81
C LYS A 265 23.36 -10.95 30.42
N PRO A 266 22.39 -11.05 31.35
CA PRO A 266 20.97 -10.99 31.00
C PRO A 266 20.50 -9.59 30.57
N TYR A 267 19.30 -9.47 30.00
CA TYR A 267 18.68 -8.20 29.65
C TYR A 267 18.39 -7.31 30.87
N ILE A 268 18.35 -5.99 30.67
CA ILE A 268 17.93 -5.03 31.70
C ILE A 268 16.42 -5.17 31.92
N LYS A 269 15.99 -5.45 33.16
CA LYS A 269 14.58 -5.47 33.57
C LYS A 269 14.11 -4.05 33.87
N TRP A 270 13.73 -3.30 32.84
CA TRP A 270 13.27 -1.92 32.99
C TRP A 270 11.99 -1.80 33.83
N ASP A 271 11.85 -0.73 34.59
CA ASP A 271 10.63 -0.41 35.34
C ASP A 271 9.43 -0.25 34.40
N LEU A 272 8.36 -1.03 34.59
CA LEU A 272 7.28 -1.14 33.61
C LEU A 272 6.48 0.16 33.45
N LEU A 273 6.39 0.99 34.49
CA LEU A 273 5.66 2.27 34.47
C LEU A 273 6.42 3.41 33.75
N LYS A 274 7.71 3.24 33.43
CA LYS A 274 8.58 4.30 32.90
C LYS A 274 8.29 4.62 31.44
N TYR A 275 7.99 5.89 31.17
CA TYR A 275 7.74 6.42 29.83
C TYR A 275 8.77 7.47 29.38
N ASP A 276 9.53 8.12 30.25
CA ASP A 276 10.47 9.17 29.87
C ASP A 276 11.91 8.68 30.00
N PHE A 277 12.61 8.61 28.87
CA PHE A 277 13.98 8.10 28.74
C PHE A 277 14.98 9.22 28.38
N THR A 278 14.64 10.48 28.62
CA THR A 278 15.44 11.64 28.18
C THR A 278 16.89 11.57 28.67
N GLU A 279 17.15 11.19 29.92
CA GLU A 279 18.52 11.10 30.45
C GLU A 279 19.30 9.90 29.93
N GLU A 280 18.63 8.81 29.55
CA GLU A 280 19.25 7.68 28.86
C GLU A 280 19.65 8.03 27.44
N ARG A 281 18.82 8.77 26.69
CA ARG A 281 19.15 9.25 25.34
C ARG A 281 20.35 10.19 25.34
N LEU A 282 20.45 11.10 26.31
CA LEU A 282 21.63 11.96 26.49
C LEU A 282 22.89 11.17 26.89
N LYS A 283 22.76 10.13 27.72
CA LYS A 283 23.86 9.20 28.05
C LYS A 283 24.35 8.42 26.84
N LEU A 284 23.47 7.96 25.96
CA LEU A 284 23.84 7.28 24.70
C LEU A 284 24.58 8.21 23.73
N PHE A 285 24.16 9.47 23.60
CA PHE A 285 24.81 10.42 22.69
C PHE A 285 26.27 10.70 23.06
N ASP A 286 26.58 10.96 24.33
CA ASP A 286 27.96 11.15 24.80
C ASP A 286 28.83 9.88 24.77
N ARG A 287 28.21 8.71 24.56
CA ARG A 287 28.93 7.41 24.62
C ARG A 287 29.58 7.09 23.26
N TYR A 288 28.97 7.57 22.17
CA TYR A 288 29.33 7.23 20.79
C TYR A 288 29.54 8.46 19.88
N PHE A 289 28.85 9.58 20.11
CA PHE A 289 28.83 10.76 19.23
C PHE A 289 29.33 12.03 19.92
N LYS A 290 30.22 11.90 20.92
CA LYS A 290 30.68 13.00 21.80
C LYS A 290 31.13 14.27 21.08
N TYR A 291 31.81 14.15 19.95
CA TYR A 291 32.38 15.25 19.16
C TYR A 291 31.55 15.65 17.91
N TRP A 292 30.26 15.31 17.82
CA TRP A 292 29.43 15.65 16.66
C TRP A 292 29.18 17.17 16.43
N ASP A 293 29.35 18.04 17.43
CA ASP A 293 29.34 19.51 17.26
C ASP A 293 28.01 20.16 16.79
N GLN A 294 26.87 19.52 17.00
CA GLN A 294 25.55 20.14 16.80
C GLN A 294 24.59 19.76 17.94
N THR A 295 23.80 20.73 18.42
CA THR A 295 22.87 20.52 19.54
C THR A 295 21.83 19.46 19.25
N TYR A 296 21.71 18.47 20.14
CA TYR A 296 20.74 17.39 20.08
C TYR A 296 19.65 17.62 21.14
N HIS A 297 18.39 17.56 20.72
CA HIS A 297 17.21 17.68 21.58
C HIS A 297 16.54 16.31 21.66
N PRO A 298 16.50 15.63 22.81
CA PRO A 298 15.87 14.31 22.92
C PRO A 298 14.37 14.32 22.61
N ASN A 299 13.67 15.39 23.00
CA ASN A 299 12.26 15.64 22.72
C ASN A 299 12.15 16.79 21.69
N CYS A 300 11.52 16.56 20.55
CA CYS A 300 11.51 17.50 19.42
C CYS A 300 10.60 18.72 19.61
N VAL A 301 9.78 18.78 20.65
CA VAL A 301 9.00 19.99 20.99
C VAL A 301 9.90 21.19 21.29
N ASN A 302 11.19 20.94 21.60
CA ASN A 302 12.24 21.91 21.86
C ASN A 302 13.03 22.35 20.61
N CYS A 303 12.80 21.75 19.43
CA CYS A 303 13.53 22.05 18.18
C CYS A 303 13.23 23.45 17.62
N LEU A 304 14.14 23.96 16.78
CA LEU A 304 14.09 25.29 16.19
C LEU A 304 13.41 25.45 14.81
N ASP A 305 13.39 24.42 13.94
CA ASP A 305 12.78 24.45 12.60
C ASP A 305 12.69 23.02 12.00
N ASP A 306 12.15 22.90 10.78
CA ASP A 306 12.01 21.57 10.13
C ASP A 306 13.35 20.83 10.14
N ARG A 307 14.43 21.52 9.74
CA ARG A 307 15.75 20.92 9.56
C ARG A 307 16.33 20.45 10.90
N CYS A 308 16.00 21.13 12.00
CA CYS A 308 16.39 20.70 13.33
C CYS A 308 15.56 19.47 13.73
N ILE A 309 14.26 19.38 13.38
CA ILE A 309 13.40 18.21 13.64
C ILE A 309 13.94 16.98 12.90
N LEU A 310 14.36 17.11 11.65
CA LEU A 310 14.99 16.00 10.91
C LEU A 310 16.33 15.58 11.49
N HIS A 311 17.12 16.55 11.95
CA HIS A 311 18.42 16.25 12.62
C HIS A 311 18.18 15.36 13.85
N CYS A 312 17.38 15.84 14.78
CA CYS A 312 17.17 15.24 16.10
C CYS A 312 16.34 13.95 16.04
N ALA A 313 15.37 13.82 15.13
CA ALA A 313 14.62 12.58 14.94
C ALA A 313 15.49 11.44 14.40
N ASN A 314 16.54 11.72 13.63
CA ASN A 314 17.47 10.70 13.12
C ASN A 314 18.27 10.02 14.23
N PHE A 315 18.62 10.70 15.32
CA PHE A 315 19.25 10.05 16.47
C PHE A 315 18.24 9.28 17.31
N ASN A 316 17.00 9.74 17.40
CA ASN A 316 15.96 9.03 18.11
C ASN A 316 15.56 7.71 17.44
N VAL A 317 15.57 7.56 16.10
CA VAL A 317 15.39 6.22 15.50
C VAL A 317 16.50 5.22 15.85
N LEU A 318 17.72 5.66 16.18
CA LEU A 318 18.77 4.77 16.66
C LEU A 318 18.55 4.40 18.14
N PHE A 319 18.39 5.39 19.01
CA PHE A 319 18.30 5.17 20.45
C PHE A 319 17.00 4.51 20.89
N SER A 320 15.87 4.75 20.22
CA SER A 320 14.59 4.11 20.57
C SER A 320 14.55 2.60 20.35
N THR A 321 15.61 1.99 19.82
CA THR A 321 15.76 0.53 19.70
C THR A 321 16.31 -0.13 20.98
N VAL A 322 16.82 0.65 21.94
CA VAL A 322 17.35 0.17 23.23
C VAL A 322 16.23 0.00 24.28
N PHE A 323 15.15 0.77 24.18
CA PHE A 323 14.08 0.88 25.18
C PHE A 323 12.90 -0.08 24.92
N PRO A 324 12.12 -0.48 25.94
CA PRO A 324 11.11 -1.53 25.80
C PRO A 324 9.89 -1.09 24.97
N PRO A 325 9.32 -1.94 24.08
CA PRO A 325 8.16 -1.60 23.26
C PRO A 325 6.92 -1.08 24.00
N THR A 326 6.68 -1.51 25.24
CA THR A 326 5.55 -1.09 26.08
C THR A 326 5.61 0.37 26.52
N SER A 327 6.76 1.04 26.35
CA SER A 327 7.02 2.43 26.75
C SER A 327 6.46 3.49 25.79
N PHE A 328 6.21 3.12 24.55
CA PHE A 328 5.76 4.02 23.47
C PHE A 328 4.22 4.07 23.36
N GLY A 329 3.69 5.00 22.59
CA GLY A 329 2.24 5.14 22.39
C GLY A 329 1.59 6.12 23.39
N PRO A 330 0.25 6.15 23.47
CA PRO A 330 -0.47 7.13 24.29
C PRO A 330 -0.05 7.11 25.74
N LEU A 331 0.05 8.28 26.39
CA LEU A 331 0.27 8.39 27.83
C LEU A 331 -1.06 8.80 28.46
N VAL A 332 -1.59 8.05 29.43
CA VAL A 332 -2.97 8.21 29.90
C VAL A 332 -3.02 8.58 31.38
N ARG A 333 -4.05 9.34 31.74
CA ARG A 333 -4.28 9.92 33.07
C ARG A 333 -5.75 9.79 33.47
N LYS A 334 -6.03 9.75 34.77
CA LYS A 334 -7.37 9.64 35.35
C LYS A 334 -7.94 11.04 35.56
N ILE A 335 -9.16 11.29 35.08
CA ILE A 335 -9.83 12.62 35.02
C ILE A 335 -11.30 12.47 35.46
N PHE A 336 -11.91 13.46 36.13
CA PHE A 336 -13.28 13.34 36.65
C PHE A 336 -14.30 14.16 35.85
N VAL A 337 -15.31 13.49 35.31
CA VAL A 337 -16.42 14.12 34.59
C VAL A 337 -17.69 13.92 35.40
N ASP A 338 -18.31 14.99 35.89
CA ASP A 338 -19.51 14.94 36.76
C ASP A 338 -19.34 13.97 37.94
N GLY A 339 -18.12 13.89 38.49
CA GLY A 339 -17.72 13.03 39.59
C GLY A 339 -17.26 11.61 39.24
N VAL A 340 -17.53 11.05 38.04
CA VAL A 340 -17.05 9.70 37.65
C VAL A 340 -15.65 9.76 37.02
N PRO A 341 -14.74 8.81 37.33
CA PRO A 341 -13.38 8.82 36.79
C PRO A 341 -13.21 8.17 35.41
N PHE A 342 -12.89 8.97 34.39
CA PHE A 342 -12.46 8.53 33.06
C PHE A 342 -10.96 8.23 33.02
N VAL A 343 -10.50 7.39 32.10
CA VAL A 343 -9.09 7.27 31.70
C VAL A 343 -8.94 7.74 30.26
N VAL A 344 -8.13 8.75 30.00
CA VAL A 344 -7.99 9.38 28.68
C VAL A 344 -6.53 9.77 28.40
N SER A 345 -6.17 9.92 27.13
CA SER A 345 -4.82 10.32 26.69
C SER A 345 -4.51 11.77 27.03
N THR A 346 -3.38 12.04 27.70
CA THR A 346 -2.88 13.39 27.98
C THR A 346 -1.43 13.60 27.50
N GLY A 347 -1.03 12.88 26.45
CA GLY A 347 0.26 12.99 25.80
C GLY A 347 0.51 11.82 24.86
N TYR A 348 1.72 11.70 24.35
CA TYR A 348 2.19 10.58 23.55
C TYR A 348 3.70 10.40 23.76
N HIS A 349 4.23 9.19 23.56
CA HIS A 349 5.67 8.96 23.50
C HIS A 349 6.02 8.34 22.14
N PHE A 350 6.74 9.09 21.31
CA PHE A 350 7.04 8.73 19.93
C PHE A 350 8.44 8.14 19.83
N ARG A 351 8.64 7.12 18.97
CA ARG A 351 9.98 6.60 18.70
C ARG A 351 10.90 7.62 18.05
N GLU A 352 10.37 8.54 17.23
CA GLU A 352 11.10 9.63 16.57
C GLU A 352 11.06 10.96 17.32
N LEU A 353 9.88 11.47 17.70
CA LEU A 353 9.71 12.82 18.25
C LEU A 353 9.91 12.95 19.77
N GLY A 354 10.15 11.86 20.51
CA GLY A 354 10.28 11.87 21.97
C GLY A 354 8.95 11.98 22.73
N VAL A 355 8.97 12.46 23.97
CA VAL A 355 7.76 12.68 24.79
C VAL A 355 7.05 13.98 24.43
N VAL A 356 5.73 13.96 24.29
CA VAL A 356 4.89 15.15 24.05
C VAL A 356 3.71 15.17 25.01
N HIS A 357 3.43 16.31 25.64
CA HIS A 357 2.31 16.51 26.57
C HIS A 357 1.30 17.51 26.03
N ASN A 358 0.00 17.25 26.22
CA ASN A 358 -1.09 18.09 25.74
C ASN A 358 -1.21 19.36 26.58
N GLN A 359 -1.55 20.49 25.96
CA GLN A 359 -1.63 21.79 26.63
C GLN A 359 -2.99 22.12 27.27
N ASP A 360 -4.10 21.58 26.74
CA ASP A 360 -5.47 21.87 27.20
C ASP A 360 -6.13 20.75 28.03
N VAL A 361 -5.39 20.18 28.98
CA VAL A 361 -5.85 19.14 29.91
C VAL A 361 -6.66 19.71 31.07
N ASN A 362 -7.89 19.25 31.29
CA ASN A 362 -8.75 19.61 32.44
C ASN A 362 -8.94 18.42 33.39
N LEU A 363 -8.59 18.55 34.68
CA LEU A 363 -8.73 17.43 35.64
C LEU A 363 -10.16 17.23 36.16
N HIS A 364 -10.99 18.27 36.12
CA HIS A 364 -12.40 18.24 36.55
C HIS A 364 -13.30 18.93 35.52
N SER A 365 -14.39 18.28 35.13
CA SER A 365 -15.38 18.82 34.16
C SER A 365 -16.82 18.55 34.63
N SER A 366 -17.74 19.47 34.36
CA SER A 366 -19.15 19.32 34.74
C SER A 366 -20.01 18.64 33.67
N ARG A 367 -19.76 18.91 32.38
CA ARG A 367 -20.49 18.36 31.21
C ARG A 367 -19.56 18.28 29.99
N LEU A 368 -19.88 17.43 29.02
CA LEU A 368 -19.11 17.27 27.77
C LEU A 368 -19.89 17.78 26.54
N SER A 369 -19.29 18.65 25.74
CA SER A 369 -19.82 19.06 24.44
C SER A 369 -19.70 17.96 23.39
N PHE A 370 -20.37 18.08 22.25
CA PHE A 370 -20.22 17.13 21.14
C PHE A 370 -18.76 16.98 20.68
N LYS A 371 -18.00 18.08 20.64
CA LYS A 371 -16.57 18.09 20.31
C LYS A 371 -15.73 17.29 21.30
N GLU A 372 -16.08 17.29 22.60
CA GLU A 372 -15.35 16.49 23.59
C GLU A 372 -15.75 15.02 23.60
N LEU A 373 -17.03 14.70 23.37
CA LEU A 373 -17.45 13.32 23.16
C LEU A 373 -16.77 12.68 21.95
N LEU A 374 -16.55 13.42 20.85
CA LEU A 374 -15.80 12.91 19.70
C LEU A 374 -14.35 12.58 20.05
N VAL A 375 -13.65 13.46 20.78
CA VAL A 375 -12.26 13.22 21.19
C VAL A 375 -12.16 12.01 22.12
N TYR A 376 -13.04 11.95 23.12
CA TYR A 376 -13.05 10.79 24.05
C TYR A 376 -13.37 9.50 23.28
N ALA A 377 -14.36 9.54 22.38
CA ALA A 377 -14.75 8.35 21.62
C ALA A 377 -13.59 7.87 20.75
N ALA A 378 -12.95 8.80 20.04
CA ALA A 378 -11.81 8.44 19.15
C ALA A 378 -10.65 7.89 19.99
N ASP A 379 -10.43 8.47 21.18
CA ASP A 379 -9.31 8.03 22.06
C ASP A 379 -9.39 6.52 22.26
N PRO A 380 -8.35 5.74 21.88
CA PRO A 380 -8.36 4.30 22.12
C PRO A 380 -8.24 3.95 23.59
N ALA A 381 -7.80 4.90 24.42
CA ALA A 381 -7.60 4.63 25.86
C ALA A 381 -8.77 3.82 26.42
N MET A 382 -9.99 4.35 26.35
CA MET A 382 -11.15 3.68 26.94
C MET A 382 -11.42 2.30 26.32
N HIS A 383 -11.14 2.14 25.02
CA HIS A 383 -11.33 0.88 24.31
C HIS A 383 -10.30 -0.16 24.75
N ALA A 384 -9.02 0.21 24.79
CA ALA A 384 -7.95 -0.69 25.19
C ALA A 384 -7.91 -0.95 26.70
N ALA A 385 -8.19 0.03 27.57
CA ALA A 385 -8.17 -0.18 29.02
C ALA A 385 -9.30 -1.08 29.56
N SER A 386 -10.44 -1.18 28.86
CA SER A 386 -11.59 -2.01 29.24
C SER A 386 -11.63 -3.39 28.56
N GLY A 387 -10.79 -3.64 27.55
CA GLY A 387 -10.72 -4.91 26.82
C GLY A 387 -9.90 -6.00 27.52
N ASN A 388 -9.99 -7.23 27.02
CA ASN A 388 -9.21 -8.38 27.53
C ASN A 388 -7.74 -8.30 27.08
N LEU A 389 -6.82 -8.94 27.79
CA LEU A 389 -5.44 -9.09 27.29
C LEU A 389 -5.42 -10.04 26.10
N LEU A 390 -4.60 -9.77 25.08
CA LEU A 390 -4.46 -10.60 23.89
C LEU A 390 -3.01 -11.02 23.62
N LEU A 391 -2.78 -12.33 23.49
CA LEU A 391 -1.56 -12.92 22.96
C LEU A 391 -1.87 -13.62 21.62
N ASP A 392 -1.71 -12.92 20.50
CA ASP A 392 -2.00 -13.47 19.17
C ASP A 392 -0.71 -13.97 18.54
N LYS A 393 -0.52 -15.29 18.44
CA LYS A 393 0.69 -15.92 17.88
C LYS A 393 0.67 -16.05 16.36
N ARG A 394 -0.37 -15.56 15.65
CA ARG A 394 -0.43 -15.56 14.18
C ARG A 394 0.46 -14.50 13.52
N THR A 395 0.97 -13.52 14.29
CA THR A 395 1.79 -12.39 13.82
C THR A 395 2.94 -12.05 14.75
N THR A 396 3.92 -11.28 14.26
CA THR A 396 5.06 -10.80 15.07
C THR A 396 4.85 -9.35 15.58
N CYS A 397 3.80 -8.68 15.10
CA CYS A 397 3.40 -7.32 15.51
C CYS A 397 2.87 -7.37 16.95
N PHE A 398 3.07 -6.29 17.71
CA PHE A 398 2.67 -6.18 19.12
C PHE A 398 1.15 -6.02 19.27
N SER A 399 0.50 -6.92 20.01
CA SER A 399 -0.95 -6.93 20.24
C SER A 399 -1.30 -6.32 21.59
N VAL A 400 -2.29 -5.43 21.65
CA VAL A 400 -2.65 -4.68 22.86
C VAL A 400 -3.77 -5.38 23.64
N ALA A 401 -4.97 -5.47 23.07
CA ALA A 401 -6.16 -5.99 23.73
C ALA A 401 -7.22 -6.49 22.74
N ALA A 402 -8.08 -7.40 23.20
CA ALA A 402 -9.22 -7.91 22.45
C ALA A 402 -10.51 -7.24 22.95
N LEU A 403 -11.27 -6.64 22.05
CA LEU A 403 -12.44 -5.83 22.40
C LEU A 403 -13.71 -6.65 22.65
N THR A 404 -13.70 -7.94 22.29
CA THR A 404 -14.80 -8.91 22.42
C THR A 404 -14.29 -10.29 22.84
N ASN A 405 -15.15 -11.16 23.37
CA ASN A 405 -14.82 -12.53 23.80
C ASN A 405 -14.53 -13.53 22.67
N ASN A 406 -14.84 -13.19 21.41
CA ASN A 406 -14.65 -14.03 20.22
C ASN A 406 -13.71 -13.35 19.22
N VAL A 407 -12.89 -14.13 18.51
CA VAL A 407 -12.10 -13.64 17.35
C VAL A 407 -12.94 -13.69 16.08
N ALA A 408 -12.85 -12.68 15.22
CA ALA A 408 -13.55 -12.63 13.93
C ALA A 408 -12.63 -13.06 12.77
N PHE A 409 -13.12 -13.98 11.94
CA PHE A 409 -12.44 -14.50 10.75
C PHE A 409 -13.22 -14.10 9.50
N GLN A 410 -12.64 -13.29 8.62
CA GLN A 410 -13.30 -12.85 7.39
C GLN A 410 -12.69 -13.47 6.12
N THR A 411 -13.55 -14.13 5.33
CA THR A 411 -13.25 -14.81 4.07
C THR A 411 -13.53 -13.90 2.86
N VAL A 412 -13.04 -14.29 1.69
CA VAL A 412 -13.31 -13.60 0.42
C VAL A 412 -13.90 -14.64 -0.53
N LYS A 413 -15.03 -14.35 -1.17
CA LYS A 413 -15.72 -15.26 -2.08
C LYS A 413 -15.32 -15.06 -3.56
N PRO A 414 -15.52 -16.04 -4.46
CA PRO A 414 -15.20 -15.90 -5.87
C PRO A 414 -16.09 -14.86 -6.58
N GLY A 415 -15.76 -14.50 -7.81
CA GLY A 415 -16.53 -13.57 -8.65
C GLY A 415 -17.65 -14.30 -9.38
N ASN A 416 -18.72 -13.61 -9.77
CA ASN A 416 -19.82 -14.22 -10.51
C ASN A 416 -19.46 -14.35 -12.00
N PHE A 417 -19.85 -15.44 -12.65
CA PHE A 417 -19.52 -15.68 -14.05
C PHE A 417 -20.63 -15.25 -15.02
N ASN A 418 -20.31 -14.30 -15.89
CA ASN A 418 -21.18 -13.75 -16.93
C ASN A 418 -21.13 -14.65 -18.17
N LYS A 419 -21.80 -15.80 -18.10
CA LYS A 419 -21.79 -16.82 -19.16
C LYS A 419 -22.27 -16.34 -20.53
N ASP A 420 -23.25 -15.44 -20.62
CA ASP A 420 -23.73 -14.94 -21.92
C ASP A 420 -22.66 -14.18 -22.71
N PHE A 421 -21.79 -13.41 -22.07
CA PHE A 421 -20.70 -12.69 -22.75
C PHE A 421 -19.59 -13.66 -23.15
N TYR A 422 -19.27 -14.64 -22.29
CA TYR A 422 -18.26 -15.64 -22.60
C TYR A 422 -18.70 -16.55 -23.78
N ASP A 423 -19.94 -17.04 -23.80
CA ASP A 423 -20.46 -17.82 -24.93
C ASP A 423 -20.46 -17.00 -26.22
N PHE A 424 -20.73 -15.69 -26.14
CA PHE A 424 -20.68 -14.81 -27.30
C PHE A 424 -19.25 -14.69 -27.82
N ALA A 425 -18.28 -14.40 -26.96
CA ALA A 425 -16.87 -14.28 -27.33
C ALA A 425 -16.35 -15.55 -28.00
N VAL A 426 -16.66 -16.73 -27.44
CA VAL A 426 -16.25 -18.02 -28.02
C VAL A 426 -16.85 -18.21 -29.42
N SER A 427 -18.07 -17.73 -29.69
CA SER A 427 -18.67 -17.82 -31.03
C SER A 427 -17.92 -16.96 -32.06
N LYS A 428 -17.25 -15.88 -31.62
CA LYS A 428 -16.42 -14.96 -32.45
C LYS A 428 -14.98 -15.46 -32.59
N GLY A 429 -14.66 -16.65 -32.10
CA GLY A 429 -13.35 -17.29 -32.18
C GLY A 429 -12.37 -16.97 -31.06
N PHE A 430 -12.78 -16.32 -29.98
CA PHE A 430 -11.90 -16.04 -28.84
C PHE A 430 -11.58 -17.29 -28.02
N PHE A 431 -10.55 -17.19 -27.19
CA PHE A 431 -10.08 -18.20 -26.24
C PHE A 431 -9.62 -19.55 -26.82
N LYS A 432 -9.25 -19.59 -28.10
CA LYS A 432 -8.67 -20.80 -28.75
C LYS A 432 -7.27 -21.06 -28.18
N GLU A 433 -6.84 -22.31 -28.15
CA GLU A 433 -5.51 -22.68 -27.65
C GLU A 433 -4.41 -22.10 -28.56
N GLY A 434 -3.35 -21.57 -27.94
CA GLY A 434 -2.22 -20.93 -28.60
C GLY A 434 -2.45 -19.48 -29.07
N SER A 435 -3.62 -18.89 -28.80
CA SER A 435 -3.96 -17.49 -29.10
C SER A 435 -3.15 -16.50 -28.25
N SER A 436 -2.83 -15.31 -28.75
CA SER A 436 -2.06 -14.30 -27.99
C SER A 436 -2.89 -13.62 -26.89
N VAL A 437 -4.22 -13.75 -26.93
CA VAL A 437 -5.17 -13.20 -25.95
C VAL A 437 -5.81 -14.35 -25.18
N GLU A 438 -5.72 -14.33 -23.84
CA GLU A 438 -6.27 -15.36 -22.95
C GLU A 438 -6.62 -14.78 -21.58
N LEU A 439 -7.43 -15.48 -20.79
CA LEU A 439 -7.85 -15.03 -19.46
C LEU A 439 -6.72 -15.16 -18.43
N LYS A 440 -6.33 -14.04 -17.82
CA LYS A 440 -5.28 -13.93 -16.78
C LYS A 440 -5.72 -13.15 -15.54
N HIS A 441 -6.83 -12.39 -15.62
CA HIS A 441 -7.37 -11.59 -14.53
C HIS A 441 -8.63 -12.27 -14.00
N PHE A 442 -8.66 -12.57 -12.70
CA PHE A 442 -9.74 -13.28 -12.01
C PHE A 442 -10.00 -12.74 -10.59
N PHE A 443 -11.10 -13.15 -9.97
CA PHE A 443 -11.40 -12.86 -8.58
C PHE A 443 -10.93 -14.09 -7.79
N PHE A 444 -10.03 -13.93 -6.82
CA PHE A 444 -9.46 -15.03 -6.03
C PHE A 444 -10.13 -15.13 -4.65
N ALA A 445 -10.58 -16.32 -4.27
CA ALA A 445 -11.20 -16.57 -2.97
C ALA A 445 -10.13 -16.65 -1.87
N GLN A 446 -10.50 -16.39 -0.61
CA GLN A 446 -9.59 -16.41 0.54
C GLN A 446 -10.22 -17.04 1.78
N ASP A 447 -9.44 -17.73 2.62
CA ASP A 447 -9.88 -18.33 3.88
C ASP A 447 -9.95 -17.29 5.01
N GLY A 448 -10.45 -17.66 6.19
CA GLY A 448 -10.63 -16.74 7.32
C GLY A 448 -9.36 -16.04 7.85
N ASN A 449 -8.20 -16.58 7.52
CA ASN A 449 -6.92 -15.99 8.00
C ASN A 449 -6.49 -14.86 7.07
N ALA A 450 -7.24 -14.62 5.99
CA ALA A 450 -6.85 -13.67 4.92
C ALA A 450 -6.35 -12.36 5.54
N ALA A 451 -7.21 -11.69 6.32
CA ALA A 451 -6.92 -10.32 6.82
C ALA A 451 -5.58 -10.30 7.55
N ILE A 452 -5.52 -10.97 8.71
CA ILE A 452 -4.31 -10.96 9.54
C ILE A 452 -3.06 -11.38 8.76
N SER A 453 -3.21 -12.20 7.71
CA SER A 453 -2.10 -12.62 6.85
C SER A 453 -1.55 -11.43 6.05
N ASP A 454 -2.40 -10.55 5.54
CA ASP A 454 -1.95 -9.35 4.81
C ASP A 454 -1.38 -8.28 5.78
N TYR A 455 -1.95 -8.15 6.97
CA TYR A 455 -1.44 -7.23 7.99
C TYR A 455 -0.02 -7.58 8.45
N ASP A 456 0.35 -8.86 8.53
CA ASP A 456 1.69 -9.29 8.94
C ASP A 456 2.81 -8.83 7.98
N TYR A 457 2.52 -8.37 6.74
CA TYR A 457 3.57 -7.88 5.84
C TYR A 457 4.24 -6.60 6.39
N TYR A 458 3.68 -5.92 7.40
CA TYR A 458 4.35 -4.81 8.10
C TYR A 458 5.64 -5.24 8.81
N ARG A 459 5.92 -6.54 8.81
CA ARG A 459 7.23 -7.04 9.34
C ARG A 459 8.39 -6.36 8.59
N TYR A 460 8.21 -6.12 7.29
CA TYR A 460 9.23 -5.58 6.39
C TYR A 460 9.63 -4.14 6.74
N ASN A 461 8.94 -3.47 7.68
CA ASN A 461 9.30 -2.13 8.15
C ASN A 461 10.31 -2.21 9.29
N LEU A 462 11.59 -2.00 8.96
CA LEU A 462 12.72 -2.02 9.88
C LEU A 462 13.15 -0.59 10.25
N PRO A 463 13.57 -0.32 11.51
CA PRO A 463 14.12 0.99 11.87
C PRO A 463 15.35 1.32 11.01
N THR A 464 15.40 2.54 10.48
CA THR A 464 16.32 2.94 9.42
C THR A 464 16.84 4.35 9.71
N MET A 465 18.09 4.45 10.15
CA MET A 465 18.78 5.71 10.36
C MET A 465 19.32 6.21 9.01
N CYS A 466 19.11 7.48 8.69
CA CYS A 466 19.59 8.09 7.45
C CYS A 466 21.00 8.69 7.62
N ASP A 467 21.71 8.87 6.50
CA ASP A 467 22.75 9.88 6.40
C ASP A 467 22.07 11.25 6.47
N ILE A 468 22.32 12.02 7.53
CA ILE A 468 21.62 13.27 7.76
C ILE A 468 22.20 14.43 6.94
N ARG A 469 23.52 14.43 6.76
CA ARG A 469 24.15 15.49 5.91
C ARG A 469 23.59 15.37 4.48
N GLN A 470 23.47 14.14 3.97
CA GLN A 470 22.82 13.89 2.69
C GLN A 470 21.32 14.24 2.69
N LEU A 471 20.53 13.77 3.65
CA LEU A 471 19.09 14.04 3.68
C LEU A 471 18.75 15.52 3.81
N LEU A 472 19.51 16.30 4.58
CA LEU A 472 19.32 17.75 4.73
C LEU A 472 19.71 18.58 3.50
N PHE A 473 20.41 18.01 2.51
CA PHE A 473 20.58 18.63 1.19
C PHE A 473 19.49 18.16 0.23
N VAL A 474 19.24 16.86 0.17
CA VAL A 474 18.19 16.28 -0.69
C VAL A 474 16.84 16.94 -0.41
N VAL A 475 16.47 17.18 0.85
CA VAL A 475 15.19 17.81 1.20
C VAL A 475 15.05 19.23 0.65
N GLU A 476 16.13 19.95 0.36
CA GLU A 476 16.08 21.30 -0.22
C GLU A 476 15.94 21.25 -1.75
N VAL A 477 16.45 20.20 -2.41
CA VAL A 477 16.32 20.01 -3.86
C VAL A 477 14.94 19.42 -4.16
N VAL A 478 14.42 18.54 -3.31
CA VAL A 478 13.09 17.94 -3.44
C VAL A 478 12.02 19.03 -3.35
N ASP A 479 12.21 20.02 -2.48
CA ASP A 479 11.29 21.15 -2.31
C ASP A 479 11.21 22.04 -3.57
N LYS A 480 12.25 22.10 -4.41
CA LYS A 480 12.23 22.90 -5.64
C LYS A 480 11.18 22.40 -6.64
N TYR A 481 10.78 21.13 -6.56
CA TYR A 481 9.72 20.54 -7.38
C TYR A 481 8.31 20.99 -6.95
N PHE A 482 8.16 21.70 -5.83
CA PHE A 482 6.90 22.15 -5.27
C PHE A 482 6.79 23.69 -5.16
N ASP A 483 7.69 24.47 -5.77
CA ASP A 483 7.62 25.95 -5.77
C ASP A 483 6.48 26.49 -6.68
N CYS A 484 5.95 25.65 -7.55
CA CYS A 484 4.87 25.94 -8.51
C CYS A 484 3.48 26.17 -7.90
N TYR A 485 3.27 25.74 -6.64
CA TYR A 485 1.96 25.69 -5.98
C TYR A 485 1.78 26.57 -4.74
N ASP A 486 0.55 27.01 -4.50
CA ASP A 486 0.13 27.75 -3.31
C ASP A 486 -0.39 26.77 -2.24
N GLY A 487 -0.54 27.19 -0.99
CA GLY A 487 -1.03 26.32 0.09
C GLY A 487 -1.32 27.11 1.38
N GLY A 488 -1.91 26.45 2.38
CA GLY A 488 -2.28 27.09 3.64
C GLY A 488 -3.58 26.53 4.22
N CYS A 489 -3.98 27.03 5.39
CA CYS A 489 -5.19 26.60 6.09
C CYS A 489 -6.45 27.25 5.50
N ILE A 490 -7.59 26.60 5.68
CA ILE A 490 -8.92 27.06 5.24
C ILE A 490 -9.94 26.81 6.36
N ASN A 491 -11.07 27.52 6.35
CA ASN A 491 -12.16 27.30 7.29
C ASN A 491 -13.05 26.14 6.86
N ALA A 492 -13.86 25.60 7.77
CA ALA A 492 -14.83 24.54 7.47
C ALA A 492 -15.84 24.92 6.37
N ASN A 493 -16.08 26.22 6.14
CA ASN A 493 -16.91 26.76 5.06
C ASN A 493 -16.42 26.40 3.65
N GLN A 494 -15.11 26.23 3.48
CA GLN A 494 -14.41 26.05 2.19
C GLN A 494 -14.00 24.62 1.85
N VAL A 495 -14.13 23.67 2.78
CA VAL A 495 -13.74 22.27 2.58
C VAL A 495 -14.72 21.55 1.64
N ILE A 496 -14.20 20.83 0.64
CA ILE A 496 -14.96 20.06 -0.35
C ILE A 496 -14.78 18.56 -0.08
N VAL A 497 -15.89 17.82 0.01
CA VAL A 497 -15.93 16.36 0.26
C VAL A 497 -16.55 15.65 -0.95
N ASN A 498 -15.86 14.64 -1.52
CA ASN A 498 -16.31 13.93 -2.72
C ASN A 498 -17.58 13.07 -2.55
N ASN A 499 -17.64 12.28 -1.48
CA ASN A 499 -18.75 11.38 -1.20
C ASN A 499 -18.89 11.20 0.31
N LEU A 500 -20.02 11.63 0.85
CA LEU A 500 -20.34 11.57 2.28
C LEU A 500 -20.91 10.21 2.71
N ASP A 501 -21.34 9.35 1.78
CA ASP A 501 -21.89 8.03 2.08
C ASP A 501 -20.78 6.95 2.14
N LYS A 502 -19.77 7.23 2.96
CA LYS A 502 -18.60 6.37 3.22
C LYS A 502 -18.34 6.26 4.71
N SER A 503 -17.65 5.22 5.15
CA SER A 503 -17.46 4.91 6.56
C SER A 503 -16.66 5.97 7.32
N ALA A 504 -17.07 6.26 8.56
CA ALA A 504 -16.40 7.32 9.35
C ALA A 504 -15.24 6.75 10.17
N GLY A 505 -15.16 5.44 10.33
CA GLY A 505 -14.04 4.78 11.04
C GLY A 505 -14.44 4.05 12.28
N PHE A 506 -13.58 4.00 13.29
CA PHE A 506 -13.92 3.35 14.59
C PHE A 506 -13.68 4.35 15.71
N PRO A 507 -14.62 4.50 16.68
CA PRO A 507 -15.78 3.63 16.80
C PRO A 507 -17.11 4.28 16.41
N PHE A 508 -17.14 4.92 15.24
CA PHE A 508 -18.37 5.64 14.79
C PHE A 508 -19.12 4.84 13.73
N ASN A 509 -18.46 3.89 13.07
CA ASN A 509 -19.09 3.11 11.97
C ASN A 509 -20.27 2.35 12.57
N LYS A 510 -20.59 2.63 13.84
CA LYS A 510 -21.71 1.93 14.53
C LYS A 510 -22.92 2.87 14.60
N TRP A 511 -22.74 4.13 14.22
CA TRP A 511 -23.83 5.13 14.37
C TRP A 511 -24.19 5.76 13.03
N GLY A 512 -23.29 5.70 12.03
CA GLY A 512 -23.60 6.39 10.77
C GLY A 512 -22.40 6.50 9.84
N LYS A 513 -22.50 7.38 8.85
CA LYS A 513 -21.44 7.57 7.84
C LYS A 513 -20.92 9.00 7.92
N ALA A 514 -19.87 9.35 7.22
CA ALA A 514 -19.20 10.67 7.33
C ALA A 514 -20.26 11.79 7.26
N ARG A 515 -21.30 11.59 6.45
CA ARG A 515 -22.35 12.61 6.27
C ARG A 515 -22.97 12.96 7.64
N LEU A 516 -23.23 11.95 8.47
CA LEU A 516 -23.87 12.20 9.79
C LEU A 516 -23.06 13.23 10.58
N TYR A 517 -21.75 13.02 10.69
CA TYR A 517 -20.90 13.94 11.50
C TYR A 517 -20.83 15.30 10.80
N TYR A 518 -20.52 15.31 9.51
CA TYR A 518 -20.54 16.58 8.77
C TYR A 518 -21.87 17.33 8.91
N ASP A 519 -23.02 16.65 8.98
CA ASP A 519 -24.31 17.31 9.23
C ASP A 519 -24.53 17.69 10.70
N SER A 520 -24.06 16.89 11.66
CA SER A 520 -24.23 17.14 13.10
C SER A 520 -23.38 18.29 13.66
N MET A 521 -22.20 18.57 13.08
CA MET A 521 -21.30 19.62 13.58
C MET A 521 -21.39 20.90 12.74
N SER A 522 -21.80 21.99 13.37
CA SER A 522 -21.78 23.31 12.75
C SER A 522 -20.34 23.74 12.46
N TYR A 523 -20.14 24.71 11.56
CA TYR A 523 -18.80 25.12 11.15
C TYR A 523 -17.95 25.67 12.31
N GLU A 524 -18.53 26.13 13.41
CA GLU A 524 -17.76 26.50 14.61
C GLU A 524 -17.38 25.31 15.50
N ASP A 525 -18.10 24.18 15.48
CA ASP A 525 -17.66 22.93 16.12
C ASP A 525 -16.49 22.31 15.34
N GLN A 526 -16.51 22.43 14.01
CA GLN A 526 -15.45 21.93 13.14
C GLN A 526 -14.18 22.78 13.20
N ASP A 527 -14.29 24.11 13.18
CA ASP A 527 -13.14 25.00 13.37
C ASP A 527 -12.57 24.95 14.80
N ALA A 528 -13.39 24.77 15.84
CA ALA A 528 -12.90 24.55 17.20
C ALA A 528 -12.17 23.21 17.37
N LEU A 529 -12.66 22.12 16.76
CA LEU A 529 -11.95 20.84 16.71
C LEU A 529 -10.60 20.96 15.98
N PHE A 530 -10.52 21.67 14.86
CA PHE A 530 -9.26 21.88 14.15
C PHE A 530 -8.23 22.67 14.97
N ALA A 531 -8.64 23.79 15.58
CA ALA A 531 -7.78 24.62 16.42
C ALA A 531 -7.28 23.91 17.69
N TYR A 532 -7.97 22.89 18.20
CA TYR A 532 -7.53 22.08 19.33
C TYR A 532 -6.32 21.20 18.97
N THR A 533 -6.26 20.68 17.73
CA THR A 533 -5.15 19.85 17.24
C THR A 533 -3.83 20.61 17.08
N LYS A 534 -3.83 21.94 17.04
CA LYS A 534 -2.62 22.78 16.98
C LYS A 534 -1.96 22.94 18.36
N ARG A 535 -2.55 22.39 19.42
CA ARG A 535 -2.11 22.45 20.82
C ARG A 535 -2.15 21.12 21.58
N ASN A 536 -2.73 20.07 21.00
CA ASN A 536 -2.92 18.77 21.63
C ASN A 536 -2.81 17.61 20.63
N VAL A 537 -2.36 16.44 21.08
CA VAL A 537 -2.30 15.20 20.28
C VAL A 537 -3.59 14.40 20.49
N ILE A 538 -4.31 14.11 19.40
CA ILE A 538 -5.43 13.15 19.40
C ILE A 538 -4.92 11.84 18.77
N PRO A 539 -4.68 10.77 19.54
CA PRO A 539 -4.45 9.44 19.00
C PRO A 539 -5.77 8.82 18.55
N THR A 540 -5.79 7.99 17.50
CA THR A 540 -7.01 7.41 16.94
C THR A 540 -6.82 5.95 16.51
N ILE A 541 -7.91 5.16 16.47
CA ILE A 541 -7.93 3.78 15.97
C ILE A 541 -8.17 3.74 14.45
N THR A 542 -7.52 2.83 13.73
CA THR A 542 -7.68 2.60 12.28
C THR A 542 -8.19 1.19 11.98
N GLN A 543 -9.24 1.00 11.20
CA GLN A 543 -9.63 -0.36 10.76
C GLN A 543 -8.78 -0.89 9.60
N MET A 544 -8.59 -2.20 9.51
CA MET A 544 -8.08 -2.86 8.30
C MET A 544 -9.22 -3.59 7.62
N ASN A 545 -9.53 -3.20 6.37
CA ASN A 545 -10.63 -3.76 5.57
C ASN A 545 -10.06 -4.54 4.37
N LEU A 546 -10.53 -5.76 4.08
CA LEU A 546 -10.07 -6.53 2.90
C LEU A 546 -10.70 -5.91 1.64
N LYS A 547 -10.08 -6.07 0.47
CA LYS A 547 -10.57 -5.49 -0.80
C LYS A 547 -11.15 -6.60 -1.69
N TYR A 548 -12.22 -6.30 -2.44
CA TYR A 548 -12.86 -7.27 -3.36
C TYR A 548 -12.78 -6.72 -4.76
N ALA A 549 -11.74 -7.10 -5.52
CA ALA A 549 -11.54 -6.63 -6.87
C ALA A 549 -10.74 -7.63 -7.71
N ILE A 550 -10.83 -7.52 -9.03
CA ILE A 550 -10.17 -8.42 -9.99
C ILE A 550 -8.65 -8.23 -9.99
N SER A 551 -7.88 -9.31 -10.15
CA SER A 551 -6.40 -9.27 -10.14
C SER A 551 -5.74 -10.38 -10.94
N ALA A 552 -4.48 -10.17 -11.34
CA ALA A 552 -3.65 -11.14 -12.06
C ALA A 552 -2.81 -12.05 -11.14
N LYS A 553 -2.69 -11.70 -9.85
CA LYS A 553 -1.97 -12.39 -8.78
C LYS A 553 -2.89 -12.66 -7.60
N ASN A 554 -2.73 -13.81 -6.94
CA ASN A 554 -3.64 -14.33 -5.90
C ASN A 554 -3.53 -13.74 -4.49
N ARG A 555 -2.61 -12.81 -4.22
CA ARG A 555 -2.48 -12.23 -2.88
C ARG A 555 -3.67 -11.31 -2.57
N ALA A 556 -4.08 -11.28 -1.30
CA ALA A 556 -5.13 -10.38 -0.83
C ALA A 556 -4.64 -8.91 -0.74
N ARG A 557 -5.57 -7.96 -0.66
CA ARG A 557 -5.27 -6.53 -0.50
C ARG A 557 -6.12 -5.96 0.63
N THR A 558 -5.52 -5.21 1.55
CA THR A 558 -6.23 -4.52 2.63
C THR A 558 -5.98 -3.03 2.57
N VAL A 559 -6.96 -2.25 3.01
CA VAL A 559 -6.95 -0.78 3.02
C VAL A 559 -7.27 -0.26 4.42
N ALA A 560 -6.69 0.89 4.79
CA ALA A 560 -6.83 1.44 6.13
C ALA A 560 -8.06 2.35 6.22
N GLY A 561 -9.06 2.01 7.02
CA GLY A 561 -10.24 2.85 7.28
C GLY A 561 -9.98 3.87 8.38
N VAL A 562 -9.34 4.97 8.03
CA VAL A 562 -8.95 6.04 8.98
C VAL A 562 -10.17 6.76 9.55
N SER A 563 -10.17 6.98 10.87
CA SER A 563 -11.25 7.58 11.67
C SER A 563 -11.60 9.02 11.27
N ILE A 564 -12.80 9.51 11.58
CA ILE A 564 -13.25 10.84 11.13
C ILE A 564 -12.65 12.02 11.90
N CYS A 565 -12.20 11.90 13.16
CA CYS A 565 -11.43 12.97 13.81
C CYS A 565 -10.14 13.32 13.05
N SER A 566 -9.49 12.29 12.50
CA SER A 566 -8.28 12.40 11.69
C SER A 566 -8.61 12.91 10.30
N THR A 567 -9.53 12.25 9.60
CA THR A 567 -9.91 12.60 8.21
C THR A 567 -10.44 14.03 8.10
N MET A 568 -11.28 14.48 9.03
CA MET A 568 -11.91 15.80 8.99
C MET A 568 -10.92 16.96 9.17
N THR A 569 -9.92 16.81 10.04
CA THR A 569 -8.96 17.87 10.37
C THR A 569 -7.70 17.86 9.51
N ASN A 570 -7.20 16.71 9.05
CA ASN A 570 -6.10 16.64 8.07
C ASN A 570 -6.50 17.25 6.73
N ARG A 571 -7.74 17.02 6.29
CA ARG A 571 -8.35 17.62 5.09
C ARG A 571 -8.41 19.15 5.15
N GLN A 572 -8.64 19.74 6.31
CA GLN A 572 -8.67 21.19 6.51
C GLN A 572 -7.28 21.85 6.52
N PHE A 573 -6.22 21.10 6.79
CA PHE A 573 -4.82 21.55 6.80
C PHE A 573 -4.16 21.45 5.43
N HIS A 574 -4.35 20.32 4.72
CA HIS A 574 -3.69 20.02 3.43
C HIS A 574 -4.49 20.32 2.16
N GLN A 575 -5.84 20.31 2.13
CA GLN A 575 -6.61 20.40 0.88
C GLN A 575 -6.32 21.60 -0.05
N LYS A 576 -5.96 22.78 0.45
CA LYS A 576 -5.64 23.91 -0.45
C LYS A 576 -4.43 23.60 -1.33
N LEU A 577 -3.43 22.86 -0.82
CA LEU A 577 -2.26 22.43 -1.56
C LEU A 577 -2.59 21.25 -2.47
N LEU A 578 -3.30 20.24 -1.99
CA LEU A 578 -3.63 19.06 -2.79
C LEU A 578 -4.50 19.39 -4.01
N LYS A 579 -5.38 20.40 -3.91
CA LYS A 579 -6.18 20.92 -5.03
C LYS A 579 -5.36 21.77 -6.01
N SER A 580 -4.24 22.33 -5.58
CA SER A 580 -3.32 23.14 -6.40
C SER A 580 -2.38 22.24 -7.23
N ILE A 581 -1.95 21.11 -6.65
CA ILE A 581 -1.18 20.07 -7.35
C ILE A 581 -2.02 19.41 -8.45
N ALA A 582 -3.31 19.15 -8.22
CA ALA A 582 -4.19 18.55 -9.22
C ALA A 582 -4.69 19.54 -10.31
N ALA A 583 -4.61 20.85 -10.09
CA ALA A 583 -5.04 21.87 -11.06
C ALA A 583 -3.93 22.32 -12.03
N THR A 584 -2.66 22.08 -11.70
CA THR A 584 -1.48 22.45 -12.50
C THR A 584 -1.22 21.48 -13.66
N ARG A 585 -0.65 21.95 -14.79
CA ARG A 585 -0.29 21.16 -15.98
C ARG A 585 1.15 21.47 -16.39
N GLY A 586 1.88 20.47 -16.87
CA GLY A 586 3.27 20.59 -17.32
C GLY A 586 4.34 20.44 -16.23
N ALA A 587 3.95 20.13 -14.99
CA ALA A 587 4.85 19.91 -13.85
C ALA A 587 5.43 18.47 -13.82
N THR A 588 6.27 18.15 -12.83
CA THR A 588 6.81 16.79 -12.65
C THR A 588 5.76 15.79 -12.15
N VAL A 589 4.90 16.20 -11.22
CA VAL A 589 3.83 15.36 -10.65
C VAL A 589 2.58 15.45 -11.53
N VAL A 590 2.10 14.33 -12.08
CA VAL A 590 1.00 14.28 -13.06
C VAL A 590 -0.34 13.80 -12.48
N ILE A 591 -0.55 13.89 -11.16
CA ILE A 591 -1.88 13.73 -10.55
C ILE A 591 -2.83 14.80 -11.14
N GLY A 592 -4.06 14.43 -11.48
CA GLY A 592 -5.06 15.38 -12.00
C GLY A 592 -5.12 15.60 -13.52
N THR A 593 -4.31 14.90 -14.32
CA THR A 593 -4.23 15.03 -15.79
C THR A 593 -4.88 13.81 -16.42
N SER A 594 -5.83 14.00 -17.33
CA SER A 594 -6.54 12.92 -18.01
C SER A 594 -5.73 12.35 -19.18
N LYS A 595 -5.97 11.07 -19.54
CA LYS A 595 -5.37 10.43 -20.73
C LYS A 595 -6.09 10.74 -22.06
N PHE A 596 -7.20 11.48 -21.96
CA PHE A 596 -8.15 11.59 -23.10
C PHE A 596 -7.92 12.91 -23.83
N TYR A 597 -8.49 13.00 -25.04
CA TYR A 597 -8.46 14.25 -25.87
C TYR A 597 -7.02 14.76 -25.94
N GLY A 598 -6.05 13.85 -26.06
CA GLY A 598 -4.65 14.22 -26.35
C GLY A 598 -3.79 14.25 -25.10
N GLY A 599 -4.41 14.32 -23.92
CA GLY A 599 -3.63 14.45 -22.68
C GLY A 599 -2.46 13.47 -22.53
N TRP A 600 -2.50 12.27 -23.10
CA TRP A 600 -1.37 11.32 -23.03
C TRP A 600 -0.18 11.78 -23.87
N HIS A 601 -0.42 12.31 -25.07
CA HIS A 601 0.59 12.89 -25.94
C HIS A 601 1.22 14.12 -25.32
N ASN A 602 0.43 14.98 -24.66
CA ASN A 602 0.91 16.16 -23.95
C ASN A 602 1.85 15.82 -22.78
N MET A 603 1.54 14.78 -22.00
CA MET A 603 2.39 14.30 -20.91
C MET A 603 3.74 13.77 -21.39
N LEU A 604 3.77 13.02 -22.50
CA LEU A 604 5.02 12.47 -23.04
C LEU A 604 5.90 13.52 -23.70
N LYS A 605 5.34 14.41 -24.53
CA LYS A 605 6.07 15.55 -25.10
C LYS A 605 6.66 16.47 -24.04
N THR A 606 6.09 16.51 -22.83
CA THR A 606 6.62 17.26 -21.68
C THR A 606 7.79 16.57 -20.99
N VAL A 607 7.76 15.25 -20.73
CA VAL A 607 8.91 14.55 -20.12
C VAL A 607 10.09 14.42 -21.07
N TYR A 608 9.87 14.25 -22.38
CA TYR A 608 10.95 14.23 -23.37
C TYR A 608 11.71 15.57 -23.42
N SER A 609 11.03 16.68 -23.12
CA SER A 609 11.58 18.04 -22.94
C SER A 609 12.59 18.42 -24.03
N ASP A 610 13.78 18.88 -23.66
CA ASP A 610 14.90 19.22 -24.55
C ASP A 610 16.18 18.45 -24.14
N VAL A 611 16.03 17.19 -23.73
CA VAL A 611 17.11 16.27 -23.30
C VAL A 611 17.96 15.85 -24.51
N GLU A 612 19.28 15.88 -24.39
CA GLU A 612 20.23 15.46 -25.43
C GLU A 612 20.58 13.97 -25.30
N ASN A 613 20.81 13.28 -26.41
CA ASN A 613 21.02 11.80 -26.34
C ASN A 613 20.03 11.23 -25.33
N PRO A 614 18.71 11.37 -25.50
CA PRO A 614 17.74 10.94 -24.49
C PRO A 614 17.36 9.47 -24.49
N HIS A 615 17.16 8.89 -23.31
CA HIS A 615 16.73 7.46 -23.19
C HIS A 615 15.57 7.38 -22.19
N LEU A 616 14.71 6.39 -22.35
CA LEU A 616 13.51 6.25 -21.45
C LEU A 616 13.74 5.11 -20.45
N MET A 617 13.28 5.27 -19.21
CA MET A 617 13.38 4.18 -18.20
C MET A 617 12.26 4.34 -17.16
N GLY A 618 12.13 3.39 -16.23
CA GLY A 618 11.06 3.43 -15.25
C GLY A 618 11.14 2.25 -14.30
N TRP A 619 10.39 2.35 -13.21
CA TRP A 619 10.44 1.45 -12.07
C TRP A 619 9.13 1.52 -11.29
N ASP A 620 8.99 0.63 -10.29
CA ASP A 620 7.79 0.65 -9.41
C ASP A 620 8.20 0.12 -8.04
N TYR A 621 7.85 0.82 -6.96
CA TYR A 621 8.30 0.42 -5.60
C TYR A 621 7.57 -0.84 -5.16
N PRO A 622 8.28 -1.85 -4.61
CA PRO A 622 7.62 -3.05 -4.09
C PRO A 622 7.16 -2.82 -2.66
N LYS A 623 5.91 -3.17 -2.34
CA LYS A 623 5.36 -2.94 -0.99
C LYS A 623 5.68 -1.50 -0.56
N CYS A 624 5.30 -0.51 -1.38
CA CYS A 624 5.64 0.90 -1.08
C CYS A 624 5.12 1.28 0.31
N ASP A 625 3.89 0.90 0.66
CA ASP A 625 3.30 1.28 1.97
C ASP A 625 3.99 0.50 3.09
N ARG A 626 4.27 -0.78 2.88
CA ARG A 626 4.86 -1.62 3.97
C ARG A 626 6.27 -1.11 4.30
N ALA A 627 7.13 -1.01 3.29
CA ALA A 627 8.59 -0.84 3.52
C ALA A 627 8.89 0.58 4.02
N MET A 628 8.19 1.58 3.46
CA MET A 628 8.62 2.99 3.58
C MET A 628 9.11 3.33 5.00
N PRO A 629 10.35 3.83 5.19
CA PRO A 629 10.88 4.27 6.48
C PRO A 629 10.09 5.42 7.13
N ASN A 630 10.07 5.49 8.46
CA ASN A 630 9.45 6.59 9.19
C ASN A 630 10.16 7.93 8.97
N MET A 631 11.47 7.96 8.79
CA MET A 631 12.21 9.19 8.47
C MET A 631 11.80 9.81 7.12
N LEU A 632 11.49 8.99 6.12
CA LEU A 632 11.04 9.47 4.82
C LEU A 632 9.54 9.80 4.79
N ARG A 633 8.70 9.17 5.61
CA ARG A 633 7.29 9.57 5.75
C ARG A 633 7.12 10.83 6.60
N ILE A 634 7.99 11.07 7.58
CA ILE A 634 8.10 12.35 8.32
C ILE A 634 8.56 13.47 7.38
N MET A 635 9.64 13.29 6.62
CA MET A 635 10.14 14.29 5.66
C MET A 635 9.07 14.68 4.65
N ALA A 636 8.28 13.73 4.13
CA ALA A 636 7.21 14.02 3.18
C ALA A 636 6.18 14.97 3.79
N SER A 637 5.78 14.81 5.05
CA SER A 637 4.84 15.71 5.72
C SER A 637 5.43 17.10 6.00
N LEU A 638 6.73 17.19 6.28
CA LEU A 638 7.43 18.46 6.49
C LEU A 638 7.53 19.25 5.17
N VAL A 639 7.76 18.58 4.03
CA VAL A 639 7.84 19.23 2.71
C VAL A 639 6.47 19.80 2.32
N LEU A 640 5.37 19.07 2.55
CA LEU A 640 4.01 19.55 2.28
C LEU A 640 3.62 20.71 3.22
N ALA A 641 4.03 20.67 4.48
CA ALA A 641 3.75 21.70 5.48
C ALA A 641 4.54 23.01 5.29
N ARG A 642 5.52 23.12 4.40
CA ARG A 642 6.31 24.35 4.16
C ARG A 642 5.47 25.52 3.67
N LYS A 643 4.25 25.27 3.19
CA LYS A 643 3.28 26.26 2.70
C LYS A 643 2.61 27.09 3.82
N HIS A 644 2.76 26.68 5.07
CA HIS A 644 2.14 27.30 6.25
C HIS A 644 2.94 28.41 6.95
N THR A 645 3.91 29.05 6.30
CA THR A 645 4.71 30.12 6.94
C THR A 645 3.92 31.38 7.35
N THR A 646 2.86 31.72 6.63
CA THR A 646 2.01 32.91 6.90
C THR A 646 0.93 32.72 7.98
N CYS A 647 0.41 31.51 8.16
CA CYS A 647 -0.72 31.24 9.05
C CYS A 647 -0.47 30.37 10.29
N CYS A 648 0.66 29.67 10.40
CA CYS A 648 0.97 28.82 11.55
C CYS A 648 2.33 29.17 12.17
N SER A 649 2.40 29.20 13.49
CA SER A 649 3.64 29.40 14.23
C SER A 649 4.46 28.11 14.27
N LEU A 650 5.72 28.17 14.69
CA LEU A 650 6.59 26.98 14.83
C LEU A 650 5.94 25.91 15.73
N SER A 651 5.26 26.35 16.80
CA SER A 651 4.56 25.49 17.76
C SER A 651 3.32 24.82 17.15
N HIS A 652 2.52 25.53 16.34
CA HIS A 652 1.34 24.94 15.68
C HIS A 652 1.75 23.90 14.65
N ARG A 653 2.84 24.18 13.92
CA ARG A 653 3.29 23.26 12.84
C ARG A 653 3.83 21.96 13.46
N PHE A 654 4.15 21.99 14.76
CA PHE A 654 4.70 20.79 15.45
C PHE A 654 3.55 19.84 15.79
N TYR A 655 2.50 20.35 16.45
CA TYR A 655 1.41 19.47 16.95
C TYR A 655 0.72 18.80 15.75
N ARG A 656 0.50 19.56 14.67
CA ARG A 656 -0.09 18.98 13.44
C ARG A 656 0.78 17.78 12.99
N LEU A 657 2.10 17.96 12.93
CA LEU A 657 3.03 16.85 12.63
C LEU A 657 2.81 15.72 13.64
N ALA A 658 2.90 16.05 14.93
CA ALA A 658 2.70 15.04 16.01
C ALA A 658 1.38 14.29 15.77
N ASN A 659 0.31 15.04 15.49
CA ASN A 659 -1.01 14.43 15.16
C ASN A 659 -0.83 13.44 14.01
N GLU A 660 -0.31 13.90 12.87
CA GLU A 660 -0.14 13.00 11.72
C GLU A 660 0.65 11.73 12.09
N CYS A 661 1.66 11.82 12.96
CA CYS A 661 2.41 10.66 13.47
C CYS A 661 1.56 9.74 14.37
N ALA A 662 0.70 10.32 15.21
CA ALA A 662 -0.17 9.62 16.16
C ALA A 662 -1.38 8.94 15.51
N GLN A 663 -1.69 9.28 14.25
CA GLN A 663 -2.91 8.88 13.57
C GLN A 663 -2.70 8.06 12.29
N VAL A 664 -1.62 8.25 11.53
CA VAL A 664 -1.39 7.55 10.24
C VAL A 664 0.02 6.98 10.05
N LEU A 665 0.89 7.02 11.07
CA LEU A 665 2.23 6.45 11.03
C LEU A 665 2.41 5.38 12.09
N SER A 666 2.27 5.75 13.36
CA SER A 666 2.21 4.86 14.51
C SER A 666 0.77 4.83 15.02
N GLU A 667 0.15 3.66 15.11
CA GLU A 667 -1.30 3.57 15.28
C GLU A 667 -1.68 2.31 16.05
N MET A 668 -2.82 2.35 16.74
CA MET A 668 -3.52 1.14 17.15
C MET A 668 -4.48 0.77 16.03
N VAL A 669 -4.10 -0.19 15.21
CA VAL A 669 -4.93 -0.77 14.17
C VAL A 669 -5.91 -1.76 14.80
N MET A 670 -7.18 -1.70 14.41
CA MET A 670 -8.18 -2.69 14.77
C MET A 670 -8.41 -3.66 13.62
N CYS A 671 -8.21 -4.94 13.87
CA CYS A 671 -8.30 -6.00 12.87
C CYS A 671 -8.95 -7.22 13.53
N GLY A 672 -9.96 -7.82 12.94
CA GLY A 672 -10.66 -8.97 13.56
C GLY A 672 -11.28 -8.69 14.92
N GLY A 673 -11.63 -7.44 15.24
CA GLY A 673 -12.14 -7.04 16.56
C GLY A 673 -11.08 -6.92 17.68
N SER A 674 -9.80 -6.78 17.34
CA SER A 674 -8.66 -6.74 18.27
C SER A 674 -7.67 -5.65 17.89
N LEU A 675 -6.93 -5.09 18.86
CA LEU A 675 -6.01 -3.95 18.67
C LEU A 675 -4.55 -4.39 18.58
N TYR A 676 -3.84 -3.90 17.57
CA TYR A 676 -2.42 -4.14 17.31
C TYR A 676 -1.67 -2.84 17.07
N VAL A 677 -0.43 -2.72 17.51
CA VAL A 677 0.42 -1.56 17.22
C VAL A 677 1.07 -1.69 15.83
N LYS A 678 0.71 -0.80 14.90
CA LYS A 678 1.36 -0.70 13.59
C LYS A 678 2.81 -0.19 13.76
N PRO A 679 3.82 -0.80 13.12
CA PRO A 679 5.23 -0.44 13.33
C PRO A 679 5.70 0.81 12.59
N GLY A 680 5.17 1.11 11.41
CA GLY A 680 5.53 2.28 10.62
C GLY A 680 4.93 2.27 9.23
N GLY A 681 5.38 3.18 8.37
CA GLY A 681 4.98 3.23 6.96
C GLY A 681 3.60 3.84 6.71
N THR A 682 3.18 3.86 5.45
CA THR A 682 1.93 4.50 5.02
C THR A 682 0.69 3.74 5.54
N SER A 683 -0.43 4.45 5.75
CA SER A 683 -1.78 3.88 5.84
C SER A 683 -2.61 4.41 4.69
N SER A 684 -3.11 3.55 3.81
CA SER A 684 -3.63 3.98 2.49
C SER A 684 -4.93 4.79 2.49
N GLY A 685 -5.62 4.93 3.63
CA GLY A 685 -6.79 5.81 3.79
C GLY A 685 -6.46 7.20 4.32
N ASP A 686 -5.17 7.51 4.47
CA ASP A 686 -4.63 8.81 4.85
C ASP A 686 -4.96 9.86 3.76
N ALA A 687 -5.44 11.04 4.15
CA ALA A 687 -5.93 12.07 3.21
C ALA A 687 -4.90 12.52 2.15
N THR A 688 -3.60 12.40 2.43
CA THR A 688 -2.48 12.77 1.55
C THR A 688 -1.82 11.57 0.84
N THR A 689 -2.40 10.37 0.84
CA THR A 689 -1.75 9.11 0.37
C THR A 689 -0.97 9.24 -0.96
N ALA A 690 -1.62 9.66 -2.05
CA ALA A 690 -0.98 9.75 -3.37
C ALA A 690 0.08 10.87 -3.47
N TYR A 691 -0.08 11.91 -2.66
CA TYR A 691 0.74 13.11 -2.67
C TYR A 691 2.00 12.94 -1.81
N ALA A 692 1.93 12.22 -0.68
CA ALA A 692 3.11 11.84 0.09
C ALA A 692 3.96 10.76 -0.62
N ASN A 693 3.34 9.79 -1.31
CA ASN A 693 4.05 8.84 -2.17
C ASN A 693 4.88 9.55 -3.24
N SER A 694 4.33 10.59 -3.89
CA SER A 694 5.03 11.38 -4.91
C SER A 694 6.24 12.15 -4.38
N VAL A 695 6.19 12.73 -3.17
CA VAL A 695 7.36 13.38 -2.53
C VAL A 695 8.47 12.39 -2.20
N PHE A 696 8.14 11.22 -1.68
CA PHE A 696 9.07 10.11 -1.42
C PHE A 696 9.74 9.59 -2.71
N ASN A 697 9.00 9.51 -3.82
CA ASN A 697 9.50 9.04 -5.10
C ASN A 697 10.50 10.04 -5.74
N ILE A 698 10.28 11.35 -5.60
CA ILE A 698 11.26 12.37 -6.00
C ILE A 698 12.52 12.29 -5.12
N CYS A 699 12.39 12.11 -3.80
CA CYS A 699 13.54 12.02 -2.89
C CYS A 699 14.51 10.89 -3.25
N GLN A 700 14.01 9.68 -3.55
CA GLN A 700 14.88 8.56 -3.94
C GLN A 700 15.56 8.79 -5.29
N ALA A 701 14.91 9.50 -6.23
CA ALA A 701 15.46 9.86 -7.53
C ALA A 701 16.45 11.04 -7.49
N VAL A 702 16.31 11.98 -6.56
CA VAL A 702 17.33 13.00 -6.26
C VAL A 702 18.53 12.36 -5.57
N THR A 703 18.32 11.45 -4.61
CA THR A 703 19.38 10.75 -3.88
C THR A 703 20.29 9.95 -4.79
N ALA A 704 19.73 9.21 -5.76
CA ALA A 704 20.47 8.42 -6.72
C ALA A 704 21.44 9.24 -7.57
N ASN A 705 21.13 10.51 -7.85
CA ASN A 705 21.97 11.42 -8.62
C ASN A 705 23.08 12.09 -7.79
N VAL A 706 22.87 12.33 -6.49
CA VAL A 706 23.94 12.71 -5.55
C VAL A 706 24.97 11.57 -5.44
N ASN A 707 24.51 10.33 -5.25
CA ASN A 707 25.39 9.16 -5.15
C ASN A 707 26.13 8.82 -6.45
N ALA A 708 25.49 8.93 -7.62
CA ALA A 708 26.11 8.69 -8.93
C ALA A 708 27.27 9.65 -9.21
N LEU A 709 27.11 10.94 -8.90
CA LEU A 709 28.13 11.96 -9.11
C LEU A 709 29.24 11.94 -8.06
N LEU A 710 28.95 11.75 -6.76
CA LEU A 710 30.01 11.69 -5.74
C LEU A 710 30.82 10.38 -5.72
N SER A 711 30.34 9.30 -6.33
CA SER A 711 31.08 8.03 -6.48
C SER A 711 31.81 7.87 -7.82
N THR A 712 31.84 8.91 -8.65
CA THR A 712 32.60 8.96 -9.92
C THR A 712 33.99 9.54 -9.69
N ASP A 713 35.03 8.96 -10.29
CA ASP A 713 36.40 9.48 -10.16
C ASP A 713 36.55 10.85 -10.83
N GLY A 714 36.80 11.89 -10.04
CA GLY A 714 36.90 13.27 -10.51
C GLY A 714 38.07 13.53 -11.45
N ASN A 715 39.09 12.69 -11.46
CA ASN A 715 40.21 12.82 -12.40
C ASN A 715 39.82 12.38 -13.83
N LYS A 716 38.77 11.56 -13.98
CA LYS A 716 38.30 11.04 -15.28
C LYS A 716 37.28 11.94 -15.97
N ILE A 717 36.60 12.84 -15.24
CA ILE A 717 35.62 13.77 -15.82
C ILE A 717 36.33 14.75 -16.76
N ALA A 718 35.93 14.80 -18.02
CA ALA A 718 36.53 15.69 -19.03
C ALA A 718 36.01 17.14 -19.00
N ASP A 719 34.72 17.35 -18.74
CA ASP A 719 34.10 18.68 -18.70
C ASP A 719 34.37 19.40 -17.36
N LYS A 720 35.07 20.54 -17.40
CA LYS A 720 35.38 21.32 -16.19
C LYS A 720 34.12 21.80 -15.47
N TYR A 721 33.00 22.00 -16.16
CA TYR A 721 31.76 22.39 -15.49
C TYR A 721 31.29 21.29 -14.52
N VAL A 722 31.41 20.02 -14.89
CA VAL A 722 30.95 18.91 -14.05
C VAL A 722 31.96 18.57 -12.95
N ARG A 723 33.28 18.82 -13.12
CA ARG A 723 34.23 18.68 -12.00
C ARG A 723 33.89 19.69 -10.91
N ASN A 724 33.60 20.94 -11.30
CA ASN A 724 33.23 22.00 -10.35
C ASN A 724 31.88 21.69 -9.70
N LEU A 725 30.91 21.13 -10.42
CA LEU A 725 29.63 20.70 -9.85
C LEU A 725 29.82 19.59 -8.79
N GLN A 726 30.66 18.58 -9.05
CA GLN A 726 30.99 17.52 -8.09
C GLN A 726 31.73 18.06 -6.85
N HIS A 727 32.65 19.00 -7.05
CA HIS A 727 33.41 19.61 -5.97
C HIS A 727 32.52 20.46 -5.05
N ARG A 728 31.65 21.30 -5.61
CA ARG A 728 30.68 22.11 -4.84
C ARG A 728 29.63 21.25 -4.15
N LEU A 729 29.21 20.14 -4.76
CA LEU A 729 28.27 19.20 -4.15
C LEU A 729 28.86 18.55 -2.89
N TYR A 730 30.13 18.15 -2.87
CA TYR A 730 30.74 17.63 -1.64
C TYR A 730 30.78 18.68 -0.52
N GLU A 731 31.09 19.95 -0.81
CA GLU A 731 31.09 21.00 0.22
C GLU A 731 29.70 21.25 0.79
N CYS A 732 28.68 21.41 -0.05
CA CYS A 732 27.32 21.69 0.40
C CYS A 732 26.73 20.54 1.20
N LEU A 733 27.13 19.31 0.89
CA LEU A 733 26.69 18.10 1.56
C LEU A 733 27.41 17.92 2.90
N TYR A 734 28.74 17.81 2.89
CA TYR A 734 29.51 17.36 4.06
C TYR A 734 30.38 18.42 4.73
N ARG A 735 30.54 19.65 4.22
CA ARG A 735 31.30 20.70 4.95
C ARG A 735 30.57 22.00 5.30
N ASN A 736 29.59 22.46 4.54
CA ASN A 736 28.74 23.58 4.94
C ASN A 736 27.59 23.08 5.83
N ARG A 737 27.20 23.86 6.85
CA ARG A 737 26.15 23.47 7.82
C ARG A 737 24.84 24.25 7.67
N ASP A 738 24.76 25.14 6.69
CA ASP A 738 23.56 25.91 6.34
C ASP A 738 23.31 25.83 4.82
N VAL A 739 22.08 26.09 4.38
CA VAL A 739 21.70 25.98 2.97
C VAL A 739 22.29 27.06 2.06
N ASP A 740 22.85 26.65 0.92
CA ASP A 740 23.41 27.53 -0.12
C ASP A 740 22.40 27.62 -1.26
N THR A 741 21.56 28.65 -1.22
CA THR A 741 20.49 28.87 -2.20
C THR A 741 21.01 28.93 -3.65
N ASP A 742 22.19 29.49 -3.90
CA ASP A 742 22.73 29.56 -5.26
C ASP A 742 23.14 28.18 -5.80
N PHE A 743 23.63 27.26 -4.96
CA PHE A 743 23.98 25.93 -5.44
C PHE A 743 22.75 25.04 -5.55
N VAL A 744 21.79 25.12 -4.63
CA VAL A 744 20.56 24.31 -4.72
C VAL A 744 19.82 24.61 -6.03
N ASN A 745 19.84 25.88 -6.49
CA ASN A 745 19.22 26.29 -7.74
C ASN A 745 20.04 25.77 -8.94
N GLU A 746 21.37 25.76 -8.86
CA GLU A 746 22.26 25.24 -9.91
C GLU A 746 22.16 23.72 -10.04
N PHE A 747 22.12 22.95 -8.95
CA PHE A 747 21.95 21.50 -9.03
C PHE A 747 20.54 21.12 -9.51
N TYR A 748 19.51 21.87 -9.13
CA TYR A 748 18.15 21.67 -9.65
C TYR A 748 18.09 21.92 -11.16
N ALA A 749 18.74 22.97 -11.67
CA ALA A 749 18.84 23.28 -13.10
C ALA A 749 19.64 22.25 -13.90
N TYR A 750 20.77 21.75 -13.39
CA TYR A 750 21.52 20.64 -13.97
C TYR A 750 20.66 19.40 -14.08
N LEU A 751 20.07 18.97 -12.98
CA LEU A 751 19.24 17.78 -12.89
C LEU A 751 18.05 17.87 -13.85
N ARG A 752 17.34 19.00 -13.88
CA ARG A 752 16.15 19.17 -14.72
C ARG A 752 16.43 19.16 -16.24
N LYS A 753 17.63 19.52 -16.71
CA LYS A 753 18.03 19.36 -18.12
C LYS A 753 18.42 17.93 -18.47
N HIS A 754 19.28 17.29 -17.68
CA HIS A 754 19.89 15.99 -18.00
C HIS A 754 19.08 14.77 -17.54
N PHE A 755 18.10 14.95 -16.67
CA PHE A 755 17.34 13.88 -16.01
C PHE A 755 15.89 14.33 -15.77
N SER A 756 15.02 14.07 -16.74
CA SER A 756 13.67 14.64 -16.80
C SER A 756 12.63 13.61 -16.35
N MET A 757 11.79 13.91 -15.36
CA MET A 757 10.90 12.95 -14.69
C MET A 757 9.43 13.23 -14.93
N MET A 758 8.59 12.19 -14.86
CA MET A 758 7.14 12.23 -14.78
C MET A 758 6.66 11.26 -13.71
N ILE A 759 5.93 11.74 -12.69
CA ILE A 759 5.73 11.01 -11.43
C ILE A 759 4.25 11.00 -10.99
N LEU A 760 3.76 9.86 -10.53
CA LEU A 760 2.38 9.67 -10.07
C LEU A 760 2.35 8.54 -9.04
N SER A 761 2.31 8.90 -7.76
CA SER A 761 2.49 7.97 -6.64
C SER A 761 3.79 7.15 -6.73
N ASP A 762 3.77 5.83 -6.56
CA ASP A 762 4.95 4.96 -6.62
C ASP A 762 5.33 4.54 -8.05
N ASP A 763 4.81 5.21 -9.09
CA ASP A 763 5.05 4.98 -10.52
C ASP A 763 5.79 6.19 -11.12
N ALA A 764 6.86 5.95 -11.89
CA ALA A 764 7.64 7.00 -12.54
C ALA A 764 8.15 6.60 -13.92
N VAL A 765 8.31 7.60 -14.79
CA VAL A 765 9.02 7.52 -16.07
C VAL A 765 10.10 8.59 -16.07
N VAL A 766 11.28 8.28 -16.59
CA VAL A 766 12.39 9.22 -16.73
C VAL A 766 12.87 9.22 -18.16
N CYS A 767 13.12 10.40 -18.73
CA CYS A 767 13.87 10.58 -19.95
C CYS A 767 15.22 11.22 -19.59
N PHE A 768 16.36 10.64 -19.96
CA PHE A 768 17.67 11.04 -19.45
C PHE A 768 18.75 11.04 -20.53
N ASN A 769 19.79 11.87 -20.33
CA ASN A 769 20.94 11.94 -21.22
C ASN A 769 21.80 10.68 -21.06
N SER A 770 21.77 9.76 -22.02
CA SER A 770 22.48 8.50 -21.96
C SER A 770 24.01 8.65 -21.96
N THR A 771 24.56 9.69 -22.59
CA THR A 771 26.01 9.95 -22.60
C THR A 771 26.53 10.27 -21.21
N TYR A 772 25.77 10.99 -20.39
CA TYR A 772 26.11 11.23 -18.99
C TYR A 772 25.87 10.00 -18.13
N ALA A 773 24.76 9.29 -18.30
CA ALA A 773 24.45 8.11 -17.49
C ALA A 773 25.46 6.97 -17.64
N SER A 774 25.97 6.74 -18.85
CA SER A 774 27.04 5.77 -19.14
C SER A 774 28.43 6.20 -18.66
N GLN A 775 28.65 7.49 -18.39
CA GLN A 775 29.87 8.04 -17.78
C GLN A 775 29.75 8.23 -16.25
N GLY A 776 28.59 7.94 -15.66
CA GLY A 776 28.32 8.09 -14.23
C GLY A 776 27.95 9.50 -13.78
N LEU A 777 27.67 10.46 -14.67
CA LEU A 777 27.38 11.84 -14.30
C LEU A 777 25.92 12.09 -13.89
N VAL A 778 25.03 11.12 -14.08
CA VAL A 778 23.60 11.06 -13.66
C VAL A 778 23.22 9.61 -13.35
N ALA A 779 22.11 9.37 -12.66
CA ALA A 779 21.66 8.03 -12.29
C ALA A 779 21.27 7.12 -13.47
N SER A 780 21.44 5.82 -13.25
CA SER A 780 20.96 4.70 -14.07
C SER A 780 20.36 3.62 -13.15
N ILE A 781 19.76 2.55 -13.67
CA ILE A 781 19.05 1.56 -12.81
C ILE A 781 19.94 0.96 -11.71
N LYS A 782 21.25 0.78 -11.91
CA LYS A 782 22.14 0.30 -10.82
C LYS A 782 22.24 1.25 -9.64
N ASN A 783 22.10 2.56 -9.86
CA ASN A 783 22.12 3.57 -8.81
C ASN A 783 20.82 3.60 -8.01
N PHE A 784 19.69 3.19 -8.58
CA PHE A 784 18.45 2.95 -7.84
C PHE A 784 18.45 1.63 -7.06
N LYS A 785 18.95 0.51 -7.61
CA LYS A 785 19.09 -0.75 -6.87
C LYS A 785 19.85 -0.54 -5.57
N SER A 786 20.95 0.22 -5.63
CA SER A 786 21.82 0.52 -4.50
C SER A 786 21.11 1.35 -3.43
N VAL A 787 20.44 2.44 -3.80
CA VAL A 787 19.72 3.33 -2.87
C VAL A 787 18.56 2.65 -2.19
N LEU A 788 17.74 1.86 -2.90
CA LEU A 788 16.62 1.17 -2.26
C LEU A 788 17.11 0.09 -1.28
N TYR A 789 18.33 -0.44 -1.43
CA TYR A 789 18.90 -1.44 -0.55
C TYR A 789 19.28 -0.87 0.83
N TYR A 790 20.07 0.22 0.89
CA TYR A 790 20.47 0.83 2.16
C TYR A 790 19.49 1.86 2.73
N GLN A 791 18.59 2.45 1.92
CA GLN A 791 17.64 3.48 2.35
C GLN A 791 16.16 3.03 2.35
N ASN A 792 15.82 1.85 1.83
CA ASN A 792 14.44 1.34 1.83
C ASN A 792 14.35 -0.13 2.30
N ASN A 793 15.47 -0.81 2.53
CA ASN A 793 15.54 -2.22 2.92
C ASN A 793 14.81 -3.16 1.95
N VAL A 794 14.88 -2.92 0.63
CA VAL A 794 14.29 -3.81 -0.39
C VAL A 794 15.25 -4.02 -1.54
N PHE A 795 15.34 -5.26 -2.04
CA PHE A 795 16.11 -5.56 -3.24
C PHE A 795 15.24 -5.40 -4.48
N MET A 796 15.59 -4.45 -5.36
CA MET A 796 14.81 -4.17 -6.57
C MET A 796 15.21 -5.10 -7.72
N SER A 797 14.34 -6.06 -8.03
CA SER A 797 14.54 -7.06 -9.08
C SER A 797 14.42 -6.47 -10.49
N GLU A 798 15.32 -6.84 -11.39
CA GLU A 798 15.33 -6.39 -12.79
C GLU A 798 14.08 -6.79 -13.57
N ALA A 799 13.29 -7.72 -13.03
CA ALA A 799 12.01 -8.11 -13.59
C ALA A 799 10.94 -7.01 -13.43
N LYS A 800 11.14 -6.05 -12.52
CA LYS A 800 10.23 -4.93 -12.24
C LYS A 800 10.64 -3.58 -12.88
N CYS A 801 11.88 -3.48 -13.38
CA CYS A 801 12.43 -2.32 -14.07
C CYS A 801 12.32 -2.44 -15.60
N TRP A 802 12.56 -1.35 -16.33
CA TRP A 802 12.72 -1.36 -17.77
C TRP A 802 13.56 -0.17 -18.26
N THR A 803 14.06 -0.24 -19.50
CA THR A 803 14.64 0.89 -20.23
C THR A 803 14.36 0.76 -21.73
N GLU A 804 14.24 1.88 -22.44
CA GLU A 804 13.93 1.94 -23.87
C GLU A 804 14.90 2.88 -24.57
N THR A 805 15.38 2.47 -25.74
CA THR A 805 16.36 3.19 -26.57
C THR A 805 15.67 4.03 -27.66
N ASP A 806 14.57 3.54 -28.22
CA ASP A 806 13.84 4.20 -29.31
C ASP A 806 12.63 4.98 -28.79
N LEU A 807 12.67 6.31 -28.79
CA LEU A 807 11.56 7.15 -28.30
C LEU A 807 10.30 7.06 -29.17
N THR A 808 10.38 6.57 -30.40
CA THR A 808 9.19 6.38 -31.26
C THR A 808 8.28 5.24 -30.77
N LYS A 809 8.71 4.46 -29.78
CA LYS A 809 7.92 3.43 -29.10
C LYS A 809 7.32 3.89 -27.75
N GLY A 810 7.82 4.97 -27.16
CA GLY A 810 7.36 5.49 -25.86
C GLY A 810 7.73 4.61 -24.67
N PRO A 811 7.26 4.92 -23.46
CA PRO A 811 7.54 4.10 -22.28
C PRO A 811 6.92 2.69 -22.38
N HIS A 812 7.58 1.67 -21.85
CA HIS A 812 7.05 0.30 -21.85
C HIS A 812 5.73 0.18 -21.09
N GLU A 813 5.64 0.80 -19.92
CA GLU A 813 4.41 0.84 -19.11
C GLU A 813 4.43 2.01 -18.12
N PHE A 814 3.34 2.78 -18.07
CA PHE A 814 3.03 3.75 -17.02
C PHE A 814 1.56 3.60 -16.65
N CYS A 815 1.17 3.58 -15.37
CA CYS A 815 -0.19 3.36 -14.90
C CYS A 815 -0.89 2.13 -15.51
N SER A 816 -0.14 1.05 -15.73
CA SER A 816 -0.57 -0.21 -16.38
C SER A 816 -1.06 -0.08 -17.83
N GLN A 817 -0.59 0.95 -18.55
CA GLN A 817 -1.03 1.28 -19.92
C GLN A 817 0.19 1.29 -20.81
N HIS A 818 0.15 0.57 -21.92
CA HIS A 818 1.20 0.60 -22.94
C HIS A 818 1.01 1.80 -23.88
N THR A 819 2.01 2.18 -24.66
CA THR A 819 1.96 3.34 -25.57
C THR A 819 2.15 2.92 -27.02
N MET A 820 1.48 3.57 -27.97
CA MET A 820 1.71 3.40 -29.41
C MET A 820 1.71 4.73 -30.15
N LEU A 821 2.65 4.92 -31.07
CA LEU A 821 2.68 6.08 -31.97
C LEU A 821 1.86 5.78 -33.24
N VAL A 822 0.75 6.47 -33.43
CA VAL A 822 -0.18 6.24 -34.55
C VAL A 822 -0.62 7.52 -35.24
N LYS A 823 -0.90 7.44 -36.54
CA LYS A 823 -1.37 8.59 -37.32
C LYS A 823 -2.84 8.87 -36.99
N GLN A 824 -3.17 10.13 -36.78
CA GLN A 824 -4.53 10.55 -36.45
C GLN A 824 -4.80 11.91 -37.08
N GLY A 825 -5.48 11.91 -38.23
CA GLY A 825 -5.65 13.10 -39.03
C GLY A 825 -4.37 13.33 -39.85
N ASP A 826 -3.87 14.55 -39.90
CA ASP A 826 -2.65 14.92 -40.65
C ASP A 826 -1.32 14.70 -39.88
N ASP A 827 -1.34 14.32 -38.59
CA ASP A 827 -0.12 14.17 -37.76
C ASP A 827 -0.16 12.90 -36.87
N TYR A 828 0.97 12.53 -36.27
CA TYR A 828 1.18 11.36 -35.43
C TYR A 828 1.12 11.69 -33.94
N VAL A 829 0.52 10.81 -33.13
CA VAL A 829 0.27 10.99 -31.69
C VAL A 829 0.52 9.71 -30.89
N TYR A 830 0.85 9.83 -29.61
CA TYR A 830 0.95 8.71 -28.70
C TYR A 830 -0.40 8.42 -28.03
N LEU A 831 -0.90 7.17 -28.11
CA LEU A 831 -2.14 6.73 -27.46
C LEU A 831 -1.88 5.61 -26.43
N PRO A 832 -2.61 5.56 -25.29
CA PRO A 832 -2.47 4.50 -24.30
C PRO A 832 -3.27 3.27 -24.70
N TYR A 833 -2.86 2.04 -24.36
CA TYR A 833 -3.67 0.84 -24.57
C TYR A 833 -3.56 -0.13 -23.38
N PRO A 834 -4.66 -0.77 -22.96
CA PRO A 834 -4.69 -1.72 -21.84
C PRO A 834 -4.22 -3.12 -22.22
N ASP A 835 -4.09 -4.00 -21.23
CA ASP A 835 -3.81 -5.43 -21.45
C ASP A 835 -5.14 -6.07 -21.90
N PRO A 836 -5.28 -6.72 -23.07
CA PRO A 836 -6.54 -7.31 -23.51
C PRO A 836 -7.21 -8.24 -22.49
N SER A 837 -6.47 -8.97 -21.66
CA SER A 837 -7.02 -9.86 -20.65
C SER A 837 -7.70 -9.11 -19.50
N ARG A 838 -7.34 -7.85 -19.23
CA ARG A 838 -7.98 -7.01 -18.19
C ARG A 838 -9.36 -6.57 -18.64
N ILE A 839 -9.51 -6.24 -19.92
CA ILE A 839 -10.77 -5.79 -20.52
C ILE A 839 -11.71 -6.98 -20.77
N LEU A 840 -11.22 -8.13 -21.24
CA LEU A 840 -12.06 -9.32 -21.40
C LEU A 840 -12.44 -9.94 -20.05
N GLY A 841 -11.53 -9.97 -19.08
CA GLY A 841 -11.78 -10.49 -17.73
C GLY A 841 -12.87 -9.71 -17.00
N ALA A 842 -12.92 -8.38 -17.14
CA ALA A 842 -13.95 -7.52 -16.53
C ALA A 842 -15.34 -7.71 -17.14
N GLY A 843 -15.42 -8.23 -18.36
CA GLY A 843 -16.67 -8.55 -19.03
C GLY A 843 -17.18 -9.93 -18.58
N CYS A 844 -16.29 -10.91 -18.46
CA CYS A 844 -16.60 -12.29 -18.04
C CYS A 844 -16.87 -12.45 -16.53
N PHE A 845 -16.18 -11.73 -15.65
CA PHE A 845 -16.33 -11.87 -14.20
C PHE A 845 -16.76 -10.55 -13.55
N VAL A 846 -17.73 -10.61 -12.62
CA VAL A 846 -18.31 -9.43 -11.95
C VAL A 846 -18.46 -9.64 -10.44
N ASP A 847 -18.54 -8.55 -9.67
CA ASP A 847 -18.63 -8.55 -8.21
C ASP A 847 -20.05 -8.54 -7.62
N ASP A 848 -21.11 -8.68 -8.44
CA ASP A 848 -22.51 -8.69 -8.02
C ASP A 848 -23.33 -9.58 -8.97
N ILE A 849 -24.40 -10.23 -8.50
CA ILE A 849 -25.20 -11.12 -9.35
C ILE A 849 -26.03 -10.39 -10.39
N VAL A 850 -26.60 -9.22 -10.09
CA VAL A 850 -27.41 -8.47 -11.07
C VAL A 850 -26.59 -7.95 -12.25
N LYS A 851 -25.27 -7.76 -12.10
CA LYS A 851 -24.38 -7.32 -13.19
C LYS A 851 -24.27 -8.36 -14.31
N THR A 852 -24.74 -9.59 -14.08
CA THR A 852 -24.70 -10.68 -15.08
C THR A 852 -25.86 -10.63 -16.08
N ASP A 853 -26.87 -9.76 -15.93
CA ASP A 853 -27.87 -9.53 -16.99
C ASP A 853 -27.48 -8.29 -17.80
N GLY A 854 -27.11 -8.49 -19.06
CA GLY A 854 -26.65 -7.38 -19.89
C GLY A 854 -27.68 -6.31 -20.21
N THR A 855 -28.98 -6.62 -20.24
CA THR A 855 -30.03 -5.65 -20.58
C THR A 855 -30.20 -4.57 -19.50
N LEU A 856 -29.80 -4.85 -18.25
CA LEU A 856 -29.76 -3.85 -17.17
C LEU A 856 -28.49 -2.97 -17.21
N MET A 857 -27.46 -3.40 -17.94
CA MET A 857 -26.06 -2.96 -17.79
C MET A 857 -25.43 -2.47 -19.10
N ILE A 858 -26.20 -2.02 -20.09
CA ILE A 858 -25.65 -1.64 -21.41
C ILE A 858 -24.56 -0.57 -21.30
N GLU A 859 -24.74 0.43 -20.43
CA GLU A 859 -23.78 1.50 -20.14
C GLU A 859 -22.46 1.02 -19.52
N ARG A 860 -22.41 -0.19 -18.96
CA ARG A 860 -21.21 -0.84 -18.40
C ARG A 860 -20.27 -1.26 -19.52
N PHE A 861 -20.83 -1.70 -20.65
CA PHE A 861 -20.08 -2.11 -21.84
C PHE A 861 -19.62 -0.90 -22.65
N VAL A 862 -20.38 0.21 -22.64
CA VAL A 862 -19.98 1.46 -23.30
C VAL A 862 -18.71 2.00 -22.65
N SER A 863 -18.61 1.98 -21.31
CA SER A 863 -17.42 2.43 -20.58
C SER A 863 -16.19 1.55 -20.86
N LEU A 864 -16.33 0.23 -20.95
CA LEU A 864 -15.22 -0.68 -21.28
C LEU A 864 -14.77 -0.53 -22.75
N ALA A 865 -15.67 -0.17 -23.66
CA ALA A 865 -15.35 0.06 -25.06
C ALA A 865 -14.52 1.36 -25.24
N ILE A 866 -14.68 2.35 -24.37
CA ILE A 866 -13.87 3.60 -24.39
C ILE A 866 -12.38 3.27 -24.10
N ASP A 867 -12.09 2.33 -23.20
CA ASP A 867 -10.74 1.89 -22.88
C ASP A 867 -10.17 0.94 -23.94
N ALA A 868 -11.01 0.14 -24.59
CA ALA A 868 -10.63 -0.79 -25.64
C ALA A 868 -10.36 -0.14 -27.01
N TYR A 869 -10.81 1.08 -27.29
CA TYR A 869 -10.69 1.69 -28.62
C TYR A 869 -9.27 1.74 -29.23
N PRO A 870 -8.21 2.18 -28.54
CA PRO A 870 -6.87 2.25 -29.12
C PRO A 870 -6.31 0.90 -29.61
N LEU A 871 -6.84 -0.23 -29.12
CA LEU A 871 -6.40 -1.56 -29.58
C LEU A 871 -6.69 -1.76 -31.07
N THR A 872 -7.66 -1.06 -31.65
CA THR A 872 -8.01 -1.15 -33.09
C THR A 872 -6.88 -0.76 -34.01
N LYS A 873 -5.92 0.02 -33.51
CA LYS A 873 -4.76 0.54 -34.23
C LYS A 873 -3.48 -0.30 -34.02
N HIS A 874 -3.58 -1.40 -33.29
CA HIS A 874 -2.49 -2.32 -32.98
C HIS A 874 -2.19 -3.25 -34.16
N PRO A 875 -0.93 -3.60 -34.47
CA PRO A 875 -0.60 -4.49 -35.59
C PRO A 875 -1.07 -5.94 -35.39
N ASN A 876 -1.36 -6.38 -34.16
CA ASN A 876 -1.86 -7.72 -33.88
C ASN A 876 -3.39 -7.77 -34.06
N GLN A 877 -3.91 -8.50 -35.05
CA GLN A 877 -5.36 -8.57 -35.29
C GLN A 877 -6.12 -9.16 -34.09
N GLU A 878 -5.51 -10.02 -33.27
CA GLU A 878 -6.19 -10.57 -32.09
C GLU A 878 -6.46 -9.50 -31.03
N TYR A 879 -5.73 -8.38 -31.04
CA TYR A 879 -5.94 -7.25 -30.13
C TYR A 879 -6.99 -6.32 -30.73
N ALA A 880 -6.90 -6.02 -32.03
CA ALA A 880 -7.85 -5.15 -32.71
C ALA A 880 -9.29 -5.68 -32.69
N ASP A 881 -9.48 -7.00 -32.70
CA ASP A 881 -10.80 -7.65 -32.63
C ASP A 881 -11.53 -7.48 -31.28
N VAL A 882 -10.83 -7.12 -30.19
CA VAL A 882 -11.44 -6.94 -28.86
C VAL A 882 -12.40 -5.76 -28.82
N PHE A 883 -12.13 -4.66 -29.52
CA PHE A 883 -13.05 -3.52 -29.58
C PHE A 883 -14.33 -3.88 -30.34
N HIS A 884 -14.19 -4.53 -31.50
CA HIS A 884 -15.32 -4.95 -32.34
C HIS A 884 -16.19 -5.98 -31.61
N LEU A 885 -15.63 -6.81 -30.72
CA LEU A 885 -16.41 -7.73 -29.89
C LEU A 885 -17.37 -6.95 -28.99
N TYR A 886 -16.87 -5.90 -28.31
CA TYR A 886 -17.69 -5.06 -27.44
C TYR A 886 -18.78 -4.32 -28.23
N LEU A 887 -18.49 -3.77 -29.41
CA LEU A 887 -19.53 -3.08 -30.21
C LEU A 887 -20.60 -4.06 -30.70
N GLN A 888 -20.23 -5.28 -31.10
CA GLN A 888 -21.21 -6.28 -31.54
C GLN A 888 -22.09 -6.75 -30.36
N TYR A 889 -21.54 -6.81 -29.14
CA TYR A 889 -22.30 -7.17 -27.94
C TYR A 889 -23.27 -6.05 -27.54
N ILE A 890 -22.87 -4.77 -27.58
CA ILE A 890 -23.77 -3.64 -27.24
C ILE A 890 -25.01 -3.64 -28.15
N ARG A 891 -24.86 -3.99 -29.44
CA ARG A 891 -26.00 -4.09 -30.37
C ARG A 891 -26.94 -5.21 -29.94
N LYS A 892 -26.41 -6.41 -29.64
CA LYS A 892 -27.17 -7.58 -29.17
C LYS A 892 -27.99 -7.24 -27.93
N LEU A 893 -27.38 -6.57 -26.95
CA LEU A 893 -28.09 -6.19 -25.73
C LEU A 893 -29.25 -5.22 -26.00
N HIS A 894 -29.15 -4.32 -26.98
CA HIS A 894 -30.24 -3.41 -27.31
C HIS A 894 -31.36 -4.13 -28.07
N ASP A 895 -31.04 -5.11 -28.90
CA ASP A 895 -32.05 -5.93 -29.59
C ASP A 895 -32.85 -6.74 -28.56
N GLU A 896 -32.17 -7.35 -27.58
CA GLU A 896 -32.83 -8.14 -26.52
C GLU A 896 -33.63 -7.23 -25.58
N LEU A 897 -33.08 -6.09 -25.14
CA LEU A 897 -33.81 -5.12 -24.32
C LEU A 897 -35.08 -4.65 -25.00
N THR A 898 -35.02 -4.34 -26.30
CA THR A 898 -36.18 -3.91 -27.09
C THR A 898 -37.22 -5.02 -27.19
N GLY A 899 -36.81 -6.27 -27.40
CA GLY A 899 -37.70 -7.43 -27.44
C GLY A 899 -38.41 -7.65 -26.10
N HIS A 900 -37.67 -7.64 -24.98
CA HIS A 900 -38.27 -7.82 -23.65
C HIS A 900 -39.19 -6.66 -23.27
N MET A 901 -38.84 -5.42 -23.61
CA MET A 901 -39.67 -4.23 -23.34
C MET A 901 -41.01 -4.29 -24.09
N LEU A 902 -41.00 -4.73 -25.37
CA LEU A 902 -42.21 -4.89 -26.17
C LEU A 902 -43.07 -6.07 -25.66
N ASP A 903 -42.47 -7.18 -25.26
CA ASP A 903 -43.21 -8.32 -24.69
C ASP A 903 -43.84 -8.00 -23.32
N MET A 904 -43.19 -7.15 -22.52
CA MET A 904 -43.66 -6.76 -21.18
C MET A 904 -44.78 -5.70 -21.19
N TYR A 905 -44.69 -4.69 -22.06
CA TYR A 905 -45.61 -3.54 -22.06
C TYR A 905 -46.47 -3.39 -23.33
N SER A 906 -46.19 -4.14 -24.39
CA SER A 906 -46.86 -4.02 -25.71
C SER A 906 -46.70 -2.64 -26.38
N VAL A 907 -45.80 -1.80 -25.89
CA VAL A 907 -45.52 -0.44 -26.37
C VAL A 907 -44.01 -0.22 -26.49
N MET A 908 -43.57 0.40 -27.58
CA MET A 908 -42.15 0.61 -27.88
C MET A 908 -41.52 1.73 -27.03
N LEU A 909 -40.22 1.57 -26.73
CA LEU A 909 -39.37 2.60 -26.11
C LEU A 909 -39.16 3.78 -27.08
N THR A 910 -39.21 5.03 -26.60
CA THR A 910 -39.06 6.23 -27.47
C THR A 910 -37.61 6.72 -27.59
N ASN A 911 -36.72 6.31 -26.68
CA ASN A 911 -35.29 6.65 -26.70
C ASN A 911 -34.48 5.77 -27.67
N ASP A 912 -34.61 6.05 -28.96
CA ASP A 912 -33.87 5.37 -30.05
C ASP A 912 -32.41 5.86 -30.23
N ASN A 913 -31.96 6.83 -29.42
CA ASN A 913 -30.61 7.41 -29.48
C ASN A 913 -29.45 6.44 -29.14
N THR A 914 -29.75 5.23 -28.64
CA THR A 914 -28.74 4.20 -28.30
C THR A 914 -27.87 3.80 -29.50
N SER A 915 -28.34 4.03 -30.73
CA SER A 915 -27.67 3.69 -31.99
C SER A 915 -26.23 4.21 -32.15
N ARG A 916 -25.84 5.30 -31.47
CA ARG A 916 -24.48 5.84 -31.55
C ARG A 916 -23.44 5.05 -30.75
N TYR A 917 -23.84 4.21 -29.81
CA TYR A 917 -22.92 3.45 -28.99
C TYR A 917 -22.32 2.21 -29.68
N TRP A 918 -22.83 1.79 -30.84
CA TRP A 918 -22.27 0.66 -31.60
C TRP A 918 -21.56 1.11 -32.89
N GLU A 919 -21.10 2.36 -32.94
CA GLU A 919 -20.37 2.95 -34.07
C GLU A 919 -19.05 3.58 -33.57
N PRO A 920 -17.92 3.45 -34.29
CA PRO A 920 -16.62 3.97 -33.85
C PRO A 920 -16.47 5.48 -33.63
N GLU A 921 -17.29 6.33 -34.27
CA GLU A 921 -17.17 7.80 -34.15
C GLU A 921 -17.36 8.32 -32.72
N PHE A 922 -18.19 7.70 -31.89
CA PHE A 922 -18.38 8.12 -30.50
C PHE A 922 -17.12 7.89 -29.66
N TYR A 923 -16.37 6.83 -29.96
CA TYR A 923 -15.16 6.43 -29.24
C TYR A 923 -13.90 7.11 -29.76
N GLU A 924 -13.79 7.36 -31.07
CA GLU A 924 -12.64 8.05 -31.66
C GLU A 924 -12.49 9.47 -31.10
N ALA A 925 -13.60 10.15 -30.87
CA ALA A 925 -13.65 11.50 -30.33
C ALA A 925 -13.07 11.62 -28.90
N MET A 926 -12.91 10.53 -28.16
CA MET A 926 -12.34 10.53 -26.82
C MET A 926 -10.81 10.71 -26.83
N TYR A 927 -10.16 10.54 -27.98
CA TYR A 927 -8.70 10.59 -28.13
C TYR A 927 -8.19 11.67 -29.09
N THR A 928 -9.06 12.57 -29.57
CA THR A 928 -8.71 13.71 -30.45
C THR A 928 -8.74 15.00 -29.62
N PRO A 929 -7.79 15.92 -29.80
CA PRO A 929 -7.75 17.18 -29.05
C PRO A 929 -8.93 18.13 -29.34
N HIS A 930 -8.98 19.25 -28.61
CA HIS A 930 -10.02 20.30 -28.68
C HIS A 930 -11.41 19.89 -28.15
N THR A 931 -11.43 18.78 -27.40
CA THR A 931 -12.66 18.17 -26.86
C THR A 931 -13.78 18.33 -27.88
N PRO B 11 -56.97 40.78 -8.46
CA PRO B 11 -57.68 41.95 -9.00
C PRO B 11 -57.38 42.14 -10.49
N SER B 12 -56.18 41.78 -10.95
CA SER B 12 -55.78 41.84 -12.36
C SER B 12 -56.57 40.80 -13.17
N TYR B 13 -56.80 39.59 -12.62
CA TYR B 13 -57.62 38.57 -13.26
C TYR B 13 -59.07 39.08 -13.45
N ALA B 14 -59.65 39.70 -12.42
CA ALA B 14 -61.01 40.26 -12.50
C ALA B 14 -61.08 41.36 -13.58
N ALA B 15 -60.06 42.23 -13.66
CA ALA B 15 -60.01 43.27 -14.69
C ALA B 15 -59.94 42.63 -16.10
N PHE B 16 -59.07 41.62 -16.27
CA PHE B 16 -58.92 40.89 -17.53
C PHE B 16 -60.24 40.18 -17.94
N ALA B 17 -60.89 39.47 -17.02
CA ALA B 17 -62.14 38.75 -17.27
C ALA B 17 -63.28 39.72 -17.64
N THR B 18 -63.43 40.82 -16.90
CA THR B 18 -64.47 41.83 -17.21
C THR B 18 -64.17 42.54 -18.53
N ALA B 19 -62.90 42.81 -18.86
CA ALA B 19 -62.53 43.38 -20.15
C ALA B 19 -62.76 42.39 -21.31
N GLN B 20 -62.58 41.08 -21.08
CA GLN B 20 -62.87 40.04 -22.09
C GLN B 20 -64.36 40.08 -22.44
N GLU B 21 -65.24 40.09 -21.44
CA GLU B 21 -66.69 40.17 -21.69
C GLU B 21 -67.09 41.47 -22.42
N ALA B 22 -66.48 42.60 -22.05
CA ALA B 22 -66.70 43.88 -22.72
C ALA B 22 -66.21 43.91 -24.19
N TYR B 23 -65.10 43.25 -24.51
CA TYR B 23 -64.60 43.12 -25.89
C TYR B 23 -65.39 42.07 -26.69
N GLU B 24 -65.73 40.93 -26.08
CA GLU B 24 -66.43 39.83 -26.77
C GLU B 24 -67.83 40.21 -27.26
N GLN B 25 -68.59 41.05 -26.54
CA GLN B 25 -69.86 41.57 -27.07
C GLN B 25 -69.67 42.42 -28.35
N ALA B 26 -68.58 43.21 -28.38
CA ALA B 26 -68.31 44.08 -29.55
C ALA B 26 -67.83 43.21 -30.72
N VAL B 27 -67.13 42.11 -30.42
CA VAL B 27 -66.69 41.17 -31.48
C VAL B 27 -67.94 40.52 -32.09
N ALA B 28 -68.91 40.16 -31.25
CA ALA B 28 -70.14 39.47 -31.74
C ALA B 28 -70.86 40.34 -32.77
N ASN B 29 -71.03 41.63 -32.49
CA ASN B 29 -71.82 42.50 -33.41
C ASN B 29 -70.89 43.29 -34.34
N GLY B 30 -69.57 43.24 -34.10
CA GLY B 30 -68.64 44.03 -34.91
C GLY B 30 -69.11 45.48 -34.96
N ASP B 31 -69.44 46.07 -33.81
CA ASP B 31 -69.99 47.45 -33.77
C ASP B 31 -69.05 48.42 -34.51
N SER B 32 -67.78 48.47 -34.10
CA SER B 32 -66.80 49.39 -34.74
C SER B 32 -65.38 48.89 -34.47
N GLU B 33 -64.55 48.78 -35.51
CA GLU B 33 -63.15 48.34 -35.33
C GLU B 33 -62.44 49.31 -34.38
N VAL B 34 -62.68 50.61 -34.56
CA VAL B 34 -62.04 51.65 -33.69
C VAL B 34 -62.33 51.34 -32.22
N VAL B 35 -63.62 51.21 -31.87
CA VAL B 35 -64.00 50.95 -30.45
C VAL B 35 -63.54 49.54 -30.06
N LEU B 36 -63.47 48.62 -31.03
CA LEU B 36 -62.95 47.26 -30.74
C LEU B 36 -61.51 47.42 -30.23
N LYS B 37 -60.70 48.23 -30.91
CA LYS B 37 -59.30 48.46 -30.49
C LYS B 37 -59.28 49.04 -29.08
N LYS B 38 -60.17 50.01 -28.80
CA LYS B 38 -60.21 50.63 -27.45
C LYS B 38 -60.49 49.54 -26.41
N LEU B 39 -61.54 48.73 -26.64
CA LEU B 39 -61.85 47.61 -25.71
C LEU B 39 -60.69 46.62 -25.75
N LYS B 40 -60.07 46.43 -26.91
CA LYS B 40 -58.97 45.46 -27.05
C LYS B 40 -57.70 45.91 -26.34
N LYS B 41 -57.29 47.18 -26.46
CA LYS B 41 -56.13 47.70 -25.73
C LYS B 41 -56.33 47.63 -24.21
N SER B 42 -57.51 48.01 -23.69
CA SER B 42 -57.81 47.85 -22.26
C SER B 42 -57.76 46.38 -21.80
N LEU B 43 -58.25 45.45 -22.62
CA LEU B 43 -58.19 44.00 -22.38
C LEU B 43 -56.74 43.49 -22.34
N ASN B 44 -55.93 43.77 -23.36
CA ASN B 44 -54.55 43.28 -23.40
C ASN B 44 -53.62 43.97 -22.38
N VAL B 45 -53.90 45.23 -21.98
CA VAL B 45 -53.24 45.86 -20.82
C VAL B 45 -53.60 45.15 -19.51
N ALA B 46 -54.88 44.84 -19.28
CA ALA B 46 -55.28 44.03 -18.12
C ALA B 46 -54.63 42.64 -18.17
N LYS B 47 -54.54 42.00 -19.36
CA LYS B 47 -53.89 40.69 -19.51
C LYS B 47 -52.39 40.76 -19.17
N SER B 48 -51.70 41.83 -19.57
CA SER B 48 -50.29 42.04 -19.20
C SER B 48 -50.09 42.11 -17.68
N GLU B 49 -50.94 42.85 -16.96
CA GLU B 49 -50.87 42.92 -15.50
C GLU B 49 -51.19 41.55 -14.88
N PHE B 50 -52.16 40.82 -15.44
CA PHE B 50 -52.52 39.48 -14.98
C PHE B 50 -51.35 38.51 -15.19
N ASP B 51 -50.65 38.56 -16.34
CA ASP B 51 -49.48 37.70 -16.60
C ASP B 51 -48.36 38.00 -15.59
N ARG B 52 -48.14 39.27 -15.22
CA ARG B 52 -47.15 39.64 -14.20
C ARG B 52 -47.52 39.04 -12.84
N ASP B 53 -48.76 39.22 -12.41
CA ASP B 53 -49.24 38.68 -11.12
C ASP B 53 -49.24 37.14 -11.09
N ALA B 54 -49.71 36.48 -12.16
CA ALA B 54 -49.74 35.02 -12.23
C ALA B 54 -48.31 34.42 -12.23
N ALA B 55 -47.37 35.06 -12.92
CA ALA B 55 -45.97 34.62 -12.92
C ALA B 55 -45.38 34.75 -11.51
N MET B 56 -45.65 35.85 -10.81
CA MET B 56 -45.20 36.04 -9.43
C MET B 56 -45.85 35.05 -8.48
N GLN B 57 -47.14 34.70 -8.68
CA GLN B 57 -47.83 33.71 -7.85
C GLN B 57 -47.11 32.36 -7.99
N ARG B 58 -46.82 31.93 -9.23
CA ARG B 58 -46.08 30.70 -9.54
C ARG B 58 -44.66 30.73 -8.94
N LYS B 59 -43.99 31.89 -8.96
CA LYS B 59 -42.65 32.06 -8.37
C LYS B 59 -42.69 31.87 -6.85
N LEU B 60 -43.64 32.53 -6.19
CA LEU B 60 -43.83 32.44 -4.72
C LEU B 60 -44.25 31.03 -4.31
N GLU B 61 -45.08 30.36 -5.12
CA GLU B 61 -45.52 28.97 -4.87
C GLU B 61 -44.32 28.01 -4.90
N LYS B 62 -43.36 28.21 -5.81
CA LYS B 62 -42.12 27.41 -5.84
C LYS B 62 -41.19 27.72 -4.66
N MET B 63 -41.12 28.98 -4.22
CA MET B 63 -40.31 29.38 -3.05
C MET B 63 -40.86 28.81 -1.74
N ALA B 64 -42.17 28.58 -1.61
CA ALA B 64 -42.77 27.99 -0.40
C ALA B 64 -42.23 26.56 -0.16
N ASP B 65 -42.10 25.75 -1.21
CA ASP B 65 -41.54 24.39 -1.11
C ASP B 65 -40.06 24.46 -0.70
N GLN B 66 -39.30 25.42 -1.25
CA GLN B 66 -37.89 25.60 -0.90
C GLN B 66 -37.75 25.96 0.60
N ALA B 67 -38.63 26.80 1.14
CA ALA B 67 -38.65 27.16 2.56
C ALA B 67 -38.96 25.94 3.44
N MET B 68 -40.03 25.19 3.15
CA MET B 68 -40.40 24.01 3.94
C MET B 68 -39.37 22.88 3.85
N THR B 69 -38.81 22.59 2.67
CA THR B 69 -37.79 21.55 2.51
C THR B 69 -36.49 21.90 3.23
N GLN B 70 -36.08 23.17 3.29
CA GLN B 70 -34.93 23.59 4.10
C GLN B 70 -35.23 23.38 5.59
N MET B 71 -36.45 23.67 6.06
CA MET B 71 -36.85 23.46 7.46
C MET B 71 -36.87 21.97 7.82
N TYR B 72 -37.33 21.09 6.93
CA TYR B 72 -37.28 19.64 7.20
C TYR B 72 -35.82 19.15 7.27
N LYS B 73 -34.90 19.66 6.44
CA LYS B 73 -33.48 19.30 6.53
C LYS B 73 -32.84 19.76 7.84
N GLN B 74 -33.24 20.91 8.38
CA GLN B 74 -32.82 21.39 9.70
C GLN B 74 -33.41 20.50 10.81
N ALA B 75 -34.70 20.16 10.76
CA ALA B 75 -35.38 19.34 11.75
C ALA B 75 -34.84 17.90 11.83
N ARG B 76 -34.52 17.29 10.68
CA ARG B 76 -33.88 15.98 10.59
C ARG B 76 -32.42 15.99 11.05
N SER B 77 -31.69 17.08 10.86
CA SER B 77 -30.30 17.21 11.32
C SER B 77 -30.21 17.36 12.84
N GLU B 78 -31.14 18.06 13.49
CA GLU B 78 -31.19 18.16 14.96
C GLU B 78 -31.62 16.84 15.63
N ASP B 79 -32.54 16.07 15.03
CA ASP B 79 -32.91 14.75 15.54
C ASP B 79 -31.72 13.78 15.52
N LYS B 80 -30.96 13.75 14.42
CA LYS B 80 -29.77 12.90 14.30
C LYS B 80 -28.64 13.31 15.23
N ARG B 81 -28.42 14.62 15.42
CA ARG B 81 -27.47 15.06 16.48
C ARG B 81 -27.91 14.50 17.84
N ALA B 82 -29.16 14.77 18.23
CA ALA B 82 -29.69 14.33 19.53
C ALA B 82 -29.65 12.81 19.74
N LYS B 83 -29.84 11.99 18.70
CA LYS B 83 -29.71 10.53 18.75
C LYS B 83 -28.27 10.06 18.92
N VAL B 84 -27.30 10.60 18.18
CA VAL B 84 -25.89 10.15 18.30
C VAL B 84 -25.23 10.68 19.57
N THR B 85 -25.60 11.86 20.07
CA THR B 85 -25.06 12.38 21.34
C THR B 85 -25.34 11.42 22.51
N SER B 86 -26.56 10.92 22.64
CA SER B 86 -26.90 9.96 23.71
C SER B 86 -26.36 8.55 23.45
N ALA B 87 -26.05 8.18 22.20
CA ALA B 87 -25.37 6.93 21.88
C ALA B 87 -23.88 6.95 22.24
N MET B 88 -23.17 8.05 22.00
CA MET B 88 -21.79 8.24 22.43
C MET B 88 -21.65 8.30 23.95
N GLN B 89 -22.55 8.99 24.65
CA GLN B 89 -22.61 8.95 26.12
C GLN B 89 -22.94 7.56 26.68
N THR B 90 -23.89 6.83 26.07
CA THR B 90 -24.22 5.46 26.51
C THR B 90 -23.02 4.51 26.39
N MET B 91 -22.20 4.62 25.35
CA MET B 91 -20.97 3.85 25.22
C MET B 91 -19.94 4.22 26.28
N LEU B 92 -19.60 5.51 26.45
CA LEU B 92 -18.57 5.96 27.39
C LEU B 92 -18.91 5.59 28.84
N PHE B 93 -20.14 5.82 29.30
CA PHE B 93 -20.54 5.49 30.66
C PHE B 93 -20.75 3.98 30.89
N THR B 94 -20.68 3.16 29.83
CA THR B 94 -20.76 1.68 29.90
C THR B 94 -19.35 1.11 30.06
N MET B 95 -18.38 1.53 29.23
CA MET B 95 -16.98 1.11 29.33
C MET B 95 -16.36 1.42 30.69
N LEU B 96 -16.77 2.54 31.28
CA LEU B 96 -16.37 3.01 32.61
C LEU B 96 -16.74 2.03 33.75
N ARG B 97 -17.76 1.20 33.54
CA ARG B 97 -18.21 0.27 34.59
C ARG B 97 -17.56 -1.10 34.40
N LYS B 98 -16.36 -1.13 33.81
CA LYS B 98 -15.63 -2.40 33.61
C LYS B 98 -14.20 -2.23 34.15
N LEU B 99 -13.67 -1.01 34.11
CA LEU B 99 -12.29 -0.75 34.58
C LEU B 99 -12.11 -1.35 35.98
N ASP B 100 -10.99 -2.04 36.23
CA ASP B 100 -10.72 -2.65 37.55
C ASP B 100 -10.39 -1.51 38.51
N ASN B 101 -11.40 -0.85 39.07
CA ASN B 101 -11.15 0.39 39.87
C ASN B 101 -10.20 0.17 41.06
N ASP B 102 -9.98 -1.06 41.53
CA ASP B 102 -8.97 -1.25 42.62
C ASP B 102 -7.63 -1.62 41.99
N ALA B 103 -7.60 -2.61 41.09
CA ALA B 103 -6.37 -2.93 40.38
C ALA B 103 -5.79 -1.73 39.64
N LEU B 104 -6.63 -0.87 39.05
CA LEU B 104 -6.24 0.31 38.29
C LEU B 104 -5.69 1.44 39.17
N ASN B 105 -6.29 1.72 40.34
CA ASN B 105 -5.79 2.78 41.23
C ASN B 105 -4.37 2.47 41.72
N ASN B 106 -4.01 1.20 41.88
CA ASN B 106 -2.69 0.81 42.36
C ASN B 106 -1.55 0.97 41.33
N ILE B 107 -1.82 0.93 40.01
CA ILE B 107 -0.78 1.29 39.02
C ILE B 107 -0.68 2.81 38.84
N ILE B 108 -1.78 3.55 38.88
CA ILE B 108 -1.79 5.02 38.71
C ILE B 108 -1.22 5.74 39.94
N ASN B 109 -1.43 5.24 41.16
CA ASN B 109 -0.89 5.84 42.38
C ASN B 109 0.63 5.63 42.50
N ASN B 110 1.19 4.54 41.94
CA ASN B 110 2.63 4.26 41.96
C ASN B 110 3.45 5.12 40.97
N ALA B 111 2.81 5.73 39.96
CA ALA B 111 3.48 6.55 38.96
C ALA B 111 4.04 7.87 39.53
N ARG B 112 5.18 8.34 38.99
CA ARG B 112 5.91 9.55 39.44
C ARG B 112 5.04 10.82 39.43
N ASP B 113 4.21 10.98 38.40
CA ASP B 113 3.43 12.17 38.07
C ASP B 113 1.94 11.84 37.77
N GLY B 114 1.51 10.63 38.11
CA GLY B 114 0.14 10.12 37.92
C GLY B 114 -0.22 9.79 36.46
N CYS B 115 0.75 9.59 35.59
CA CYS B 115 0.62 9.33 34.16
C CYS B 115 1.42 8.08 33.75
N VAL B 116 0.87 7.23 32.86
CA VAL B 116 1.44 5.92 32.50
C VAL B 116 1.23 5.58 31.01
N PRO B 117 2.06 4.73 30.37
CA PRO B 117 1.76 4.24 29.02
C PRO B 117 0.42 3.51 28.94
N LEU B 118 -0.31 3.60 27.82
CA LEU B 118 -1.54 2.83 27.66
C LEU B 118 -1.27 1.32 27.61
N ASN B 119 -0.20 0.90 26.95
CA ASN B 119 0.10 -0.52 26.67
C ASN B 119 0.29 -1.38 27.91
N ILE B 120 0.60 -0.80 29.07
CA ILE B 120 0.75 -1.56 30.32
C ILE B 120 -0.56 -1.79 31.07
N ILE B 121 -1.64 -1.09 30.74
CA ILE B 121 -2.91 -1.21 31.45
C ILE B 121 -3.52 -2.60 31.27
N PRO B 122 -3.71 -3.15 30.06
CA PRO B 122 -4.17 -4.53 29.94
C PRO B 122 -3.19 -5.56 30.53
N LEU B 123 -1.88 -5.42 30.34
CA LEU B 123 -0.89 -6.35 30.91
C LEU B 123 -1.00 -6.47 32.44
N THR B 124 -1.16 -5.34 33.15
CA THR B 124 -1.09 -5.28 34.62
C THR B 124 -2.45 -5.31 35.33
N THR B 125 -3.57 -4.99 34.67
CA THR B 125 -4.91 -4.95 35.28
C THR B 125 -5.96 -5.91 34.70
N ALA B 126 -5.85 -6.39 33.46
CA ALA B 126 -6.87 -7.27 32.88
C ALA B 126 -7.01 -8.59 33.66
N ALA B 127 -8.24 -9.02 33.96
CA ALA B 127 -8.51 -10.26 34.69
C ALA B 127 -8.51 -11.52 33.80
N LYS B 128 -8.51 -11.35 32.47
CA LYS B 128 -8.74 -12.39 31.46
C LYS B 128 -7.79 -12.23 30.27
N LEU B 129 -7.35 -13.37 29.72
CA LEU B 129 -6.39 -13.47 28.62
C LEU B 129 -6.99 -14.30 27.49
N MET B 130 -6.83 -13.86 26.25
CA MET B 130 -7.09 -14.65 25.04
C MET B 130 -5.77 -14.99 24.34
N VAL B 131 -5.50 -16.27 24.11
CA VAL B 131 -4.34 -16.73 23.34
C VAL B 131 -4.80 -17.36 22.03
N VAL B 132 -4.33 -16.89 20.87
CA VAL B 132 -4.71 -17.43 19.55
C VAL B 132 -3.54 -18.19 18.96
N ILE B 133 -3.71 -19.49 18.67
CA ILE B 133 -2.62 -20.44 18.43
C ILE B 133 -2.75 -21.06 17.03
N PRO B 134 -1.77 -20.90 16.12
CA PRO B 134 -1.89 -21.34 14.73
C PRO B 134 -1.53 -22.81 14.45
N ASP B 135 -0.77 -23.48 15.33
CA ASP B 135 -0.31 -24.86 15.16
C ASP B 135 0.02 -25.54 16.49
N TYR B 136 0.16 -26.87 16.50
CA TYR B 136 0.43 -27.62 17.73
C TYR B 136 1.82 -27.37 18.33
N ASN B 137 2.84 -27.07 17.52
CA ASN B 137 4.15 -26.70 18.06
C ASN B 137 4.03 -25.43 18.92
N THR B 138 3.25 -24.44 18.48
CA THR B 138 2.99 -23.22 19.26
C THR B 138 2.14 -23.50 20.51
N TYR B 139 1.20 -24.45 20.46
CA TYR B 139 0.44 -24.86 21.64
C TYR B 139 1.36 -25.43 22.71
N LYS B 140 2.19 -26.41 22.34
CA LYS B 140 3.10 -27.10 23.26
C LYS B 140 4.08 -26.16 23.95
N ASN B 141 4.58 -25.15 23.24
CA ASN B 141 5.50 -24.17 23.79
C ASN B 141 4.86 -23.10 24.70
N THR B 142 3.59 -22.73 24.47
CA THR B 142 2.94 -21.60 25.16
C THR B 142 1.90 -21.97 26.21
N CYS B 143 1.09 -23.01 25.99
CA CYS B 143 -0.15 -23.27 26.74
C CYS B 143 -0.27 -24.69 27.33
N ASP B 144 0.78 -25.52 27.24
CA ASP B 144 0.75 -26.91 27.69
C ASP B 144 0.31 -27.06 29.17
N GLY B 145 -0.48 -28.08 29.49
CA GLY B 145 -1.08 -28.27 30.82
C GLY B 145 -2.40 -27.51 31.02
N THR B 146 -2.69 -27.11 32.26
CA THR B 146 -3.94 -26.43 32.66
C THR B 146 -3.73 -25.02 33.26
N THR B 147 -2.54 -24.76 33.82
CA THR B 147 -2.08 -23.43 34.26
C THR B 147 -0.74 -23.10 33.61
N PHE B 148 -0.49 -21.82 33.34
CA PHE B 148 0.74 -21.35 32.69
C PHE B 148 1.08 -19.90 33.07
N THR B 149 2.32 -19.47 32.82
CA THR B 149 2.77 -18.10 33.12
C THR B 149 2.96 -17.26 31.86
N TYR B 150 2.40 -16.05 31.86
CA TYR B 150 2.62 -15.01 30.85
C TYR B 150 2.51 -13.64 31.52
N ALA B 151 3.21 -12.61 31.02
CA ALA B 151 3.21 -11.26 31.58
C ALA B 151 3.54 -11.21 33.08
N SER B 152 4.45 -12.06 33.53
CA SER B 152 4.90 -12.20 34.93
C SER B 152 3.78 -12.52 35.93
N ALA B 153 2.74 -13.22 35.47
CA ALA B 153 1.60 -13.66 36.27
C ALA B 153 1.17 -15.09 35.88
N LEU B 154 0.44 -15.76 36.76
CA LEU B 154 -0.07 -17.11 36.57
C LEU B 154 -1.53 -17.08 36.08
N TRP B 155 -1.85 -17.89 35.07
CA TRP B 155 -3.16 -17.97 34.43
C TRP B 155 -3.70 -19.41 34.49
N GLU B 156 -5.01 -19.59 34.62
CA GLU B 156 -5.68 -20.89 34.54
C GLU B 156 -6.64 -20.96 33.33
N ILE B 157 -6.54 -22.01 32.51
CA ILE B 157 -7.38 -22.18 31.32
C ILE B 157 -8.81 -22.53 31.74
N GLN B 158 -9.79 -21.71 31.35
CA GLN B 158 -11.21 -22.02 31.60
C GLN B 158 -11.93 -22.63 30.39
N GLN B 159 -11.48 -22.37 29.16
CA GLN B 159 -12.11 -22.88 27.93
C GLN B 159 -11.15 -22.85 26.74
N VAL B 160 -11.31 -23.79 25.80
CA VAL B 160 -10.68 -23.75 24.47
C VAL B 160 -11.74 -23.96 23.39
N VAL B 161 -11.67 -23.22 22.29
CA VAL B 161 -12.53 -23.39 21.11
C VAL B 161 -11.70 -23.36 19.84
N ASP B 162 -12.18 -23.99 18.78
CA ASP B 162 -11.53 -23.98 17.48
C ASP B 162 -11.99 -22.82 16.58
N ALA B 163 -11.51 -22.72 15.35
CA ALA B 163 -11.89 -21.65 14.42
C ALA B 163 -13.38 -21.69 14.02
N ASP B 164 -14.07 -22.82 14.18
CA ASP B 164 -15.50 -22.99 13.91
C ASP B 164 -16.35 -22.68 15.16
N SER B 165 -15.70 -22.26 16.26
CA SER B 165 -16.26 -21.98 17.58
C SER B 165 -16.81 -23.20 18.34
N LYS B 166 -16.39 -24.42 17.97
CA LYS B 166 -16.78 -25.64 18.69
C LYS B 166 -15.81 -25.89 19.85
N ILE B 167 -16.32 -26.30 21.00
CA ILE B 167 -15.50 -26.50 22.21
C ILE B 167 -14.56 -27.69 22.02
N VAL B 168 -13.29 -27.51 22.38
CA VAL B 168 -12.22 -28.52 22.31
C VAL B 168 -11.82 -28.88 23.73
N GLN B 169 -11.84 -30.15 24.10
CA GLN B 169 -11.34 -30.57 25.41
C GLN B 169 -9.80 -30.67 25.39
N LEU B 170 -9.13 -30.38 26.50
CA LEU B 170 -7.66 -30.38 26.55
C LEU B 170 -7.03 -31.76 26.25
N SER B 171 -7.81 -32.84 26.37
CA SER B 171 -7.41 -34.21 26.03
C SER B 171 -7.31 -34.47 24.51
N GLU B 172 -8.00 -33.66 23.70
CA GLU B 172 -8.02 -33.77 22.23
C GLU B 172 -6.82 -33.11 21.54
N ILE B 173 -6.08 -32.26 22.25
CA ILE B 173 -4.96 -31.50 21.68
C ILE B 173 -3.67 -32.31 21.90
N SER B 174 -3.29 -33.11 20.90
CA SER B 174 -2.09 -33.96 20.89
C SER B 174 -1.48 -34.02 19.50
N MET B 175 -0.21 -34.41 19.36
CA MET B 175 0.46 -34.47 18.06
C MET B 175 -0.24 -35.43 17.07
N ASP B 176 -0.81 -36.53 17.57
CA ASP B 176 -1.51 -37.53 16.76
C ASP B 176 -2.85 -37.01 16.22
N ASN B 177 -3.67 -36.37 17.07
CA ASN B 177 -4.99 -35.85 16.71
C ASN B 177 -4.98 -34.44 16.09
N SER B 178 -3.87 -33.70 16.16
CA SER B 178 -3.80 -32.32 15.63
C SER B 178 -4.26 -32.13 14.18
N PRO B 179 -4.05 -33.06 13.22
CA PRO B 179 -4.55 -32.91 11.85
C PRO B 179 -6.09 -32.87 11.75
N ASN B 180 -6.82 -33.34 12.78
CA ASN B 180 -8.28 -33.40 12.79
C ASN B 180 -8.97 -32.12 13.31
N LEU B 181 -8.26 -31.27 14.07
CA LEU B 181 -8.77 -30.01 14.65
C LEU B 181 -8.79 -28.85 13.64
N ALA B 182 -9.68 -27.87 13.85
CA ALA B 182 -9.79 -26.69 13.00
C ALA B 182 -8.95 -25.52 13.53
N TRP B 183 -7.65 -25.50 13.27
CA TRP B 183 -6.75 -24.43 13.68
C TRP B 183 -7.08 -23.09 12.98
N PRO B 184 -6.88 -21.93 13.61
CA PRO B 184 -6.31 -21.72 14.95
C PRO B 184 -7.27 -22.05 16.10
N LEU B 185 -6.73 -22.50 17.23
CA LEU B 185 -7.48 -22.61 18.48
C LEU B 185 -7.40 -21.28 19.24
N ILE B 186 -8.45 -20.91 19.97
CA ILE B 186 -8.48 -19.74 20.85
C ILE B 186 -8.64 -20.23 22.29
N VAL B 187 -7.67 -19.92 23.15
CA VAL B 187 -7.64 -20.34 24.55
C VAL B 187 -8.01 -19.16 25.43
N THR B 188 -8.98 -19.34 26.33
CA THR B 188 -9.41 -18.32 27.28
C THR B 188 -8.97 -18.70 28.69
N ALA B 189 -8.23 -17.83 29.36
CA ALA B 189 -7.66 -18.07 30.68
C ALA B 189 -7.95 -16.92 31.63
N LEU B 190 -7.96 -17.22 32.93
CA LEU B 190 -8.23 -16.17 33.97
C LEU B 190 -6.97 -15.97 34.81
N ARG B 191 -6.69 -14.71 35.18
CA ARG B 191 -5.48 -14.42 36.01
C ARG B 191 -5.63 -15.13 37.37
N ALA B 192 -4.64 -15.94 37.74
CA ALA B 192 -4.72 -16.70 39.02
C ALA B 192 -3.39 -16.56 39.77
N SER C 2 -9.92 -24.83 -26.11
CA SER C 2 -10.55 -23.80 -25.25
C SER C 2 -10.92 -24.43 -23.89
N LYS C 3 -10.68 -25.73 -23.73
CA LYS C 3 -10.94 -26.41 -22.43
C LYS C 3 -10.15 -25.70 -21.32
N MET C 4 -8.87 -25.39 -21.59
CA MET C 4 -8.07 -24.57 -20.65
C MET C 4 -8.97 -23.47 -20.06
N SER C 5 -9.66 -22.71 -20.91
CA SER C 5 -10.54 -21.64 -20.44
C SER C 5 -11.87 -22.18 -19.88
N ASP C 6 -12.42 -23.25 -20.46
CA ASP C 6 -13.66 -23.85 -19.97
C ASP C 6 -13.48 -24.41 -18.55
N VAL C 7 -12.31 -25.00 -18.27
CA VAL C 7 -11.95 -25.53 -16.96
C VAL C 7 -11.83 -24.38 -15.96
N LYS C 8 -11.12 -23.29 -16.31
CA LYS C 8 -10.99 -22.15 -15.41
C LYS C 8 -12.34 -21.50 -15.10
N CYS C 9 -13.23 -21.37 -16.08
CA CYS C 9 -14.57 -20.82 -15.86
C CYS C 9 -15.46 -21.76 -15.03
N THR C 10 -15.38 -23.07 -15.23
CA THR C 10 -16.16 -24.05 -14.45
C THR C 10 -15.75 -24.04 -12.99
N SER C 11 -14.47 -23.78 -12.68
CA SER C 11 -13.95 -23.70 -11.32
C SER C 11 -14.57 -22.54 -10.54
N VAL C 12 -14.83 -21.40 -11.19
CA VAL C 12 -15.46 -20.21 -10.60
C VAL C 12 -16.92 -20.49 -10.25
N VAL C 13 -17.65 -21.19 -11.13
CA VAL C 13 -19.05 -21.57 -10.90
C VAL C 13 -19.15 -22.65 -9.82
N LEU C 14 -18.26 -23.64 -9.82
CA LEU C 14 -18.25 -24.71 -8.83
C LEU C 14 -17.98 -24.17 -7.42
N LEU C 15 -17.00 -23.29 -7.21
CA LEU C 15 -16.80 -22.70 -5.88
C LEU C 15 -17.98 -21.80 -5.48
N SER C 16 -18.67 -21.15 -6.42
CA SER C 16 -19.86 -20.33 -6.11
C SER C 16 -21.00 -21.21 -5.59
N VAL C 17 -21.14 -22.44 -6.09
CA VAL C 17 -22.14 -23.41 -5.61
C VAL C 17 -21.76 -23.90 -4.22
N LEU C 18 -20.48 -24.22 -3.96
CA LEU C 18 -20.02 -24.63 -2.63
C LEU C 18 -20.20 -23.51 -1.61
N GLN C 19 -19.93 -22.26 -1.98
CA GLN C 19 -20.13 -21.11 -1.09
C GLN C 19 -21.62 -20.94 -0.74
N GLN C 20 -22.55 -21.13 -1.68
CA GLN C 20 -23.99 -21.04 -1.43
C GLN C 20 -24.54 -22.19 -0.58
N LEU C 21 -23.89 -23.35 -0.56
CA LEU C 21 -24.24 -24.51 0.29
C LEU C 21 -23.69 -24.35 1.73
N ARG C 22 -23.23 -23.15 2.09
CA ARG C 22 -22.68 -22.76 3.39
C ARG C 22 -21.40 -23.51 3.81
N VAL C 23 -20.54 -23.90 2.86
CA VAL C 23 -19.26 -24.57 3.16
C VAL C 23 -18.33 -23.65 3.95
N GLU C 24 -18.48 -22.31 3.86
CA GLU C 24 -17.70 -21.34 4.64
C GLU C 24 -17.85 -21.52 6.16
N SER C 25 -18.95 -22.16 6.59
CA SER C 25 -19.29 -22.48 7.99
C SER C 25 -18.48 -23.68 8.52
N SER C 26 -17.47 -24.12 7.76
CA SER C 26 -16.52 -25.19 8.10
C SER C 26 -15.16 -24.72 7.60
N SER C 27 -14.41 -24.04 8.45
CA SER C 27 -13.08 -23.50 8.13
C SER C 27 -12.07 -24.53 7.64
N LYS C 28 -12.13 -25.75 8.18
CA LYS C 28 -11.27 -26.88 7.81
C LYS C 28 -11.50 -27.37 6.38
N LEU C 29 -12.72 -27.22 5.86
CA LEU C 29 -13.11 -27.64 4.51
C LEU C 29 -13.04 -26.49 3.51
N TRP C 30 -13.45 -25.28 3.87
CA TRP C 30 -13.36 -24.11 3.00
C TRP C 30 -11.92 -23.80 2.59
N ALA C 31 -10.96 -23.93 3.50
CA ALA C 31 -9.55 -23.67 3.21
C ALA C 31 -8.96 -24.62 2.15
N GLN C 32 -9.57 -25.78 1.91
CA GLN C 32 -9.14 -26.74 0.87
C GLN C 32 -9.79 -26.38 -0.46
N CYS C 33 -11.08 -26.03 -0.47
CA CYS C 33 -11.80 -25.62 -1.67
C CYS C 33 -11.19 -24.35 -2.26
N VAL C 34 -10.82 -23.39 -1.41
CA VAL C 34 -10.16 -22.15 -1.81
C VAL C 34 -8.80 -22.45 -2.44
N GLN C 35 -8.02 -23.39 -1.90
CA GLN C 35 -6.72 -23.72 -2.45
C GLN C 35 -6.84 -24.42 -3.80
N LEU C 36 -7.77 -25.36 -3.97
CA LEU C 36 -8.03 -26.02 -5.24
C LEU C 36 -8.54 -25.03 -6.30
N HIS C 37 -9.46 -24.13 -5.95
CA HIS C 37 -9.95 -23.09 -6.84
C HIS C 37 -8.83 -22.17 -7.32
N ASN C 38 -8.06 -21.60 -6.39
CA ASN C 38 -6.97 -20.68 -6.72
C ASN C 38 -5.84 -21.36 -7.51
N ASP C 39 -5.62 -22.67 -7.36
CA ASP C 39 -4.63 -23.42 -8.13
C ASP C 39 -5.09 -23.63 -9.58
N ILE C 40 -6.36 -23.97 -9.80
CA ILE C 40 -6.89 -24.19 -11.15
C ILE C 40 -6.79 -22.90 -11.99
N LEU C 41 -6.97 -21.72 -11.39
CA LEU C 41 -6.86 -20.44 -12.11
C LEU C 41 -5.42 -20.11 -12.52
N LEU C 42 -4.43 -20.47 -11.69
CA LEU C 42 -3.01 -20.24 -11.94
C LEU C 42 -2.32 -21.33 -12.78
N ALA C 43 -2.95 -22.49 -12.98
CA ALA C 43 -2.43 -23.61 -13.76
C ALA C 43 -2.16 -23.27 -15.24
N LYS C 44 -1.22 -24.00 -15.85
CA LYS C 44 -0.82 -23.84 -17.27
C LYS C 44 -0.93 -25.16 -18.06
N ASP C 45 -1.04 -26.30 -17.37
CA ASP C 45 -1.20 -27.64 -17.95
C ASP C 45 -2.64 -28.14 -17.71
N THR C 46 -3.35 -28.58 -18.75
CA THR C 46 -4.73 -29.08 -18.57
C THR C 46 -4.78 -30.35 -17.72
N THR C 47 -3.74 -31.20 -17.72
CA THR C 47 -3.72 -32.42 -16.90
C THR C 47 -3.68 -32.09 -15.40
N GLU C 48 -3.02 -31.00 -14.98
CA GLU C 48 -3.03 -30.56 -13.57
C GLU C 48 -4.42 -30.05 -13.21
N ALA C 49 -4.97 -29.16 -14.05
CA ALA C 49 -6.27 -28.56 -13.84
C ALA C 49 -7.41 -29.59 -13.82
N PHE C 50 -7.43 -30.61 -14.68
CA PHE C 50 -8.48 -31.63 -14.63
C PHE C 50 -8.33 -32.57 -13.43
N GLU C 51 -7.11 -32.83 -12.92
CA GLU C 51 -6.96 -33.57 -11.66
C GLU C 51 -7.45 -32.76 -10.46
N LYS C 52 -7.08 -31.48 -10.35
CA LYS C 52 -7.61 -30.60 -9.29
C LYS C 52 -9.11 -30.37 -9.41
N MET C 53 -9.69 -30.43 -10.62
CA MET C 53 -11.14 -30.33 -10.82
C MET C 53 -11.87 -31.57 -10.28
N VAL C 54 -11.29 -32.77 -10.39
CA VAL C 54 -11.83 -34.01 -9.78
C VAL C 54 -11.82 -33.94 -8.25
N SER C 55 -10.76 -33.44 -7.63
CA SER C 55 -10.76 -33.18 -6.18
C SER C 55 -11.81 -32.14 -5.78
N LEU C 56 -11.93 -31.00 -6.45
CA LEU C 56 -12.89 -29.94 -6.10
C LEU C 56 -14.35 -30.39 -6.30
N LEU C 57 -14.66 -31.10 -7.40
CA LEU C 57 -16.01 -31.62 -7.63
C LEU C 57 -16.38 -32.71 -6.61
N SER C 58 -15.41 -33.48 -6.10
CA SER C 58 -15.69 -34.52 -5.09
C SER C 58 -16.23 -33.96 -3.78
N VAL C 59 -15.98 -32.67 -3.46
CA VAL C 59 -16.53 -32.02 -2.26
C VAL C 59 -18.05 -31.98 -2.39
N LEU C 60 -18.56 -31.42 -3.49
CA LEU C 60 -19.98 -31.29 -3.80
C LEU C 60 -20.69 -32.65 -3.83
N LEU C 61 -20.09 -33.67 -4.43
CA LEU C 61 -20.69 -35.00 -4.49
C LEU C 61 -20.76 -35.70 -3.13
N SER C 62 -19.84 -35.39 -2.20
CA SER C 62 -19.82 -36.00 -0.86
C SER C 62 -20.93 -35.49 0.05
N MET C 63 -21.48 -34.29 -0.20
CA MET C 63 -22.58 -33.68 0.55
C MET C 63 -23.92 -34.30 0.12
N GLN C 64 -24.24 -35.49 0.61
CA GLN C 64 -25.48 -36.21 0.24
C GLN C 64 -26.73 -35.40 0.60
N GLY C 65 -27.65 -35.27 -0.35
CA GLY C 65 -28.90 -34.54 -0.21
C GLY C 65 -28.80 -33.02 -0.33
N ALA C 66 -27.61 -32.44 -0.52
CA ALA C 66 -27.44 -30.99 -0.67
C ALA C 66 -27.94 -30.49 -2.03
N VAL C 67 -27.76 -31.31 -3.07
CA VAL C 67 -28.23 -31.08 -4.46
C VAL C 67 -28.88 -32.36 -4.98
N ASP C 68 -29.99 -32.24 -5.72
CA ASP C 68 -30.67 -33.39 -6.30
C ASP C 68 -29.98 -33.80 -7.61
N ILE C 69 -28.79 -34.41 -7.52
CA ILE C 69 -27.97 -34.76 -8.69
C ILE C 69 -28.68 -35.64 -9.73
N ASN C 70 -29.56 -36.55 -9.32
CA ASN C 70 -30.30 -37.38 -10.26
C ASN C 70 -31.29 -36.54 -11.10
N LYS C 71 -31.75 -35.38 -10.58
CA LYS C 71 -32.62 -34.44 -11.28
C LYS C 71 -31.82 -33.42 -12.08
N LEU C 72 -30.64 -33.00 -11.60
CA LEU C 72 -29.80 -32.04 -12.33
C LEU C 72 -29.16 -32.68 -13.57
N CYS C 73 -28.95 -33.99 -13.58
CA CYS C 73 -28.40 -34.69 -14.75
C CYS C 73 -29.44 -35.08 -15.82
N GLU C 74 -30.74 -34.80 -15.64
CA GLU C 74 -31.79 -35.15 -16.61
C GLU C 74 -32.54 -33.98 -17.26
N SER D 8 -47.78 13.78 -36.70
CA SER D 8 -48.24 15.03 -36.05
C SER D 8 -49.62 14.84 -35.45
N SER D 9 -50.70 15.23 -36.14
CA SER D 9 -52.12 14.97 -35.76
C SER D 9 -52.59 15.51 -34.40
N LEU D 10 -51.90 16.52 -33.84
CA LEU D 10 -52.37 17.27 -32.66
C LEU D 10 -53.61 18.13 -33.01
N PRO D 11 -54.48 18.48 -32.04
CA PRO D 11 -55.67 19.30 -32.28
C PRO D 11 -55.39 20.64 -32.99
N SER D 12 -54.29 21.31 -32.65
CA SER D 12 -53.87 22.59 -33.25
C SER D 12 -53.23 22.45 -34.63
N TYR D 13 -52.84 21.26 -35.08
CA TYR D 13 -52.09 21.08 -36.31
C TYR D 13 -52.89 21.44 -37.57
N ALA D 14 -54.21 21.21 -37.59
CA ALA D 14 -55.07 21.57 -38.72
C ALA D 14 -55.11 23.10 -38.96
N ALA D 15 -55.18 23.90 -37.89
CA ALA D 15 -55.10 25.36 -37.98
C ALA D 15 -53.74 25.83 -38.52
N PHE D 16 -52.65 25.27 -38.00
CA PHE D 16 -51.29 25.58 -38.47
C PHE D 16 -51.09 25.19 -39.96
N ALA D 17 -51.49 23.98 -40.34
CA ALA D 17 -51.36 23.48 -41.71
C ALA D 17 -52.19 24.30 -42.72
N THR D 18 -53.46 24.59 -42.42
CA THR D 18 -54.30 25.40 -43.31
C THR D 18 -53.79 26.84 -43.39
N ALA D 19 -53.26 27.42 -42.30
CA ALA D 19 -52.71 28.77 -42.31
C ALA D 19 -51.44 28.87 -43.18
N GLN D 20 -50.50 27.92 -43.09
CA GLN D 20 -49.30 27.97 -43.93
C GLN D 20 -49.63 27.72 -45.41
N GLU D 21 -50.61 26.87 -45.72
CA GLU D 21 -51.06 26.63 -47.09
C GLU D 21 -51.65 27.92 -47.69
N ALA D 22 -52.50 28.63 -46.93
CA ALA D 22 -53.06 29.92 -47.36
C ALA D 22 -51.98 31.01 -47.54
N TYR D 23 -51.01 31.10 -46.63
CA TYR D 23 -49.90 32.05 -46.74
C TYR D 23 -49.03 31.81 -48.00
N GLU D 24 -48.68 30.56 -48.30
CA GLU D 24 -47.91 30.20 -49.50
C GLU D 24 -48.74 30.46 -50.77
N GLN D 25 -50.03 30.14 -50.75
CA GLN D 25 -50.93 30.39 -51.88
C GLN D 25 -51.04 31.89 -52.18
N ALA D 26 -51.19 32.74 -51.16
CA ALA D 26 -51.30 34.18 -51.36
C ALA D 26 -50.02 34.81 -51.95
N VAL D 27 -48.82 34.43 -51.47
CA VAL D 27 -47.56 34.98 -52.02
C VAL D 27 -47.30 34.46 -53.43
N ALA D 28 -47.69 33.23 -53.73
CA ALA D 28 -47.56 32.66 -55.08
C ALA D 28 -48.53 33.34 -56.08
N ASN D 29 -49.74 33.70 -55.62
CA ASN D 29 -50.76 34.39 -56.42
C ASN D 29 -50.49 35.90 -56.62
N GLY D 30 -49.56 36.48 -55.87
CA GLY D 30 -49.23 37.91 -55.94
C GLY D 30 -50.22 38.84 -55.23
N ASP D 31 -50.92 38.35 -54.19
CA ASP D 31 -51.87 39.17 -53.41
C ASP D 31 -51.18 40.32 -52.64
N SER D 32 -51.97 41.36 -52.28
CA SER D 32 -51.46 42.58 -51.64
C SER D 32 -50.87 42.35 -50.25
N GLU D 33 -49.82 43.11 -49.90
CA GLU D 33 -49.01 42.86 -48.68
C GLU D 33 -49.80 42.90 -47.36
N VAL D 34 -50.85 43.72 -47.26
CA VAL D 34 -51.71 43.75 -46.06
C VAL D 34 -52.44 42.42 -45.82
N VAL D 35 -52.81 41.70 -46.90
CA VAL D 35 -53.40 40.36 -46.82
C VAL D 35 -52.33 39.35 -46.36
N LEU D 36 -51.12 39.44 -46.92
CA LEU D 36 -49.99 38.59 -46.53
C LEU D 36 -49.60 38.79 -45.06
N LYS D 37 -49.64 40.03 -44.55
CA LYS D 37 -49.39 40.34 -43.13
C LYS D 37 -50.44 39.70 -42.22
N LYS D 38 -51.73 39.78 -42.56
CA LYS D 38 -52.81 39.11 -41.82
C LYS D 38 -52.68 37.58 -41.86
N LEU D 39 -52.31 37.00 -43.00
CA LEU D 39 -52.02 35.57 -43.13
C LEU D 39 -50.78 35.17 -42.31
N LYS D 40 -49.67 35.93 -42.38
CA LYS D 40 -48.46 35.69 -41.60
C LYS D 40 -48.74 35.75 -40.09
N LYS D 41 -49.49 36.75 -39.63
CA LYS D 41 -49.86 36.91 -38.22
C LYS D 41 -50.75 35.78 -37.70
N SER D 42 -51.79 35.41 -38.43
CA SER D 42 -52.66 34.27 -38.07
C SER D 42 -51.92 32.92 -38.13
N LEU D 43 -50.99 32.75 -39.08
CA LEU D 43 -50.01 31.65 -39.08
C LEU D 43 -49.13 31.66 -37.82
N ASN D 44 -48.51 32.79 -37.45
CA ASN D 44 -47.63 32.90 -36.29
C ASN D 44 -48.31 32.44 -34.98
N VAL D 45 -49.57 32.85 -34.74
CA VAL D 45 -50.29 32.44 -33.52
C VAL D 45 -50.71 30.97 -33.57
N ALA D 46 -51.18 30.45 -34.70
CA ALA D 46 -51.52 29.03 -34.84
C ALA D 46 -50.28 28.12 -34.65
N LYS D 47 -49.15 28.53 -35.23
CA LYS D 47 -47.85 27.86 -35.10
C LYS D 47 -47.39 27.85 -33.64
N SER D 48 -47.52 28.97 -32.94
CA SER D 48 -47.14 29.10 -31.54
C SER D 48 -47.97 28.18 -30.63
N GLU D 49 -49.28 28.07 -30.88
CA GLU D 49 -50.15 27.14 -30.14
C GLU D 49 -49.82 25.67 -30.44
N PHE D 50 -49.55 25.33 -31.71
CA PHE D 50 -49.08 23.99 -32.07
C PHE D 50 -47.75 23.65 -31.37
N ASP D 51 -46.78 24.56 -31.34
CA ASP D 51 -45.51 24.33 -30.66
C ASP D 51 -45.72 24.14 -29.15
N ARG D 52 -46.67 24.87 -28.53
CA ARG D 52 -46.99 24.73 -27.11
C ARG D 52 -47.61 23.35 -26.84
N ASP D 53 -48.52 22.90 -27.68
CA ASP D 53 -49.10 21.55 -27.58
C ASP D 53 -48.04 20.45 -27.78
N ALA D 54 -47.15 20.61 -28.76
CA ALA D 54 -46.05 19.66 -29.01
C ALA D 54 -45.04 19.62 -27.84
N ALA D 55 -44.77 20.74 -27.18
CA ALA D 55 -43.92 20.77 -25.98
C ALA D 55 -44.54 20.00 -24.81
N MET D 56 -45.85 20.11 -24.60
CA MET D 56 -46.55 19.28 -23.61
C MET D 56 -46.49 17.79 -23.97
N GLN D 57 -46.74 17.42 -25.24
CA GLN D 57 -46.65 16.02 -25.67
C GLN D 57 -45.27 15.42 -25.39
N ARG D 58 -44.18 16.09 -25.82
CA ARG D 58 -42.81 15.61 -25.61
C ARG D 58 -42.42 15.49 -24.14
N LYS D 59 -42.94 16.35 -23.26
CA LYS D 59 -42.72 16.23 -21.81
C LYS D 59 -43.47 15.05 -21.18
N LEU D 60 -44.74 14.84 -21.56
CA LEU D 60 -45.54 13.71 -21.08
C LEU D 60 -45.02 12.35 -21.58
N GLU D 61 -44.56 12.27 -22.84
CA GLU D 61 -43.91 11.06 -23.38
C GLU D 61 -42.61 10.70 -22.66
N LYS D 62 -41.74 11.67 -22.31
CA LYS D 62 -40.58 11.42 -21.44
C LYS D 62 -41.00 10.86 -20.07
N MET D 63 -42.09 11.38 -19.50
CA MET D 63 -42.61 10.90 -18.21
C MET D 63 -43.00 9.42 -18.25
N ALA D 64 -43.57 8.94 -19.35
CA ALA D 64 -43.89 7.53 -19.56
C ALA D 64 -42.66 6.66 -19.85
N ASP D 65 -41.76 7.11 -20.71
CA ASP D 65 -40.58 6.33 -21.13
C ASP D 65 -39.59 6.08 -19.98
N GLN D 66 -39.43 7.04 -19.07
CA GLN D 66 -38.68 6.85 -17.82
C GLN D 66 -39.36 5.85 -16.88
N ALA D 67 -40.69 5.89 -16.74
CA ALA D 67 -41.45 4.98 -15.89
C ALA D 67 -41.35 3.53 -16.39
N MET D 68 -41.54 3.26 -17.68
CA MET D 68 -41.33 1.91 -18.25
C MET D 68 -39.90 1.41 -17.98
N THR D 69 -38.89 2.24 -18.26
CA THR D 69 -37.48 1.87 -18.11
C THR D 69 -37.11 1.54 -16.67
N GLN D 70 -37.51 2.35 -15.69
CA GLN D 70 -37.16 2.11 -14.30
C GLN D 70 -37.97 0.97 -13.67
N MET D 71 -39.22 0.77 -14.10
CA MET D 71 -40.05 -0.35 -13.66
C MET D 71 -39.53 -1.71 -14.18
N TYR D 72 -39.06 -1.77 -15.43
CA TYR D 72 -38.35 -2.92 -15.99
C TYR D 72 -37.10 -3.27 -15.19
N LYS D 73 -36.22 -2.29 -14.92
CA LYS D 73 -35.01 -2.52 -14.10
C LYS D 73 -35.35 -2.99 -12.68
N GLN D 74 -36.41 -2.48 -12.07
CA GLN D 74 -36.85 -2.90 -10.74
C GLN D 74 -37.40 -4.34 -10.73
N ALA D 75 -38.34 -4.67 -11.62
CA ALA D 75 -38.97 -5.99 -11.69
C ALA D 75 -37.99 -7.11 -12.11
N ARG D 76 -36.98 -6.79 -12.91
CA ARG D 76 -35.99 -7.76 -13.40
C ARG D 76 -34.77 -7.93 -12.49
N SER D 77 -34.39 -6.91 -11.72
CA SER D 77 -33.37 -7.06 -10.66
C SER D 77 -33.87 -7.98 -9.53
N GLU D 78 -35.16 -7.93 -9.20
CA GLU D 78 -35.81 -8.87 -8.29
C GLU D 78 -35.71 -10.32 -8.79
N ASP D 79 -36.02 -10.57 -10.07
CA ASP D 79 -35.97 -11.90 -10.69
C ASP D 79 -34.55 -12.52 -10.69
N LYS D 80 -33.52 -11.74 -11.02
CA LYS D 80 -32.11 -12.20 -11.04
C LYS D 80 -31.57 -12.60 -9.67
N ARG D 81 -31.99 -11.89 -8.63
CA ARG D 81 -31.55 -12.10 -7.23
C ARG D 81 -32.33 -13.20 -6.51
N ALA D 82 -33.60 -13.39 -6.88
CA ALA D 82 -34.44 -14.44 -6.27
C ALA D 82 -33.93 -15.83 -6.65
N LYS D 83 -34.07 -16.23 -7.92
CA LYS D 83 -33.67 -17.59 -8.37
C LYS D 83 -32.16 -17.67 -8.63
N VAL D 84 -31.34 -17.59 -7.58
CA VAL D 84 -29.86 -17.61 -7.75
C VAL D 84 -29.36 -19.03 -7.45
N THR D 85 -29.97 -19.72 -6.50
CA THR D 85 -29.52 -21.06 -6.10
C THR D 85 -29.84 -22.06 -7.18
N SER D 86 -30.98 -21.91 -7.85
CA SER D 86 -31.41 -22.84 -8.91
C SER D 86 -30.72 -22.51 -10.23
N ALA D 87 -30.36 -21.24 -10.44
CA ALA D 87 -29.62 -20.85 -11.63
C ALA D 87 -28.16 -21.35 -11.60
N MET D 88 -27.43 -21.20 -10.48
CA MET D 88 -26.04 -21.65 -10.37
C MET D 88 -25.88 -23.17 -10.49
N GLN D 89 -26.76 -23.95 -9.86
CA GLN D 89 -26.70 -25.42 -9.92
C GLN D 89 -27.00 -25.91 -11.34
N THR D 90 -27.94 -25.27 -12.04
CA THR D 90 -28.30 -25.60 -13.43
C THR D 90 -27.18 -25.23 -14.41
N MET D 91 -26.48 -24.12 -14.16
CA MET D 91 -25.36 -23.66 -14.97
C MET D 91 -24.17 -24.61 -14.83
N LEU D 92 -23.80 -25.00 -13.61
CA LEU D 92 -22.68 -25.93 -13.35
C LEU D 92 -22.85 -27.26 -14.09
N PHE D 93 -23.99 -27.93 -13.94
CA PHE D 93 -24.20 -29.24 -14.58
C PHE D 93 -24.37 -29.13 -16.11
N THR D 94 -24.50 -27.93 -16.66
CA THR D 94 -24.52 -27.69 -18.12
C THR D 94 -23.08 -27.58 -18.62
N MET D 95 -22.20 -26.88 -17.89
CA MET D 95 -20.78 -26.72 -18.21
C MET D 95 -19.99 -28.03 -18.06
N LEU D 96 -20.25 -28.86 -17.04
CA LEU D 96 -19.56 -30.14 -16.84
C LEU D 96 -19.77 -31.13 -17.99
N ARG D 97 -20.85 -31.02 -18.78
CA ARG D 97 -21.10 -31.88 -19.96
C ARG D 97 -20.15 -31.54 -21.11
N LYS D 98 -19.91 -30.24 -21.34
CA LYS D 98 -19.05 -29.75 -22.42
C LYS D 98 -17.57 -30.13 -22.25
N LEU D 99 -17.09 -30.24 -21.01
CA LEU D 99 -15.71 -30.64 -20.72
C LEU D 99 -15.45 -32.08 -21.20
N ASP D 100 -16.44 -32.96 -21.04
CA ASP D 100 -16.43 -34.37 -21.44
C ASP D 100 -15.20 -35.18 -20.98
N ASN D 101 -14.65 -34.86 -19.81
CA ASN D 101 -13.50 -35.55 -19.24
C ASN D 101 -13.93 -36.92 -18.70
N ASP D 102 -13.13 -37.97 -18.90
CA ASP D 102 -13.47 -39.32 -18.45
C ASP D 102 -13.58 -39.47 -16.92
N ALA D 103 -12.76 -38.76 -16.14
CA ALA D 103 -12.81 -38.84 -14.69
C ALA D 103 -14.06 -38.13 -14.17
N LEU D 104 -14.38 -36.93 -14.66
CA LEU D 104 -15.59 -36.20 -14.26
C LEU D 104 -16.84 -36.99 -14.66
N ASN D 105 -16.89 -37.57 -15.87
CA ASN D 105 -18.02 -38.39 -16.29
C ASN D 105 -18.17 -39.62 -15.38
N ASN D 106 -17.06 -40.29 -15.04
CA ASN D 106 -17.08 -41.48 -14.21
C ASN D 106 -17.58 -41.21 -12.78
N ILE D 107 -17.13 -40.15 -12.10
CA ILE D 107 -17.61 -39.87 -10.74
C ILE D 107 -19.05 -39.36 -10.74
N ILE D 108 -19.47 -38.55 -11.71
CA ILE D 108 -20.86 -38.06 -11.80
C ILE D 108 -21.81 -39.24 -12.08
N ASN D 109 -21.49 -40.13 -13.03
CA ASN D 109 -22.33 -41.30 -13.30
C ASN D 109 -22.46 -42.20 -12.05
N ASN D 110 -21.37 -42.40 -11.30
CA ASN D 110 -21.40 -43.17 -10.05
C ASN D 110 -22.23 -42.48 -8.96
N ALA D 111 -22.14 -41.15 -8.82
CA ALA D 111 -22.90 -40.43 -7.80
C ALA D 111 -24.41 -40.48 -8.03
N ARG D 112 -24.90 -40.62 -9.28
CA ARG D 112 -26.34 -40.77 -9.57
C ARG D 112 -26.91 -42.05 -8.95
N ASP D 113 -26.16 -43.15 -8.98
CA ASP D 113 -26.51 -44.45 -8.39
C ASP D 113 -26.32 -44.51 -6.86
N GLY D 114 -25.64 -43.52 -6.27
CA GLY D 114 -25.35 -43.42 -4.84
C GLY D 114 -23.94 -43.88 -4.43
N CYS D 115 -23.05 -44.15 -5.38
CA CYS D 115 -21.66 -44.57 -5.11
C CYS D 115 -20.73 -43.38 -4.77
N VAL D 116 -21.13 -42.61 -3.77
CA VAL D 116 -20.51 -41.36 -3.31
C VAL D 116 -19.28 -41.54 -2.41
N PRO D 117 -18.21 -40.72 -2.57
CA PRO D 117 -17.04 -40.77 -1.70
C PRO D 117 -17.28 -40.07 -0.35
N LEU D 118 -16.65 -40.54 0.73
CA LEU D 118 -16.68 -39.89 2.04
C LEU D 118 -15.56 -38.86 2.25
N ASN D 119 -14.42 -39.02 1.56
CA ASN D 119 -13.29 -38.07 1.55
C ASN D 119 -13.35 -37.14 0.33
N ILE D 120 -12.54 -36.08 0.33
CA ILE D 120 -12.08 -35.45 -0.91
C ILE D 120 -11.18 -36.46 -1.65
N ILE D 121 -11.40 -36.69 -2.94
CA ILE D 121 -10.61 -37.63 -3.76
C ILE D 121 -9.15 -37.17 -3.85
N PRO D 122 -8.16 -37.93 -3.34
CA PRO D 122 -6.76 -37.52 -3.28
C PRO D 122 -5.97 -37.82 -4.57
N LEU D 123 -4.95 -37.00 -4.85
CA LEU D 123 -4.18 -37.05 -6.10
C LEU D 123 -2.87 -37.84 -6.02
N THR D 124 -2.23 -37.88 -4.85
CA THR D 124 -0.91 -38.52 -4.63
C THR D 124 -1.01 -40.04 -4.42
N THR D 125 -0.01 -40.80 -4.88
CA THR D 125 0.04 -42.27 -4.74
C THR D 125 0.06 -42.72 -3.27
N ALA D 126 -0.55 -43.89 -3.00
CA ALA D 126 -0.75 -44.47 -1.66
C ALA D 126 -1.57 -43.62 -0.65
N ALA D 127 -2.22 -42.54 -1.07
CA ALA D 127 -3.22 -41.83 -0.25
C ALA D 127 -4.52 -42.63 -0.13
N LYS D 128 -5.33 -42.35 0.91
CA LYS D 128 -6.51 -43.15 1.29
C LYS D 128 -7.84 -42.55 0.83
N LEU D 129 -8.67 -43.39 0.23
CA LEU D 129 -10.03 -43.10 -0.24
C LEU D 129 -11.04 -44.02 0.46
N MET D 130 -12.23 -43.51 0.77
CA MET D 130 -13.36 -44.29 1.27
C MET D 130 -14.60 -44.01 0.42
N VAL D 131 -15.29 -45.04 -0.04
CA VAL D 131 -16.46 -44.93 -0.95
C VAL D 131 -17.61 -45.81 -0.48
N VAL D 132 -18.83 -45.29 -0.52
CA VAL D 132 -20.04 -46.04 -0.18
C VAL D 132 -20.49 -46.90 -1.36
N ILE D 133 -20.84 -48.16 -1.16
CA ILE D 133 -21.35 -49.07 -2.20
C ILE D 133 -22.80 -49.44 -1.87
N PRO D 134 -23.80 -48.96 -2.62
CA PRO D 134 -25.23 -49.17 -2.32
C PRO D 134 -25.74 -50.62 -2.37
N ASP D 135 -25.26 -51.42 -3.32
CA ASP D 135 -25.75 -52.78 -3.58
C ASP D 135 -24.68 -53.61 -4.32
N TYR D 136 -24.81 -54.94 -4.33
CA TYR D 136 -23.92 -55.83 -5.07
C TYR D 136 -23.87 -55.50 -6.58
N ASN D 137 -24.96 -55.02 -7.16
CA ASN D 137 -25.01 -54.58 -8.56
C ASN D 137 -24.09 -53.37 -8.85
N THR D 138 -23.76 -52.55 -7.84
CA THR D 138 -22.68 -51.54 -7.97
C THR D 138 -21.31 -52.20 -7.83
N TYR D 139 -21.11 -53.03 -6.80
CA TYR D 139 -19.85 -53.71 -6.54
C TYR D 139 -19.34 -54.48 -7.77
N LYS D 140 -20.25 -55.23 -8.43
CA LYS D 140 -20.00 -56.02 -9.65
C LYS D 140 -19.35 -55.22 -10.79
N ASN D 141 -19.65 -53.92 -10.89
CA ASN D 141 -19.12 -53.04 -11.94
C ASN D 141 -17.82 -52.32 -11.56
N THR D 142 -17.67 -51.89 -10.29
CA THR D 142 -16.50 -51.09 -9.86
C THR D 142 -15.31 -51.94 -9.40
N CYS D 143 -15.53 -53.16 -8.91
CA CYS D 143 -14.54 -53.96 -8.19
C CYS D 143 -14.16 -55.25 -8.95
N ASP D 144 -12.90 -55.67 -8.83
CA ASP D 144 -12.38 -56.93 -9.38
C ASP D 144 -11.22 -57.46 -8.52
N GLY D 145 -11.43 -58.57 -7.81
CA GLY D 145 -10.43 -59.13 -6.89
C GLY D 145 -10.09 -58.15 -5.76
N THR D 146 -8.80 -57.83 -5.60
CA THR D 146 -8.32 -56.81 -4.66
C THR D 146 -8.47 -55.37 -5.19
N THR D 147 -8.82 -55.18 -6.47
CA THR D 147 -8.82 -53.86 -7.14
C THR D 147 -10.19 -53.18 -7.16
N PHE D 148 -10.17 -51.85 -7.11
CA PHE D 148 -11.32 -50.96 -7.26
C PHE D 148 -11.00 -49.91 -8.34
N THR D 149 -11.95 -49.60 -9.23
CA THR D 149 -11.76 -48.63 -10.32
C THR D 149 -12.70 -47.43 -10.16
N TYR D 150 -12.14 -46.23 -9.99
CA TYR D 150 -12.93 -45.03 -9.68
C TYR D 150 -12.16 -43.77 -10.09
N ALA D 151 -12.86 -42.74 -10.60
CA ALA D 151 -12.25 -41.52 -11.15
C ALA D 151 -11.19 -41.82 -12.24
N SER D 152 -11.42 -42.87 -13.03
CA SER D 152 -10.52 -43.37 -14.08
C SER D 152 -9.08 -43.63 -13.61
N ALA D 153 -8.95 -44.18 -12.41
CA ALA D 153 -7.73 -44.68 -11.81
C ALA D 153 -7.98 -46.02 -11.12
N LEU D 154 -6.91 -46.78 -10.87
CA LEU D 154 -6.96 -48.02 -10.10
C LEU D 154 -6.59 -47.78 -8.63
N TRP D 155 -7.31 -48.43 -7.73
CA TRP D 155 -7.14 -48.36 -6.29
C TRP D 155 -7.04 -49.77 -5.70
N GLU D 156 -6.28 -49.93 -4.62
CA GLU D 156 -6.09 -51.19 -3.90
C GLU D 156 -7.03 -51.23 -2.69
N ILE D 157 -7.95 -52.20 -2.59
CA ILE D 157 -8.88 -52.27 -1.46
C ILE D 157 -8.11 -52.69 -0.20
N GLN D 158 -8.04 -51.81 0.79
CA GLN D 158 -7.41 -52.09 2.08
C GLN D 158 -8.35 -52.89 3.01
N GLN D 159 -9.62 -52.46 3.11
CA GLN D 159 -10.62 -53.09 3.98
C GLN D 159 -12.06 -52.74 3.55
N VAL D 160 -13.02 -53.54 3.98
CA VAL D 160 -14.45 -53.37 3.66
C VAL D 160 -15.30 -53.51 4.93
N VAL D 161 -16.31 -52.66 5.08
CA VAL D 161 -17.03 -52.44 6.35
C VAL D 161 -18.54 -52.42 6.11
N ASP D 162 -19.29 -53.08 6.99
CA ASP D 162 -20.75 -53.23 6.91
C ASP D 162 -21.49 -52.02 7.54
N ALA D 163 -22.83 -51.92 7.46
CA ALA D 163 -23.55 -50.77 8.07
C ALA D 163 -23.44 -50.70 9.61
N ASP D 164 -23.11 -51.81 10.28
CA ASP D 164 -22.94 -51.93 11.74
C ASP D 164 -21.47 -51.74 12.18
N SER D 165 -20.60 -51.25 11.28
CA SER D 165 -19.16 -51.02 11.46
C SER D 165 -18.31 -52.28 11.64
N LYS D 166 -18.86 -53.45 11.26
CA LYS D 166 -18.22 -54.77 11.30
C LYS D 166 -17.40 -55.01 10.02
N ILE D 167 -16.21 -55.61 10.12
CA ILE D 167 -15.38 -55.92 8.94
C ILE D 167 -15.97 -57.06 8.11
N VAL D 168 -15.93 -56.93 6.79
CA VAL D 168 -16.39 -57.92 5.79
C VAL D 168 -15.22 -58.41 4.95
N GLN D 169 -15.02 -59.71 4.79
CA GLN D 169 -13.93 -60.24 3.95
C GLN D 169 -14.31 -60.17 2.46
N LEU D 170 -13.33 -59.95 1.57
CA LEU D 170 -13.56 -59.84 0.12
C LEU D 170 -14.11 -61.13 -0.52
N SER D 171 -13.97 -62.29 0.13
CA SER D 171 -14.51 -63.57 -0.31
C SER D 171 -16.02 -63.72 -0.03
N GLU D 172 -16.59 -62.92 0.89
CA GLU D 172 -18.00 -62.96 1.29
C GLU D 172 -18.92 -62.22 0.30
N ILE D 173 -18.40 -61.26 -0.44
CA ILE D 173 -19.16 -60.44 -1.38
C ILE D 173 -19.41 -61.22 -2.67
N SER D 174 -20.61 -61.78 -2.80
CA SER D 174 -21.09 -62.56 -3.93
C SER D 174 -22.61 -62.39 -4.04
N MET D 175 -23.18 -62.59 -5.24
CA MET D 175 -24.61 -62.41 -5.52
C MET D 175 -25.50 -63.22 -4.56
N ASP D 176 -25.21 -64.50 -4.37
CA ASP D 176 -25.99 -65.41 -3.51
C ASP D 176 -25.94 -65.00 -2.01
N ASN D 177 -24.76 -64.61 -1.51
CA ASN D 177 -24.56 -64.20 -0.12
C ASN D 177 -24.95 -62.73 0.16
N SER D 178 -25.19 -61.92 -0.89
CA SER D 178 -25.52 -60.50 -0.73
C SER D 178 -26.70 -60.18 0.21
N PRO D 179 -27.79 -60.98 0.34
CA PRO D 179 -28.88 -60.66 1.28
C PRO D 179 -28.45 -60.71 2.76
N ASN D 180 -27.33 -61.38 3.09
CA ASN D 180 -26.83 -61.50 4.46
C ASN D 180 -26.00 -60.29 4.94
N LEU D 181 -25.50 -59.44 4.03
CA LEU D 181 -24.75 -58.24 4.38
C LEU D 181 -25.71 -57.07 4.65
N ALA D 182 -25.35 -56.16 5.57
CA ALA D 182 -26.14 -54.98 5.92
C ALA D 182 -25.77 -53.76 5.04
N TRP D 183 -26.30 -53.70 3.82
CA TRP D 183 -26.09 -52.60 2.88
C TRP D 183 -26.62 -51.25 3.42
N PRO D 184 -26.02 -50.09 3.04
CA PRO D 184 -24.91 -49.95 2.11
C PRO D 184 -23.55 -50.27 2.75
N LEU D 185 -22.71 -50.91 1.97
CA LEU D 185 -21.35 -51.35 2.34
C LEU D 185 -20.38 -50.16 2.20
N ILE D 186 -19.25 -50.13 2.89
CA ILE D 186 -18.20 -49.12 2.70
C ILE D 186 -16.89 -49.79 2.30
N VAL D 187 -16.27 -49.33 1.21
CA VAL D 187 -14.97 -49.82 0.72
C VAL D 187 -13.90 -48.75 0.95
N THR D 188 -12.80 -49.12 1.61
CA THR D 188 -11.63 -48.27 1.83
C THR D 188 -10.48 -48.75 0.96
N ALA D 189 -9.84 -47.84 0.21
CA ALA D 189 -8.84 -48.18 -0.79
C ALA D 189 -7.70 -47.16 -0.87
N LEU D 190 -6.57 -47.54 -1.46
CA LEU D 190 -5.36 -46.72 -1.61
C LEU D 190 -4.99 -46.54 -3.09
N ARG D 191 -4.55 -45.35 -3.52
CA ARG D 191 -4.22 -45.09 -4.94
C ARG D 191 -3.04 -45.94 -5.41
N ALA D 192 -3.25 -46.78 -6.42
CA ALA D 192 -2.19 -47.55 -7.08
C ALA D 192 -1.35 -46.67 -8.03
N ASN D 193 -0.10 -47.07 -8.27
CA ASN D 193 0.83 -46.39 -9.20
C ASN D 193 0.38 -46.51 -10.67
#